data_4YCV
#
_entry.id   4YCV
#
_cell.length_a   70.632
_cell.length_b   112.098
_cell.length_c   170.795
_cell.angle_alpha   90.000
_cell.angle_beta   99.300
_cell.angle_gamma   90.000
#
_symmetry.space_group_name_H-M   'P 1 21 1'
#
loop_
_entity.id
_entity.type
_entity.pdbx_description
1 polymer 'Lysine--tRNA ligase'
2 non-polymer cladosporin
3 water water
#
_entity_poly.entity_id   1
_entity_poly.type   'polypeptide(L)'
_entity_poly.pdbx_seq_one_letter_code
;MEVDPRLYFENRSKFIQDQKDKGINPYPHKFERTISIPEFIEKYKDLGNGEHLEDTILNITGRIMRVSASGQKLRFFDLV
GDGEKIQVLANYSFHNHEKGNFAECYDKIRRGDIVGIVGFPGKSKKGELSIFPKETILLSACLHMLPMKYGLKDTEIRYR
QRYLDLLINESSRHTFVTRTKIINFLRNFLNERGFFEVETPMMNLIAGGANARPFITHHNDLDLDLYLRIATELPLKMLI
VGGIDKVYEIGKVFRNEGIDNTHNPEFTSCEFYWAYADYNDLIKWSEDFFSQLVYHLFGTYKISYNKDGPENQPIEIDFT
PPYPKVSIVEEIEKVTNTILEQPFDSNETIEKMINIIKEHKIELPNPPTAAKLLDQLASHFIENKYNDKPFFIVEHPQIM
SPLAKYHRTKPGLTERLEMFICGKEVLNAYTELNDPFKQKECFKLQQKDREKGDTEAAQLDSAFCTSLEYGLPPTGGLGL
GIDRITMFLTNKNSIKDVILFPTMRPANGGHHHHHH
;
_entity_poly.pdbx_strand_id   A,B,C,D
#
# COMPACT_ATOMS: atom_id res chain seq x y z
N VAL A 3 -60.98 11.01 -21.41
CA VAL A 3 -59.64 11.24 -20.90
C VAL A 3 -59.55 10.87 -19.42
N ASP A 4 -60.42 9.96 -19.00
CA ASP A 4 -60.31 9.30 -17.71
C ASP A 4 -60.11 7.82 -17.94
N PRO A 5 -58.94 7.29 -17.55
CA PRO A 5 -58.48 5.98 -18.03
C PRO A 5 -59.46 4.83 -17.75
N ARG A 6 -60.20 4.88 -16.65
CA ARG A 6 -61.23 3.89 -16.39
C ARG A 6 -62.35 3.98 -17.42
N LEU A 7 -62.83 5.20 -17.65
CA LEU A 7 -63.86 5.47 -18.66
C LEU A 7 -63.40 5.11 -20.06
N TYR A 8 -62.13 5.39 -20.34
CA TYR A 8 -61.53 5.04 -21.62
C TYR A 8 -61.54 3.52 -21.82
N PHE A 9 -61.15 2.82 -20.76
CA PHE A 9 -61.17 1.35 -20.75
C PHE A 9 -62.57 0.84 -21.04
N GLU A 10 -63.56 1.36 -20.30
CA GLU A 10 -64.95 0.96 -20.51
C GLU A 10 -65.41 1.18 -21.94
N ASN A 11 -65.13 2.39 -22.45
CA ASN A 11 -65.48 2.74 -23.82
C ASN A 11 -64.89 1.76 -24.83
N ARG A 12 -63.61 1.44 -24.67
CA ARG A 12 -62.97 0.52 -25.62
C ARG A 12 -63.50 -0.91 -25.51
N SER A 13 -63.84 -1.35 -24.30
CA SER A 13 -64.43 -2.67 -24.12
C SER A 13 -65.77 -2.77 -24.87
N LYS A 14 -66.63 -1.77 -24.63
CA LYS A 14 -67.90 -1.69 -25.32
C LYS A 14 -67.69 -1.67 -26.82
N PHE A 15 -66.67 -0.94 -27.26
CA PHE A 15 -66.28 -0.87 -28.67
C PHE A 15 -66.02 -2.27 -29.22
N ILE A 16 -65.18 -3.02 -28.50
CA ILE A 16 -64.85 -4.37 -28.91
C ILE A 16 -66.13 -5.16 -29.13
N GLN A 17 -67.02 -5.20 -28.14
CA GLN A 17 -68.17 -6.08 -28.33
C GLN A 17 -69.12 -5.58 -29.43
N ASP A 18 -69.43 -4.29 -29.51
CA ASP A 18 -70.41 -3.90 -30.52
C ASP A 18 -69.84 -4.07 -31.93
N GLN A 19 -68.51 -4.09 -32.07
CA GLN A 19 -67.97 -4.46 -33.38
C GLN A 19 -67.92 -5.97 -33.59
N LYS A 20 -67.77 -6.74 -32.52
CA LYS A 20 -67.90 -8.19 -32.65
C LYS A 20 -69.34 -8.53 -33.07
N ASP A 21 -70.27 -7.67 -32.68
CA ASP A 21 -71.71 -7.86 -32.94
C ASP A 21 -72.01 -7.60 -34.41
N LYS A 22 -71.21 -6.76 -35.04
CA LYS A 22 -71.41 -6.41 -36.45
C LYS A 22 -70.75 -7.47 -37.33
N GLY A 23 -70.07 -8.42 -36.71
CA GLY A 23 -69.46 -9.52 -37.43
C GLY A 23 -67.95 -9.36 -37.61
N ILE A 24 -67.48 -8.13 -37.51
CA ILE A 24 -66.06 -7.85 -37.60
C ILE A 24 -65.35 -8.36 -36.35
N ASN A 25 -64.27 -9.11 -36.54
CA ASN A 25 -63.51 -9.64 -35.39
C ASN A 25 -62.26 -8.81 -35.10
N PRO A 26 -62.26 -8.09 -33.96
CA PRO A 26 -61.17 -7.24 -33.50
C PRO A 26 -59.91 -8.02 -33.13
N TYR A 27 -60.04 -9.33 -32.97
CA TYR A 27 -58.89 -10.20 -32.71
C TYR A 27 -58.80 -11.35 -33.74
N PRO A 28 -58.42 -11.05 -35.00
CA PRO A 28 -58.37 -12.00 -36.14
C PRO A 28 -57.37 -13.15 -35.90
N HIS A 29 -57.45 -14.35 -36.52
CA HIS A 29 -56.46 -15.35 -36.03
C HIS A 29 -55.07 -15.09 -36.61
N LYS A 30 -55.01 -14.78 -37.89
CA LYS A 30 -53.73 -14.74 -38.56
C LYS A 30 -53.57 -13.61 -39.55
N PHE A 31 -52.39 -13.00 -39.53
CA PHE A 31 -52.01 -12.02 -40.54
C PHE A 31 -50.64 -12.42 -41.08
N GLU A 32 -50.59 -12.79 -42.36
CA GLU A 32 -49.33 -13.20 -42.96
C GLU A 32 -48.41 -12.00 -43.12
N ARG A 33 -47.21 -12.10 -42.56
CA ARG A 33 -46.27 -10.99 -42.59
C ARG A 33 -45.18 -11.17 -43.63
N THR A 34 -45.13 -10.23 -44.57
CA THR A 34 -44.14 -10.27 -45.63
C THR A 34 -42.79 -9.73 -45.16
N ILE A 35 -42.82 -8.74 -44.27
CA ILE A 35 -41.61 -8.04 -43.88
C ILE A 35 -41.70 -7.53 -42.44
N SER A 36 -40.55 -7.26 -41.83
CA SER A 36 -40.51 -6.68 -40.49
C SER A 36 -39.99 -5.26 -40.59
N ILE A 37 -40.40 -4.42 -39.64
CA ILE A 37 -40.06 -3.00 -39.67
C ILE A 37 -38.56 -2.72 -39.82
N PRO A 38 -37.68 -3.44 -39.07
CA PRO A 38 -36.26 -3.23 -39.37
C PRO A 38 -35.85 -3.65 -40.79
N GLU A 39 -36.35 -4.79 -41.26
CA GLU A 39 -36.08 -5.25 -42.62
C GLU A 39 -36.59 -4.21 -43.59
N PHE A 40 -37.82 -3.75 -43.34
CA PHE A 40 -38.45 -2.70 -44.12
C PHE A 40 -37.52 -1.51 -44.26
N ILE A 41 -37.05 -1.01 -43.12
CA ILE A 41 -36.15 0.12 -43.10
C ILE A 41 -34.92 -0.17 -43.95
N GLU A 42 -34.18 -1.23 -43.61
CA GLU A 42 -32.96 -1.56 -44.34
C GLU A 42 -33.14 -1.63 -45.86
N LYS A 43 -34.20 -2.26 -46.32
CA LYS A 43 -34.45 -2.37 -47.76
C LYS A 43 -34.79 -1.02 -48.38
N TYR A 44 -35.76 -0.34 -47.77
CA TYR A 44 -36.32 0.87 -48.35
C TYR A 44 -35.79 2.20 -47.77
N LYS A 45 -34.82 2.16 -46.87
CA LYS A 45 -34.34 3.39 -46.22
C LYS A 45 -33.75 4.38 -47.20
N ASP A 46 -33.10 3.87 -48.24
CA ASP A 46 -32.61 4.78 -49.27
C ASP A 46 -33.55 4.75 -50.45
N LEU A 47 -34.33 5.83 -50.55
CA LEU A 47 -35.26 6.08 -51.64
C LEU A 47 -35.25 7.59 -51.83
N GLY A 48 -35.79 8.07 -52.93
CA GLY A 48 -35.90 9.51 -53.12
C GLY A 48 -36.99 10.08 -52.25
N ASN A 49 -36.93 11.38 -51.98
CA ASN A 49 -37.97 12.04 -51.19
C ASN A 49 -39.25 12.20 -52.00
N GLY A 50 -40.36 11.72 -51.47
CA GLY A 50 -41.63 11.77 -52.18
C GLY A 50 -41.77 10.67 -53.22
N GLU A 51 -40.84 9.74 -53.22
CA GLU A 51 -40.85 8.63 -54.15
C GLU A 51 -41.84 7.57 -53.70
N HIS A 52 -42.87 7.23 -54.47
CA HIS A 52 -43.40 5.96 -54.03
C HIS A 52 -43.13 4.92 -55.07
N LEU A 53 -43.08 3.72 -54.50
CA LEU A 53 -43.09 2.46 -55.18
C LEU A 53 -44.46 1.88 -54.82
N GLU A 54 -45.42 1.91 -55.75
CA GLU A 54 -46.78 1.49 -55.43
C GLU A 54 -47.15 0.08 -55.87
N ASP A 55 -46.33 -0.52 -56.72
CA ASP A 55 -46.64 -1.85 -57.24
C ASP A 55 -45.93 -3.07 -56.60
N THR A 56 -45.10 -2.86 -55.58
CA THR A 56 -44.80 -3.98 -54.68
C THR A 56 -45.63 -3.75 -53.45
N ILE A 57 -46.50 -4.72 -53.20
CA ILE A 57 -47.40 -4.67 -52.07
C ILE A 57 -46.83 -5.51 -50.94
N LEU A 58 -46.74 -4.91 -49.76
CA LEU A 58 -46.25 -5.56 -48.56
C LEU A 58 -47.33 -5.67 -47.51
N ASN A 59 -47.24 -6.68 -46.66
CA ASN A 59 -48.06 -6.75 -45.47
C ASN A 59 -47.18 -6.63 -44.22
N ILE A 60 -47.26 -5.48 -43.54
CA ILE A 60 -46.40 -5.21 -42.38
C ILE A 60 -47.25 -5.01 -41.13
N THR A 61 -46.70 -5.32 -39.96
CA THR A 61 -47.47 -5.15 -38.73
C THR A 61 -46.71 -4.37 -37.68
N GLY A 62 -47.43 -3.93 -36.65
CA GLY A 62 -46.76 -3.30 -35.53
C GLY A 62 -47.76 -2.72 -34.56
N ARG A 63 -47.28 -1.89 -33.63
CA ARG A 63 -48.18 -1.22 -32.71
C ARG A 63 -48.20 0.27 -33.02
N ILE A 64 -49.39 0.88 -32.96
CA ILE A 64 -49.49 2.31 -33.22
C ILE A 64 -49.13 3.09 -31.95
N MET A 65 -48.02 3.82 -32.00
CA MET A 65 -47.59 4.62 -30.85
C MET A 65 -47.82 6.12 -30.93
N ARG A 66 -48.27 6.60 -32.08
CA ARG A 66 -48.63 8.00 -32.23
C ARG A 66 -49.73 8.08 -33.26
N VAL A 67 -50.70 8.95 -33.03
CA VAL A 67 -51.84 9.06 -33.92
C VAL A 67 -52.22 10.52 -34.11
N SER A 68 -52.40 10.91 -35.36
CA SER A 68 -52.70 12.30 -35.69
C SER A 68 -53.76 12.42 -36.79
N ALA A 69 -54.72 13.31 -36.58
CA ALA A 69 -55.71 13.63 -37.60
C ALA A 69 -55.48 15.05 -38.09
N GLN A 72 -59.35 14.80 -42.88
CA GLN A 72 -60.44 14.25 -43.70
C GLN A 72 -59.90 13.27 -44.75
N LYS A 73 -58.89 13.71 -45.50
CA LYS A 73 -58.31 12.87 -46.56
C LYS A 73 -57.00 12.16 -46.24
N LEU A 74 -56.42 12.41 -45.06
CA LEU A 74 -55.11 11.83 -44.75
C LEU A 74 -54.95 11.48 -43.28
N ARG A 75 -54.24 10.40 -43.00
CA ARG A 75 -53.92 10.08 -41.60
C ARG A 75 -52.50 9.59 -41.38
N PHE A 76 -51.87 10.12 -40.34
CA PHE A 76 -50.50 9.79 -40.02
C PHE A 76 -50.42 9.06 -38.69
N PHE A 77 -49.81 7.89 -38.68
CA PHE A 77 -49.59 7.15 -37.45
C PHE A 77 -48.09 6.92 -37.30
N ASP A 78 -47.65 6.59 -36.10
CA ASP A 78 -46.27 6.10 -35.96
C ASP A 78 -46.31 4.63 -35.59
N LEU A 79 -45.93 3.78 -36.55
CA LEU A 79 -45.93 2.34 -36.32
C LEU A 79 -44.57 1.91 -35.79
N VAL A 80 -44.58 1.22 -34.65
CA VAL A 80 -43.33 0.71 -34.10
C VAL A 80 -43.34 -0.82 -34.01
N GLY A 81 -42.14 -1.39 -34.07
CA GLY A 81 -41.93 -2.80 -33.83
C GLY A 81 -40.45 -3.08 -33.73
N ASP A 82 -40.09 -4.13 -32.99
CA ASP A 82 -38.70 -4.54 -32.83
C ASP A 82 -37.79 -3.39 -32.38
N GLY A 83 -38.33 -2.49 -31.57
CA GLY A 83 -37.57 -1.37 -31.04
C GLY A 83 -37.19 -0.31 -32.07
N GLU A 84 -37.86 -0.35 -33.21
CA GLU A 84 -37.62 0.64 -34.27
C GLU A 84 -38.96 1.09 -34.86
N LYS A 85 -38.93 2.19 -35.62
CA LYS A 85 -40.17 2.86 -36.00
C LYS A 85 -40.22 3.35 -37.45
N ILE A 86 -41.37 3.15 -38.09
CA ILE A 86 -41.65 3.76 -39.37
C ILE A 86 -42.94 4.55 -39.28
N GLN A 87 -43.11 5.55 -40.14
CA GLN A 87 -44.36 6.31 -40.20
C GLN A 87 -45.40 5.54 -41.01
N VAL A 88 -46.67 5.79 -40.72
CA VAL A 88 -47.77 5.25 -41.52
C VAL A 88 -48.53 6.40 -42.16
N LEU A 89 -48.46 6.49 -43.48
CA LEU A 89 -49.18 7.52 -44.23
C LEU A 89 -50.35 6.91 -44.96
N ALA A 90 -51.56 7.25 -44.51
CA ALA A 90 -52.78 6.75 -45.14
C ALA A 90 -53.42 7.83 -46.01
N ASN A 91 -53.50 7.52 -47.30
CA ASN A 91 -54.08 8.41 -48.30
C ASN A 91 -55.43 7.88 -48.77
N TYR A 92 -56.38 8.78 -49.01
CA TYR A 92 -57.72 8.37 -49.40
C TYR A 92 -57.72 7.64 -50.74
N SER A 93 -56.89 8.10 -51.66
CA SER A 93 -56.85 7.58 -53.02
C SER A 93 -56.42 6.12 -53.07
N PHE A 94 -55.44 5.77 -52.23
CA PHE A 94 -54.83 4.45 -52.25
C PHE A 94 -55.65 3.42 -51.50
N HIS A 95 -56.53 3.89 -50.62
CA HIS A 95 -57.35 3.00 -49.79
C HIS A 95 -58.24 2.10 -50.63
N ASN A 96 -58.34 0.84 -50.25
CA ASN A 96 -59.29 -0.05 -50.89
C ASN A 96 -60.60 0.08 -50.13
N HIS A 97 -61.60 0.66 -50.79
CA HIS A 97 -62.83 1.05 -50.11
C HIS A 97 -63.76 -0.13 -49.86
N GLU A 98 -63.60 -1.18 -50.67
CA GLU A 98 -64.49 -2.33 -50.57
C GLU A 98 -64.29 -3.10 -49.27
N LYS A 99 -63.09 -2.96 -48.69
CA LYS A 99 -62.78 -3.61 -47.42
C LYS A 99 -63.59 -2.99 -46.29
N GLY A 100 -63.78 -1.68 -46.40
CA GLY A 100 -64.48 -0.89 -45.40
C GLY A 100 -64.34 0.58 -45.78
N ASN A 101 -65.15 1.46 -45.18
CA ASN A 101 -65.05 2.90 -45.45
C ASN A 101 -63.80 3.43 -44.73
N PHE A 102 -63.17 4.42 -45.37
CA PHE A 102 -61.90 4.99 -44.91
C PHE A 102 -62.01 5.60 -43.52
N ALA A 103 -62.95 6.53 -43.38
CA ALA A 103 -63.16 7.25 -42.14
C ALA A 103 -63.41 6.29 -40.99
N GLU A 104 -64.40 5.42 -41.15
CA GLU A 104 -64.77 4.48 -40.09
C GLU A 104 -63.62 3.55 -39.71
N CYS A 105 -62.88 3.08 -40.71
CA CYS A 105 -61.80 2.12 -40.46
C CYS A 105 -60.60 2.73 -39.77
N TYR A 106 -60.27 3.98 -40.12
CA TYR A 106 -59.12 4.62 -39.52
C TYR A 106 -59.47 5.45 -38.28
N ASP A 107 -60.76 5.60 -38.01
CA ASP A 107 -61.22 6.24 -36.78
C ASP A 107 -61.21 5.24 -35.62
N LYS A 108 -61.25 3.96 -35.97
CA LYS A 108 -61.27 2.90 -34.96
C LYS A 108 -59.92 2.74 -34.29
N ILE A 109 -58.87 3.17 -34.99
CA ILE A 109 -57.51 3.03 -34.50
C ILE A 109 -57.20 4.06 -33.41
N ARG A 110 -56.74 3.55 -32.26
CA ARG A 110 -56.29 4.39 -31.16
C ARG A 110 -54.86 4.00 -30.82
N ARG A 111 -54.17 4.85 -30.08
CA ARG A 111 -52.77 4.61 -29.72
C ARG A 111 -52.58 3.32 -28.95
N GLY A 112 -51.60 2.51 -29.37
CA GLY A 112 -51.32 1.25 -28.72
C GLY A 112 -51.98 0.07 -29.41
N ASP A 113 -52.78 0.36 -30.43
CA ASP A 113 -53.42 -0.69 -31.20
C ASP A 113 -52.40 -1.41 -32.08
N ILE A 114 -52.45 -2.73 -32.04
CA ILE A 114 -51.60 -3.57 -32.88
C ILE A 114 -52.30 -3.89 -34.18
N VAL A 115 -51.73 -3.40 -35.27
CA VAL A 115 -52.37 -3.49 -36.57
C VAL A 115 -51.52 -4.19 -37.62
N GLY A 116 -52.21 -4.88 -38.52
CA GLY A 116 -51.66 -5.34 -39.77
C GLY A 116 -51.97 -4.31 -40.83
N ILE A 117 -51.11 -4.22 -41.85
CA ILE A 117 -51.19 -3.17 -42.86
C ILE A 117 -50.84 -3.74 -44.24
N VAL A 118 -51.74 -3.53 -45.19
CA VAL A 118 -51.47 -3.92 -46.57
C VAL A 118 -51.21 -2.69 -47.41
N GLY A 119 -49.96 -2.52 -47.85
CA GLY A 119 -49.65 -1.34 -48.63
C GLY A 119 -48.22 -1.30 -49.16
N PHE A 120 -47.87 -0.16 -49.72
CA PHE A 120 -46.62 -0.04 -50.42
C PHE A 120 -45.70 0.94 -49.73
N PRO A 121 -44.39 0.64 -49.72
CA PRO A 121 -43.39 1.50 -49.11
C PRO A 121 -43.09 2.70 -50.01
N GLY A 122 -42.65 3.78 -49.38
CA GLY A 122 -42.18 4.95 -50.09
C GLY A 122 -41.77 5.94 -49.04
N LYS A 123 -41.16 7.05 -49.42
CA LYS A 123 -40.94 8.04 -48.39
C LYS A 123 -41.99 9.14 -48.46
N SER A 124 -41.97 9.99 -47.45
CA SER A 124 -43.07 10.92 -47.23
C SER A 124 -42.99 12.07 -48.22
N LYS A 125 -43.82 13.06 -48.00
CA LYS A 125 -43.87 14.21 -48.88
C LYS A 125 -42.48 14.89 -48.94
N LYS A 126 -41.90 15.18 -47.78
CA LYS A 126 -40.47 15.54 -47.69
C LYS A 126 -39.66 14.28 -47.28
N GLY A 127 -40.28 13.12 -47.40
CA GLY A 127 -39.49 11.91 -47.44
C GLY A 127 -38.89 11.40 -46.16
N GLU A 128 -39.76 11.27 -45.16
CA GLU A 128 -39.55 10.36 -44.06
C GLU A 128 -40.11 9.01 -44.51
N LEU A 129 -39.29 7.96 -44.36
CA LEU A 129 -39.68 6.62 -44.77
C LEU A 129 -41.02 6.24 -44.16
N SER A 130 -41.93 5.78 -45.00
CA SER A 130 -43.27 5.40 -44.55
C SER A 130 -43.89 4.31 -45.40
N ILE A 131 -44.88 3.64 -44.82
CA ILE A 131 -45.69 2.71 -45.56
C ILE A 131 -47.05 3.32 -45.81
N PHE A 132 -47.53 3.17 -47.04
CA PHE A 132 -48.84 3.65 -47.41
C PHE A 132 -49.78 2.45 -47.51
N PRO A 133 -50.66 2.26 -46.52
CA PRO A 133 -51.63 1.17 -46.52
C PRO A 133 -52.77 1.36 -47.51
N LYS A 134 -53.11 0.31 -48.25
CA LYS A 134 -54.36 0.27 -48.99
C LYS A 134 -55.48 -0.13 -48.02
N GLU A 135 -55.12 -0.94 -47.03
CA GLU A 135 -56.06 -1.29 -45.97
C GLU A 135 -55.33 -1.52 -44.65
N THR A 136 -56.02 -1.24 -43.54
CA THR A 136 -55.47 -1.42 -42.21
C THR A 136 -56.41 -2.24 -41.34
N ILE A 137 -55.92 -3.36 -40.83
CA ILE A 137 -56.74 -4.25 -40.02
C ILE A 137 -56.26 -4.24 -38.59
N LEU A 138 -57.19 -4.42 -37.65
CA LEU A 138 -56.85 -4.39 -36.25
C LEU A 138 -56.56 -5.81 -35.78
N LEU A 139 -55.29 -6.10 -35.51
CA LEU A 139 -54.88 -7.43 -35.07
C LEU A 139 -55.17 -7.65 -33.59
N SER A 140 -54.80 -6.67 -32.78
CA SER A 140 -55.12 -6.71 -31.36
C SER A 140 -55.34 -5.30 -30.85
N ALA A 141 -56.32 -5.12 -29.97
CA ALA A 141 -56.67 -3.77 -29.52
C ALA A 141 -56.13 -3.48 -28.13
N CYS A 142 -55.60 -2.27 -27.95
CA CYS A 142 -55.21 -1.86 -26.62
C CYS A 142 -56.35 -1.14 -25.92
N LEU A 143 -56.76 -1.69 -24.78
CA LEU A 143 -57.94 -1.22 -24.09
C LEU A 143 -57.64 -0.06 -23.13
N HIS A 144 -56.35 0.19 -22.90
CA HIS A 144 -55.94 1.19 -21.92
C HIS A 144 -55.19 2.34 -22.56
N MET A 145 -55.16 3.49 -21.88
CA MET A 145 -54.27 4.55 -22.31
C MET A 145 -52.86 4.18 -21.91
N LEU A 146 -51.97 4.11 -22.89
CA LEU A 146 -50.57 3.88 -22.60
C LEU A 146 -50.04 5.10 -21.89
N PRO A 147 -49.22 4.90 -20.85
CA PRO A 147 -48.56 6.03 -20.21
C PRO A 147 -47.74 6.82 -21.23
N MET A 148 -47.61 8.13 -21.05
CA MET A 148 -46.84 8.91 -22.01
C MET A 148 -45.35 8.70 -21.84
N LYS A 149 -44.57 9.46 -22.63
CA LYS A 149 -43.14 9.24 -22.76
C LYS A 149 -42.43 9.14 -21.42
N TYR A 150 -42.60 10.16 -20.58
CA TYR A 150 -41.96 10.16 -19.27
C TYR A 150 -42.88 9.69 -18.15
N GLY A 151 -44.05 9.18 -18.51
CA GLY A 151 -45.03 8.68 -17.55
C GLY A 151 -44.57 7.66 -16.52
N LEU A 152 -43.51 6.90 -16.85
CA LEU A 152 -42.94 5.89 -15.96
C LEU A 152 -41.52 6.33 -15.62
N LYS A 153 -40.93 5.77 -14.56
CA LYS A 153 -39.73 6.35 -13.90
C LYS A 153 -40.05 7.70 -13.25
N ASP A 154 -40.52 7.72 -12.00
CA ASP A 154 -40.24 6.66 -11.03
C ASP A 154 -41.11 5.43 -11.10
N THR A 155 -42.42 5.62 -11.10
CA THR A 155 -43.34 4.50 -11.33
C THR A 155 -43.00 3.38 -10.34
N GLU A 156 -42.40 2.30 -10.86
CA GLU A 156 -41.99 1.08 -10.15
C GLU A 156 -43.11 0.03 -10.34
N ILE A 157 -44.22 0.41 -10.98
CA ILE A 157 -45.08 -0.61 -11.60
C ILE A 157 -44.30 -1.24 -12.74
N ARG A 158 -43.34 -0.46 -13.22
CA ARG A 158 -42.47 -0.79 -14.33
C ARG A 158 -41.81 -2.15 -14.13
N TYR A 159 -41.55 -2.47 -12.87
CA TYR A 159 -41.05 -3.80 -12.52
C TYR A 159 -42.20 -4.81 -12.50
N ARG A 160 -43.35 -4.38 -11.95
CA ARG A 160 -44.54 -5.23 -11.92
C ARG A 160 -45.11 -5.45 -13.31
N GLN A 161 -45.44 -4.38 -14.01
CA GLN A 161 -45.86 -4.49 -15.40
C GLN A 161 -44.69 -4.06 -16.27
N ARG A 162 -44.00 -5.04 -16.85
CA ARG A 162 -42.78 -4.79 -17.59
C ARG A 162 -43.04 -4.37 -19.04
N TYR A 163 -44.11 -4.94 -19.62
CA TYR A 163 -44.41 -4.72 -21.03
C TYR A 163 -44.60 -3.24 -21.32
N LEU A 164 -45.23 -2.52 -20.39
CA LEU A 164 -45.42 -1.09 -20.52
C LEU A 164 -44.08 -0.37 -20.59
N ASP A 165 -43.15 -0.80 -19.75
CA ASP A 165 -41.81 -0.25 -19.72
C ASP A 165 -41.10 -0.46 -21.05
N LEU A 166 -41.11 -1.71 -21.51
CA LEU A 166 -40.44 -2.08 -22.74
C LEU A 166 -41.03 -1.34 -23.94
N LEU A 167 -42.32 -1.02 -23.85
CA LEU A 167 -42.97 -0.23 -24.88
C LEU A 167 -42.51 1.23 -24.85
N ILE A 168 -42.65 1.86 -23.68
CA ILE A 168 -42.44 3.30 -23.54
C ILE A 168 -40.98 3.75 -23.39
N ASN A 169 -40.20 3.05 -22.55
CA ASN A 169 -38.81 3.39 -22.34
C ASN A 169 -37.92 2.55 -23.25
N GLU A 170 -37.13 3.18 -24.11
CA GLU A 170 -36.26 2.39 -24.97
C GLU A 170 -35.13 1.85 -24.11
N SER A 171 -34.69 2.67 -23.15
CA SER A 171 -33.52 2.37 -22.34
C SER A 171 -33.56 0.98 -21.69
N SER A 172 -34.75 0.53 -21.28
CA SER A 172 -34.95 -0.79 -20.69
C SER A 172 -34.79 -1.89 -21.73
N ARG A 173 -35.44 -1.69 -22.89
CA ARG A 173 -35.27 -2.61 -24.02
C ARG A 173 -33.80 -2.81 -24.35
N HIS A 174 -33.11 -1.69 -24.54
CA HIS A 174 -31.69 -1.70 -24.84
C HIS A 174 -30.92 -2.42 -23.74
N THR A 175 -31.29 -2.12 -22.50
CA THR A 175 -30.67 -2.73 -21.34
C THR A 175 -30.74 -4.25 -21.44
N PHE A 176 -31.92 -4.79 -21.73
CA PHE A 176 -32.08 -6.25 -21.73
C PHE A 176 -31.39 -6.90 -22.93
N VAL A 177 -31.44 -6.23 -24.09
CA VAL A 177 -30.69 -6.69 -25.26
C VAL A 177 -29.22 -6.87 -24.88
N THR A 178 -28.68 -5.82 -24.26
CA THR A 178 -27.31 -5.83 -23.76
C THR A 178 -27.09 -6.99 -22.81
N ARG A 179 -28.03 -7.23 -21.90
CA ARG A 179 -27.89 -8.34 -20.96
C ARG A 179 -27.65 -9.65 -21.70
N THR A 180 -28.49 -9.93 -22.69
CA THR A 180 -28.39 -11.24 -23.34
C THR A 180 -27.22 -11.38 -24.32
N LYS A 181 -26.66 -10.28 -24.81
CA LYS A 181 -25.40 -10.48 -25.53
C LYS A 181 -24.16 -10.41 -24.62
N ILE A 182 -24.37 -9.99 -23.37
CA ILE A 182 -23.35 -10.21 -22.35
C ILE A 182 -23.28 -11.70 -22.06
N ILE A 183 -24.43 -12.30 -21.81
CA ILE A 183 -24.49 -13.75 -21.58
C ILE A 183 -24.04 -14.53 -22.81
N ASN A 184 -24.45 -14.06 -23.99
CA ASN A 184 -24.02 -14.65 -25.25
C ASN A 184 -22.50 -14.63 -25.37
N PHE A 185 -21.92 -13.47 -25.15
CA PHE A 185 -20.48 -13.32 -25.26
C PHE A 185 -19.77 -14.19 -24.23
N LEU A 186 -20.35 -14.33 -23.05
CA LEU A 186 -19.76 -15.17 -22.00
C LEU A 186 -19.75 -16.64 -22.44
N ARG A 187 -20.90 -17.11 -22.91
CA ARG A 187 -21.07 -18.50 -23.35
C ARG A 187 -20.16 -18.85 -24.53
N ASN A 188 -20.06 -17.92 -25.49
CA ASN A 188 -19.18 -18.11 -26.63
C ASN A 188 -17.71 -18.05 -26.22
N PHE A 189 -17.41 -17.07 -25.36
CA PHE A 189 -16.09 -16.90 -24.79
C PHE A 189 -15.61 -18.21 -24.20
N LEU A 190 -16.46 -18.84 -23.39
CA LEU A 190 -16.13 -20.13 -22.78
C LEU A 190 -16.04 -21.26 -23.81
N ASN A 191 -17.04 -21.37 -24.67
CA ASN A 191 -17.11 -22.44 -25.66
C ASN A 191 -15.88 -22.50 -26.58
N GLU A 192 -15.36 -21.32 -26.93
CA GLU A 192 -14.20 -21.24 -27.82
C GLU A 192 -12.93 -21.81 -27.18
N ARG A 193 -12.89 -21.87 -25.86
CA ARG A 193 -11.76 -22.44 -25.12
C ARG A 193 -11.94 -23.91 -24.81
N GLY A 194 -12.98 -24.51 -25.35
CA GLY A 194 -13.18 -25.93 -25.19
C GLY A 194 -14.03 -26.26 -23.98
N PHE A 195 -14.61 -25.22 -23.38
CA PHE A 195 -15.46 -25.42 -22.21
C PHE A 195 -16.75 -26.14 -22.57
N PHE A 196 -17.34 -26.77 -21.56
CA PHE A 196 -18.45 -27.67 -21.77
C PHE A 196 -19.64 -27.28 -20.91
N GLU A 197 -20.75 -26.92 -21.56
CA GLU A 197 -21.94 -26.50 -20.84
C GLU A 197 -22.73 -27.68 -20.33
N VAL A 198 -23.08 -27.65 -19.06
CA VAL A 198 -23.84 -28.72 -18.42
C VAL A 198 -24.99 -28.16 -17.60
N GLU A 199 -25.89 -29.04 -17.19
CA GLU A 199 -26.95 -28.65 -16.28
C GLU A 199 -26.84 -29.43 -14.97
N THR A 200 -27.04 -28.70 -13.88
CA THR A 200 -26.82 -29.17 -12.53
C THR A 200 -28.11 -29.01 -11.69
N PRO A 201 -28.38 -29.97 -10.79
CA PRO A 201 -29.59 -29.94 -9.96
C PRO A 201 -29.84 -28.62 -9.25
N MET A 202 -31.07 -28.14 -9.31
CA MET A 202 -31.48 -26.94 -8.59
C MET A 202 -32.06 -27.27 -7.23
N MET A 203 -32.34 -28.55 -7.00
CA MET A 203 -32.83 -29.00 -5.71
C MET A 203 -31.86 -30.04 -5.16
N ASN A 204 -31.26 -29.73 -4.02
CA ASN A 204 -30.25 -30.62 -3.46
C ASN A 204 -30.55 -31.01 -2.02
N LEU A 205 -30.11 -32.20 -1.64
CA LEU A 205 -30.43 -32.78 -0.35
C LEU A 205 -29.76 -32.04 0.81
N ILE A 206 -28.54 -31.57 0.57
CA ILE A 206 -27.80 -30.85 1.60
C ILE A 206 -27.49 -29.42 1.16
N ALA A 207 -27.83 -28.47 2.02
CA ALA A 207 -27.59 -27.05 1.74
C ALA A 207 -27.66 -26.23 3.02
N ASN A 211 -24.50 -23.38 7.05
CA ASN A 211 -23.44 -23.02 6.11
C ASN A 211 -23.76 -21.77 5.31
N ALA A 212 -24.98 -21.73 4.77
CA ALA A 212 -25.48 -20.58 4.02
C ALA A 212 -26.95 -20.38 4.34
N ARG A 213 -27.62 -19.48 3.63
CA ARG A 213 -29.05 -19.30 3.86
C ARG A 213 -29.88 -19.77 2.67
N PRO A 214 -30.53 -20.94 2.81
CA PRO A 214 -31.29 -21.54 1.72
C PRO A 214 -32.80 -21.26 1.70
N PHE A 215 -33.44 -21.62 0.59
CA PHE A 215 -34.87 -21.88 0.51
C PHE A 215 -35.20 -23.34 0.87
N ILE A 216 -36.41 -23.60 1.33
CA ILE A 216 -36.85 -24.98 1.50
C ILE A 216 -38.04 -25.31 0.60
N THR A 217 -37.95 -26.44 -0.10
CA THR A 217 -39.08 -26.95 -0.86
C THR A 217 -39.27 -28.41 -0.48
N HIS A 218 -40.40 -28.98 -0.84
CA HIS A 218 -40.74 -30.34 -0.42
C HIS A 218 -41.26 -31.16 -1.59
N HIS A 219 -40.66 -32.32 -1.86
CA HIS A 219 -41.27 -33.17 -2.87
C HIS A 219 -42.29 -34.06 -2.17
N ASN A 220 -43.51 -34.07 -2.71
CA ASN A 220 -44.60 -34.76 -2.04
C ASN A 220 -44.51 -36.29 -2.03
N ASP A 221 -44.35 -36.90 -3.20
CA ASP A 221 -44.35 -38.36 -3.29
C ASP A 221 -43.02 -39.01 -2.91
N LEU A 222 -41.91 -38.32 -3.19
CA LEU A 222 -40.60 -38.80 -2.74
C LEU A 222 -40.47 -38.52 -1.25
N ASP A 223 -41.28 -37.58 -0.78
CA ASP A 223 -41.41 -37.25 0.64
C ASP A 223 -40.09 -36.80 1.26
N LEU A 224 -39.30 -36.05 0.51
CA LEU A 224 -38.10 -35.46 1.07
C LEU A 224 -38.13 -33.95 0.95
N ASP A 225 -37.61 -33.30 1.99
CA ASP A 225 -37.42 -31.86 1.97
C ASP A 225 -36.08 -31.51 1.35
N LEU A 226 -36.12 -30.73 0.29
CA LEU A 226 -34.94 -30.37 -0.48
C LEU A 226 -34.68 -28.87 -0.40
N TYR A 227 -33.45 -28.46 -0.69
CA TYR A 227 -33.08 -27.05 -0.63
C TYR A 227 -32.59 -26.56 -1.98
N LEU A 228 -33.03 -25.37 -2.38
CA LEU A 228 -32.58 -24.75 -3.61
C LEU A 228 -31.08 -24.45 -3.51
N ARG A 229 -30.39 -24.50 -4.63
CA ARG A 229 -28.93 -24.40 -4.63
C ARG A 229 -28.42 -22.99 -4.33
N ILE A 230 -27.44 -22.91 -3.43
CA ILE A 230 -26.76 -21.67 -3.12
C ILE A 230 -25.70 -21.39 -4.18
N ALA A 231 -25.23 -22.47 -4.81
CA ALA A 231 -24.29 -22.36 -5.93
C ALA A 231 -24.25 -23.65 -6.74
N THR A 232 -23.50 -23.64 -7.83
CA THR A 232 -23.39 -24.81 -8.70
C THR A 232 -22.10 -25.62 -8.49
N GLU A 233 -21.27 -25.18 -7.54
CA GLU A 233 -19.88 -25.62 -7.46
C GLU A 233 -19.62 -27.13 -7.32
N LEU A 234 -20.18 -27.75 -6.28
CA LEU A 234 -19.84 -29.13 -5.94
C LEU A 234 -20.08 -30.15 -7.09
N PRO A 235 -21.29 -30.15 -7.69
CA PRO A 235 -21.48 -31.11 -8.78
C PRO A 235 -20.62 -30.83 -10.00
N LEU A 236 -20.28 -29.56 -10.23
CA LEU A 236 -19.37 -29.21 -11.32
C LEU A 236 -17.99 -29.80 -11.07
N LYS A 237 -17.51 -29.67 -9.84
CA LYS A 237 -16.22 -30.25 -9.47
C LYS A 237 -16.25 -31.77 -9.59
N MET A 238 -17.40 -32.35 -9.23
CA MET A 238 -17.60 -33.79 -9.41
C MET A 238 -17.54 -34.15 -10.88
N LEU A 239 -17.99 -33.24 -11.74
CA LEU A 239 -17.89 -33.44 -13.18
C LEU A 239 -16.44 -33.36 -13.62
N ILE A 240 -15.66 -32.53 -12.93
CA ILE A 240 -14.23 -32.45 -13.21
C ILE A 240 -13.57 -33.79 -12.89
N VAL A 241 -13.98 -34.39 -11.77
CA VAL A 241 -13.50 -35.73 -11.40
C VAL A 241 -13.88 -36.75 -12.47
N GLY A 242 -15.01 -36.51 -13.14
CA GLY A 242 -15.54 -37.46 -14.10
C GLY A 242 -14.90 -37.47 -15.48
N GLY A 243 -13.94 -36.57 -15.70
CA GLY A 243 -13.29 -36.52 -16.99
C GLY A 243 -13.64 -35.31 -17.83
N ILE A 244 -14.57 -34.49 -17.38
CA ILE A 244 -14.81 -33.23 -18.05
C ILE A 244 -13.92 -32.21 -17.36
N ASP A 245 -12.84 -31.82 -18.03
CA ASP A 245 -11.80 -31.04 -17.39
C ASP A 245 -11.95 -29.55 -17.62
N LYS A 246 -12.84 -29.17 -18.53
CA LYS A 246 -13.27 -27.79 -18.64
C LYS A 246 -14.80 -27.79 -18.66
N VAL A 247 -15.40 -27.25 -17.60
CA VAL A 247 -16.85 -27.34 -17.48
C VAL A 247 -17.42 -26.03 -16.93
N TYR A 248 -18.59 -25.63 -17.41
CA TYR A 248 -19.20 -24.40 -16.92
C TYR A 248 -20.72 -24.50 -16.86
N GLU A 249 -21.32 -23.65 -16.04
CA GLU A 249 -22.78 -23.55 -16.03
C GLU A 249 -23.26 -22.13 -15.80
N ILE A 250 -24.24 -21.74 -16.61
CA ILE A 250 -24.94 -20.46 -16.46
C ILE A 250 -26.35 -20.75 -15.99
N GLY A 251 -26.68 -20.40 -14.75
CA GLY A 251 -28.00 -20.71 -14.25
C GLY A 251 -28.46 -19.88 -13.07
N LYS A 252 -29.73 -20.04 -12.70
CA LYS A 252 -30.26 -19.34 -11.55
C LYS A 252 -29.81 -19.99 -10.25
N VAL A 253 -29.47 -19.15 -9.28
CA VAL A 253 -29.08 -19.57 -7.97
C VAL A 253 -29.95 -18.87 -6.97
N PHE A 254 -30.06 -19.38 -5.75
CA PHE A 254 -31.08 -18.89 -4.83
C PHE A 254 -30.56 -18.64 -3.41
N ARG A 255 -30.94 -17.52 -2.83
CA ARG A 255 -30.54 -17.26 -1.49
C ARG A 255 -31.64 -16.55 -0.77
N ASN A 256 -31.81 -16.90 0.49
CA ASN A 256 -32.99 -16.53 1.25
C ASN A 256 -32.85 -15.22 2.04
N GLU A 257 -31.74 -14.53 1.87
CA GLU A 257 -31.50 -13.33 2.64
C GLU A 257 -32.33 -12.18 2.14
N GLY A 258 -32.12 -11.00 2.69
CA GLY A 258 -32.93 -9.84 2.33
C GLY A 258 -32.62 -9.25 0.97
N ILE A 259 -33.64 -8.63 0.37
CA ILE A 259 -33.48 -7.96 -0.91
C ILE A 259 -32.71 -6.66 -0.73
N ASP A 260 -32.16 -6.15 -1.82
CA ASP A 260 -31.33 -4.95 -1.78
C ASP A 260 -31.25 -4.36 -3.19
N ASN A 261 -30.57 -3.23 -3.32
CA ASN A 261 -30.28 -2.68 -4.63
C ASN A 261 -29.50 -3.68 -5.46
N THR A 262 -28.48 -4.24 -4.84
CA THR A 262 -27.58 -5.19 -5.47
C THR A 262 -27.90 -6.65 -5.17
N HIS A 263 -28.96 -6.87 -4.38
CA HIS A 263 -29.32 -8.22 -3.99
C HIS A 263 -30.70 -8.61 -4.49
N ASN A 264 -30.77 -9.78 -5.09
CA ASN A 264 -32.01 -10.38 -5.48
C ASN A 264 -31.99 -11.83 -5.03
N PRO A 265 -33.11 -12.35 -4.50
CA PRO A 265 -33.16 -13.73 -4.00
C PRO A 265 -32.82 -14.74 -5.09
N GLU A 266 -33.12 -14.33 -6.32
CA GLU A 266 -32.93 -15.13 -7.50
C GLU A 266 -31.89 -14.46 -8.39
N PHE A 267 -30.67 -15.01 -8.48
CA PHE A 267 -29.69 -14.33 -9.31
C PHE A 267 -28.95 -15.28 -10.23
N THR A 268 -28.57 -14.79 -11.40
CA THR A 268 -27.94 -15.62 -12.43
C THR A 268 -26.43 -15.68 -12.23
N SER A 269 -25.89 -16.89 -12.10
CA SER A 269 -24.47 -17.06 -11.91
C SER A 269 -23.87 -17.94 -12.98
N CYS A 270 -22.63 -17.62 -13.35
CA CYS A 270 -21.83 -18.46 -14.22
C CYS A 270 -20.65 -19.00 -13.45
N GLU A 271 -20.66 -20.30 -13.17
CA GLU A 271 -19.53 -20.90 -12.46
C GLU A 271 -18.85 -21.93 -13.35
N PHE A 272 -17.53 -21.81 -13.48
CA PHE A 272 -16.80 -22.80 -14.26
C PHE A 272 -15.59 -23.32 -13.52
N TYR A 273 -15.24 -24.56 -13.85
CA TYR A 273 -14.09 -25.22 -13.29
C TYR A 273 -13.18 -25.72 -14.41
N TRP A 274 -11.90 -25.46 -14.20
CA TRP A 274 -10.88 -25.55 -15.23
C TRP A 274 -9.70 -26.37 -14.69
N ALA A 275 -9.44 -27.50 -15.32
CA ALA A 275 -8.41 -28.41 -14.83
C ALA A 275 -7.03 -27.95 -15.22
N TYR A 276 -6.06 -28.25 -14.35
CA TYR A 276 -4.65 -27.94 -14.57
C TYR A 276 -4.44 -26.44 -14.78
N ALA A 277 -5.21 -25.64 -14.05
CA ALA A 277 -5.04 -24.19 -14.07
C ALA A 277 -5.11 -23.63 -12.66
N ASP A 278 -4.25 -22.66 -12.37
CA ASP A 278 -4.26 -22.00 -11.08
C ASP A 278 -4.72 -20.56 -11.25
N TYR A 279 -4.71 -19.80 -10.16
CA TYR A 279 -5.37 -18.51 -10.17
C TYR A 279 -4.67 -17.49 -11.07
N ASN A 280 -3.49 -17.82 -11.59
CA ASN A 280 -2.84 -16.96 -12.56
C ASN A 280 -3.61 -16.97 -13.88
N ASP A 281 -3.91 -18.18 -14.38
CA ASP A 281 -4.72 -18.36 -15.58
C ASP A 281 -6.13 -17.85 -15.38
N LEU A 282 -6.59 -17.89 -14.13
CA LEU A 282 -7.91 -17.38 -13.78
C LEU A 282 -7.94 -15.86 -13.81
N ILE A 283 -6.87 -15.24 -13.30
CA ILE A 283 -6.74 -13.79 -13.34
C ILE A 283 -6.67 -13.30 -14.77
N LYS A 284 -5.79 -13.92 -15.56
CA LYS A 284 -5.68 -13.54 -16.96
C LYS A 284 -6.99 -13.79 -17.69
N TRP A 285 -7.71 -14.82 -17.24
CA TRP A 285 -9.03 -15.13 -17.78
C TRP A 285 -9.98 -13.97 -17.53
N SER A 286 -9.96 -13.45 -16.31
CA SER A 286 -10.82 -12.34 -15.91
C SER A 286 -10.49 -11.07 -16.70
N GLU A 287 -9.21 -10.76 -16.77
CA GLU A 287 -8.75 -9.59 -17.50
C GLU A 287 -9.15 -9.66 -18.97
N ASP A 288 -8.88 -10.81 -19.59
CA ASP A 288 -9.24 -11.03 -20.98
C ASP A 288 -10.74 -10.91 -21.19
N PHE A 289 -11.51 -11.59 -20.35
CA PHE A 289 -12.95 -11.63 -20.51
C PHE A 289 -13.56 -10.25 -20.40
N PHE A 290 -13.19 -9.54 -19.35
CA PHE A 290 -13.78 -8.24 -19.11
C PHE A 290 -13.33 -7.21 -20.14
N SER A 291 -12.04 -7.20 -20.46
CA SER A 291 -11.53 -6.29 -21.48
C SER A 291 -12.23 -6.51 -22.82
N GLN A 292 -12.20 -7.75 -23.29
CA GLN A 292 -12.79 -8.10 -24.58
C GLN A 292 -14.30 -7.90 -24.60
N LEU A 293 -14.95 -8.14 -23.47
CA LEU A 293 -16.39 -7.94 -23.35
C LEU A 293 -16.75 -6.46 -23.47
N VAL A 294 -16.08 -5.65 -22.67
CA VAL A 294 -16.31 -4.21 -22.68
C VAL A 294 -16.02 -3.62 -24.06
N TYR A 295 -14.98 -4.10 -24.71
CA TYR A 295 -14.67 -3.64 -26.06
C TYR A 295 -15.74 -4.13 -27.05
N HIS A 296 -16.20 -5.36 -26.85
CA HIS A 296 -17.22 -5.96 -27.70
C HIS A 296 -18.48 -5.11 -27.69
N LEU A 297 -18.89 -4.70 -26.49
CA LEU A 297 -20.08 -3.86 -26.37
C LEU A 297 -19.85 -2.43 -26.86
N PHE A 298 -18.86 -1.75 -26.29
CA PHE A 298 -18.70 -0.31 -26.49
C PHE A 298 -17.63 0.18 -27.47
N GLY A 299 -16.86 -0.73 -28.06
CA GLY A 299 -15.79 -0.33 -28.97
C GLY A 299 -14.68 0.45 -28.29
N THR A 300 -14.68 0.43 -26.97
CA THR A 300 -13.62 1.04 -26.16
C THR A 300 -13.57 0.37 -24.79
N TYR A 301 -12.44 0.47 -24.10
CA TYR A 301 -12.29 -0.16 -22.80
C TYR A 301 -12.83 0.76 -21.69
N LYS A 302 -13.01 2.03 -22.02
CA LYS A 302 -13.45 3.02 -21.04
C LYS A 302 -14.96 3.20 -21.10
N ILE A 303 -15.63 3.08 -19.96
CA ILE A 303 -17.06 3.35 -19.90
C ILE A 303 -17.35 4.37 -18.81
N SER A 304 -18.48 5.05 -18.88
CA SER A 304 -18.83 5.99 -17.83
C SER A 304 -20.07 5.51 -17.11
N TYR A 305 -20.02 5.51 -15.78
CA TYR A 305 -21.07 4.93 -14.96
C TYR A 305 -21.50 5.90 -13.87
N ASN A 306 -22.80 6.17 -13.78
CA ASN A 306 -23.26 7.10 -12.78
C ASN A 306 -23.50 6.32 -11.50
N LYS A 307 -22.66 6.52 -10.49
CA LYS A 307 -22.86 5.79 -9.23
C LYS A 307 -23.92 6.43 -8.37
N ASP A 308 -23.88 7.74 -8.23
CA ASP A 308 -24.87 8.40 -7.40
C ASP A 308 -25.90 9.01 -8.33
N GLY A 309 -27.04 8.35 -8.45
CA GLY A 309 -28.14 8.85 -9.26
C GLY A 309 -27.78 8.95 -10.73
N PRO A 310 -28.74 9.31 -11.59
CA PRO A 310 -28.49 9.93 -12.88
C PRO A 310 -28.11 11.41 -12.72
N GLU A 311 -28.61 12.02 -11.65
CA GLU A 311 -28.51 13.47 -11.45
C GLU A 311 -27.09 13.92 -11.12
N ASN A 312 -26.20 12.97 -10.89
CA ASN A 312 -24.86 13.32 -10.45
C ASN A 312 -23.78 12.84 -11.39
N GLN A 313 -22.62 13.45 -11.21
CA GLN A 313 -21.42 13.21 -11.98
C GLN A 313 -21.05 11.74 -12.04
N PRO A 314 -20.93 11.18 -13.26
CA PRO A 314 -20.49 9.80 -13.36
C PRO A 314 -19.04 9.64 -12.95
N ILE A 315 -18.59 8.40 -13.02
CA ILE A 315 -17.20 8.07 -12.84
C ILE A 315 -16.83 7.18 -14.02
N GLU A 316 -15.72 7.46 -14.66
CA GLU A 316 -15.30 6.58 -15.73
C GLU A 316 -14.61 5.38 -15.11
N ILE A 317 -14.88 4.21 -15.67
CA ILE A 317 -14.25 2.96 -15.30
C ILE A 317 -13.47 2.45 -16.49
N ASP A 318 -12.18 2.18 -16.28
CA ASP A 318 -11.30 1.75 -17.36
C ASP A 318 -11.05 0.25 -17.27
N PHE A 319 -11.55 -0.50 -18.23
CA PHE A 319 -11.40 -1.96 -18.20
C PHE A 319 -10.13 -2.42 -18.91
N THR A 320 -9.27 -1.48 -19.31
CA THR A 320 -7.96 -1.83 -19.87
C THR A 320 -7.13 -2.62 -18.86
N PRO A 321 -6.76 -3.86 -19.24
CA PRO A 321 -5.93 -4.77 -18.44
C PRO A 321 -4.46 -4.36 -18.47
N PRO A 322 -3.66 -4.85 -17.50
CA PRO A 322 -4.05 -5.68 -16.36
C PRO A 322 -4.66 -4.88 -15.22
N TYR A 323 -5.45 -5.55 -14.39
CA TYR A 323 -6.11 -4.90 -13.25
C TYR A 323 -5.25 -5.00 -11.99
N PRO A 324 -5.39 -4.01 -11.09
CA PRO A 324 -4.62 -3.99 -9.83
C PRO A 324 -4.96 -5.16 -8.90
N LYS A 325 -3.93 -5.78 -8.35
CA LYS A 325 -4.09 -6.91 -7.45
C LYS A 325 -3.60 -6.55 -6.05
N VAL A 326 -4.50 -6.63 -5.08
CA VAL A 326 -4.20 -6.23 -3.72
C VAL A 326 -4.30 -7.41 -2.76
N SER A 327 -3.18 -7.80 -2.18
CA SER A 327 -3.20 -8.79 -1.11
C SER A 327 -3.98 -8.17 0.04
N ILE A 328 -5.01 -8.89 0.49
CA ILE A 328 -5.89 -8.39 1.52
C ILE A 328 -5.10 -8.06 2.80
N VAL A 329 -4.42 -9.07 3.33
CA VAL A 329 -3.67 -8.95 4.57
C VAL A 329 -2.57 -7.90 4.50
N GLU A 330 -1.77 -7.91 3.43
CA GLU A 330 -0.66 -6.97 3.30
C GLU A 330 -1.09 -5.52 3.42
N GLU A 331 -2.03 -5.10 2.58
CA GLU A 331 -2.43 -3.71 2.59
C GLU A 331 -3.25 -3.36 3.82
N ILE A 332 -3.94 -4.35 4.40
CA ILE A 332 -4.50 -4.08 5.72
C ILE A 332 -3.35 -3.72 6.66
N GLU A 333 -2.33 -4.58 6.73
CA GLU A 333 -1.13 -4.33 7.53
C GLU A 333 -0.43 -3.01 7.25
N LYS A 334 -0.51 -2.52 6.02
CA LYS A 334 0.17 -1.29 5.63
C LYS A 334 -0.63 -0.07 6.04
N VAL A 335 -1.93 -0.12 5.83
CA VAL A 335 -2.81 1.00 6.16
C VAL A 335 -2.96 1.17 7.66
N THR A 336 -3.29 0.07 8.35
CA THR A 336 -3.43 0.10 9.80
C THR A 336 -2.06 0.23 10.48
N ASN A 337 -1.01 -0.03 9.71
CA ASN A 337 0.37 0.10 10.18
C ASN A 337 0.63 -0.69 11.45
N THR A 338 0.01 -1.84 11.55
CA THR A 338 0.41 -2.80 12.57
C THR A 338 0.83 -4.04 11.82
N ILE A 339 1.71 -4.82 12.43
CA ILE A 339 1.98 -6.09 11.81
C ILE A 339 0.96 -7.00 12.41
N LEU A 340 -0.02 -7.35 11.62
CA LEU A 340 -1.00 -8.32 12.03
C LEU A 340 -0.35 -9.69 11.99
N GLU A 341 -1.10 -10.73 12.34
CA GLU A 341 -0.60 -12.10 12.33
C GLU A 341 0.63 -12.18 13.26
N GLN A 342 1.66 -13.03 13.12
CA GLN A 342 1.73 -14.30 12.41
C GLN A 342 0.48 -15.10 12.69
N PRO A 343 0.01 -15.85 11.70
CA PRO A 343 -1.35 -16.38 11.61
C PRO A 343 -1.99 -17.07 12.80
N PHE A 344 -3.30 -16.87 12.92
CA PHE A 344 -3.93 -15.59 12.59
C PHE A 344 -5.01 -15.31 13.62
N ASP A 345 -6.01 -16.19 13.62
CA ASP A 345 -7.20 -15.96 14.43
C ASP A 345 -6.69 -15.70 15.85
N SER A 346 -6.11 -16.73 16.46
CA SER A 346 -4.99 -16.55 17.38
C SER A 346 -5.06 -15.35 18.32
N ASN A 347 -6.02 -15.35 19.25
CA ASN A 347 -5.87 -14.60 20.50
C ASN A 347 -5.39 -13.17 20.31
N GLU A 348 -4.12 -12.97 20.63
CA GLU A 348 -3.47 -11.67 20.53
C GLU A 348 -3.81 -10.93 19.22
N THR A 349 -3.61 -11.59 18.08
CA THR A 349 -3.87 -10.96 16.79
C THR A 349 -5.34 -10.53 16.70
N ILE A 350 -6.25 -11.39 17.20
CA ILE A 350 -7.67 -11.02 17.29
C ILE A 350 -7.78 -9.69 17.95
N GLU A 351 -7.21 -9.60 19.15
CA GLU A 351 -7.32 -8.42 19.97
C GLU A 351 -6.75 -7.29 19.15
N LYS A 352 -5.59 -7.55 18.53
CA LYS A 352 -4.93 -6.54 17.72
C LYS A 352 -5.93 -6.02 16.68
N MET A 353 -6.48 -6.94 15.88
CA MET A 353 -7.47 -6.57 14.87
C MET A 353 -8.60 -5.76 15.48
N ILE A 354 -9.15 -6.24 16.60
CA ILE A 354 -10.26 -5.56 17.25
C ILE A 354 -9.94 -4.10 17.55
N ASN A 355 -8.75 -3.82 18.07
CA ASN A 355 -8.44 -2.44 18.39
C ASN A 355 -8.36 -1.58 17.12
N ILE A 356 -7.81 -2.16 16.06
CA ILE A 356 -7.80 -1.48 14.75
C ILE A 356 -9.23 -1.07 14.41
N ILE A 357 -10.15 -1.99 14.63
CA ILE A 357 -11.54 -1.77 14.32
C ILE A 357 -12.13 -0.64 15.17
N LYS A 358 -11.73 -0.57 16.43
CA LYS A 358 -12.33 0.43 17.32
C LYS A 358 -11.85 1.86 17.06
N GLU A 359 -10.54 2.05 16.91
CA GLU A 359 -10.02 3.40 16.75
C GLU A 359 -10.47 4.08 15.45
N HIS A 360 -10.71 3.28 14.42
CA HIS A 360 -11.18 3.79 13.14
C HIS A 360 -12.70 3.86 13.09
N LYS A 361 -13.32 3.54 14.23
CA LYS A 361 -14.76 3.70 14.45
C LYS A 361 -15.60 2.84 13.51
N ILE A 362 -15.09 1.66 13.18
CA ILE A 362 -15.84 0.70 12.37
C ILE A 362 -16.69 -0.20 13.29
N GLU A 363 -17.46 -1.08 12.66
CA GLU A 363 -18.60 -1.76 13.28
C GLU A 363 -18.31 -2.70 14.45
N LEU A 364 -17.10 -3.29 14.50
CA LEU A 364 -16.77 -4.32 15.48
C LEU A 364 -17.84 -5.41 15.43
N PRO A 365 -17.88 -6.17 14.32
CA PRO A 365 -19.04 -7.05 14.14
C PRO A 365 -19.04 -8.21 15.13
N ASN A 366 -20.23 -8.68 15.47
CA ASN A 366 -20.36 -9.77 16.42
C ASN A 366 -21.03 -10.97 15.74
N PRO A 367 -20.57 -12.18 16.07
CA PRO A 367 -19.48 -12.46 17.02
C PRO A 367 -18.11 -12.07 16.45
N PRO A 368 -17.22 -11.57 17.32
CA PRO A 368 -15.92 -11.08 16.85
C PRO A 368 -14.93 -12.20 16.60
N THR A 369 -15.27 -13.14 15.72
CA THR A 369 -14.33 -14.16 15.32
C THR A 369 -13.37 -13.47 14.37
N ALA A 370 -12.30 -14.16 13.95
CA ALA A 370 -11.24 -13.50 13.20
C ALA A 370 -11.66 -13.27 11.77
N ALA A 371 -12.30 -14.27 11.17
CA ALA A 371 -12.74 -14.20 9.79
C ALA A 371 -13.62 -12.98 9.56
N LYS A 372 -14.57 -12.79 10.46
CA LYS A 372 -15.47 -11.64 10.43
C LYS A 372 -14.69 -10.33 10.49
N LEU A 373 -13.76 -10.24 11.44
CA LEU A 373 -12.96 -9.03 11.60
C LEU A 373 -12.14 -8.73 10.35
N LEU A 374 -11.58 -9.77 9.75
CA LEU A 374 -10.81 -9.63 8.52
C LEU A 374 -11.70 -9.14 7.38
N ASP A 375 -12.93 -9.65 7.30
CA ASP A 375 -13.85 -9.22 6.25
C ASP A 375 -14.16 -7.73 6.41
N GLN A 376 -14.48 -7.33 7.64
CA GLN A 376 -14.77 -5.95 7.97
C GLN A 376 -13.60 -5.02 7.64
N LEU A 377 -12.42 -5.37 8.15
CA LEU A 377 -11.20 -4.62 7.91
C LEU A 377 -10.95 -4.48 6.39
N ALA A 378 -10.89 -5.63 5.71
CA ALA A 378 -10.65 -5.70 4.27
C ALA A 378 -11.62 -4.83 3.45
N SER A 379 -12.90 -4.87 3.78
CA SER A 379 -13.87 -4.02 3.07
C SER A 379 -13.85 -2.48 3.48
N HIS A 380 -13.65 -2.12 4.74
CA HIS A 380 -13.53 -0.67 5.06
C HIS A 380 -12.33 -0.05 4.45
N PHE A 381 -11.26 -0.81 4.43
CA PHE A 381 -10.00 -0.35 3.85
C PHE A 381 -9.89 -0.67 2.36
N ILE A 382 -9.89 -1.95 2.00
CA ILE A 382 -9.58 -2.34 0.62
C ILE A 382 -10.72 -2.28 -0.41
N GLU A 383 -11.92 -2.74 -0.07
CA GLU A 383 -12.93 -3.02 -1.11
C GLU A 383 -13.25 -1.88 -2.10
N ASN A 384 -13.29 -0.63 -1.68
CA ASN A 384 -13.38 0.46 -2.64
C ASN A 384 -12.06 1.23 -2.88
N LYS A 385 -10.90 0.71 -2.46
CA LYS A 385 -9.61 1.40 -2.69
C LYS A 385 -9.50 1.94 -4.13
N TYR A 386 -9.87 1.13 -5.12
CA TYR A 386 -9.88 1.56 -6.53
C TYR A 386 -11.26 1.46 -7.17
N ASN A 387 -11.85 2.61 -7.44
CA ASN A 387 -13.09 2.61 -8.18
C ASN A 387 -12.77 2.60 -9.66
N ASP A 388 -11.71 3.32 -10.01
CA ASP A 388 -11.39 3.72 -11.40
C ASP A 388 -11.48 2.56 -12.37
N LYS A 389 -11.35 1.35 -11.83
CA LYS A 389 -11.44 0.15 -12.64
C LYS A 389 -11.47 -1.11 -11.80
N PRO A 390 -11.96 -2.20 -12.39
CA PRO A 390 -12.03 -3.48 -11.66
C PRO A 390 -10.70 -3.85 -11.05
N PHE A 391 -10.71 -4.34 -9.82
CA PHE A 391 -9.46 -4.72 -9.18
C PHE A 391 -9.63 -5.97 -8.34
N PHE A 392 -8.56 -6.75 -8.24
CA PHE A 392 -8.62 -7.99 -7.50
C PHE A 392 -8.19 -7.81 -6.06
N ILE A 393 -8.95 -8.39 -5.14
CA ILE A 393 -8.49 -8.60 -3.79
C ILE A 393 -8.02 -10.05 -3.72
N VAL A 394 -6.74 -10.25 -3.45
CA VAL A 394 -6.14 -11.56 -3.60
C VAL A 394 -5.56 -12.14 -2.32
N GLU A 395 -5.37 -13.46 -2.33
CA GLU A 395 -4.70 -14.18 -1.25
C GLU A 395 -5.36 -13.98 0.12
N HIS A 396 -6.65 -14.28 0.18
CA HIS A 396 -7.40 -14.26 1.42
C HIS A 396 -6.81 -15.26 2.42
N PRO A 397 -6.90 -14.96 3.72
CA PRO A 397 -6.54 -15.94 4.75
C PRO A 397 -7.36 -17.20 4.58
N GLN A 398 -6.81 -18.35 4.91
CA GLN A 398 -7.52 -19.61 4.66
C GLN A 398 -8.46 -19.97 5.81
N ILE A 399 -8.54 -19.08 6.79
CA ILE A 399 -9.64 -19.10 7.75
C ILE A 399 -10.86 -18.46 7.09
N MET A 400 -10.61 -17.57 6.14
CA MET A 400 -11.70 -16.92 5.39
C MET A 400 -12.14 -17.75 4.18
N SER A 401 -11.32 -18.73 3.80
CA SER A 401 -11.58 -19.49 2.57
C SER A 401 -11.28 -20.97 2.76
N PRO A 402 -12.20 -21.71 3.40
CA PRO A 402 -11.94 -23.14 3.60
C PRO A 402 -12.36 -23.96 2.39
N LEU A 403 -11.99 -23.48 1.21
CA LEU A 403 -12.15 -24.20 -0.05
C LEU A 403 -10.85 -24.11 -0.84
N ALA A 404 -10.46 -22.87 -1.18
CA ALA A 404 -9.25 -22.60 -1.92
C ALA A 404 -8.01 -23.25 -1.33
N LYS A 405 -7.16 -23.79 -2.21
CA LYS A 405 -5.93 -24.46 -1.82
C LYS A 405 -4.92 -23.48 -1.22
N TYR A 406 -4.07 -24.00 -0.34
CA TYR A 406 -3.05 -23.21 0.33
C TYR A 406 -2.07 -22.56 -0.64
N HIS A 407 -1.75 -21.30 -0.39
CA HIS A 407 -0.81 -20.55 -1.20
C HIS A 407 0.58 -21.19 -1.12
N ARG A 408 1.23 -21.35 -2.27
CA ARG A 408 2.52 -22.03 -2.35
C ARG A 408 3.58 -21.40 -1.45
N THR A 409 3.80 -20.10 -1.66
CA THR A 409 4.83 -19.38 -0.92
C THR A 409 4.28 -18.84 0.40
N LYS A 410 3.28 -17.96 0.32
CA LYS A 410 2.71 -17.34 1.52
C LYS A 410 1.84 -18.32 2.31
N PRO A 411 2.29 -18.69 3.52
CA PRO A 411 1.55 -19.65 4.35
C PRO A 411 0.37 -19.01 5.07
N GLY A 412 -0.65 -19.80 5.39
CA GLY A 412 -1.82 -19.31 6.09
C GLY A 412 -2.78 -18.60 5.16
N LEU A 413 -2.35 -18.39 3.93
CA LEU A 413 -3.18 -17.74 2.92
C LEU A 413 -3.70 -18.79 1.94
N THR A 414 -4.54 -18.35 0.99
CA THR A 414 -5.02 -19.22 -0.06
C THR A 414 -4.51 -18.75 -1.41
N GLU A 415 -4.87 -19.49 -2.45
CA GLU A 415 -4.81 -18.93 -3.79
C GLU A 415 -6.24 -18.58 -4.14
N ARG A 416 -6.55 -17.30 -4.09
CA ARG A 416 -7.91 -16.83 -4.30
C ARG A 416 -7.89 -15.40 -4.84
N LEU A 417 -8.83 -15.12 -5.73
CA LEU A 417 -8.96 -13.77 -6.26
C LEU A 417 -10.43 -13.36 -6.24
N GLU A 418 -10.68 -12.12 -5.86
CA GLU A 418 -12.04 -11.61 -5.82
C GLU A 418 -12.08 -10.28 -6.57
N MET A 419 -12.77 -10.23 -7.71
CA MET A 419 -12.73 -9.02 -8.51
C MET A 419 -13.87 -8.08 -8.17
N PHE A 420 -13.50 -6.85 -7.83
CA PHE A 420 -14.46 -5.81 -7.47
C PHE A 420 -14.54 -4.77 -8.57
N ILE A 421 -15.76 -4.51 -9.01
CA ILE A 421 -16.01 -3.36 -9.86
C ILE A 421 -16.73 -2.32 -9.04
N CYS A 422 -16.20 -1.11 -9.02
CA CYS A 422 -16.93 0.05 -8.55
C CYS A 422 -17.42 -0.15 -7.10
N GLY A 423 -16.56 -0.74 -6.28
CA GLY A 423 -16.85 -0.91 -4.87
C GLY A 423 -17.61 -2.17 -4.50
N LYS A 424 -17.99 -2.97 -5.49
CA LYS A 424 -18.73 -4.17 -5.16
C LYS A 424 -18.30 -5.43 -5.92
N GLU A 425 -18.62 -6.56 -5.33
CA GLU A 425 -18.13 -7.87 -5.77
C GLU A 425 -18.79 -8.32 -7.08
N VAL A 426 -17.95 -8.78 -8.00
CA VAL A 426 -18.40 -9.21 -9.31
C VAL A 426 -17.98 -10.65 -9.58
N LEU A 427 -16.66 -10.85 -9.56
CA LEU A 427 -16.05 -12.14 -9.84
C LEU A 427 -15.38 -12.71 -8.59
N ASN A 428 -15.52 -14.02 -8.36
CA ASN A 428 -14.78 -14.67 -7.28
C ASN A 428 -14.24 -15.98 -7.82
N ALA A 429 -12.92 -16.15 -7.76
CA ALA A 429 -12.27 -17.33 -8.32
C ALA A 429 -11.15 -17.80 -7.40
N TYR A 430 -10.90 -19.10 -7.36
CA TYR A 430 -9.84 -19.63 -6.51
C TYR A 430 -9.40 -20.99 -7.00
N THR A 431 -8.18 -21.40 -6.64
CA THR A 431 -7.74 -22.74 -6.96
C THR A 431 -8.30 -23.72 -5.94
N GLU A 432 -9.07 -24.70 -6.41
CA GLU A 432 -9.70 -25.66 -5.52
C GLU A 432 -8.67 -26.49 -4.77
N LEU A 433 -9.02 -26.91 -3.55
CA LEU A 433 -8.16 -27.74 -2.74
C LEU A 433 -8.48 -29.20 -3.01
N ASN A 434 -7.56 -29.90 -3.68
CA ASN A 434 -7.82 -31.25 -4.16
C ASN A 434 -7.33 -32.32 -3.20
N ASP A 435 -6.73 -31.90 -2.10
CA ASP A 435 -6.29 -32.84 -1.07
C ASP A 435 -7.42 -33.10 -0.09
N PRO A 436 -7.97 -34.33 -0.10
CA PRO A 436 -9.08 -34.70 0.77
C PRO A 436 -8.69 -34.67 2.24
N PHE A 437 -7.39 -34.80 2.51
CA PHE A 437 -6.85 -34.79 3.86
C PHE A 437 -6.70 -33.36 4.37
N LYS A 438 -6.63 -32.41 3.44
CA LYS A 438 -6.46 -31.01 3.80
C LYS A 438 -7.78 -30.23 3.83
N GLN A 439 -8.88 -30.88 3.45
CA GLN A 439 -10.17 -30.22 3.54
C GLN A 439 -10.71 -30.36 4.95
N LYS A 440 -10.90 -29.24 5.64
CA LYS A 440 -11.41 -29.26 7.01
C LYS A 440 -12.88 -29.63 7.06
N GLU A 441 -13.55 -29.54 5.91
CA GLU A 441 -15.01 -29.63 5.82
C GLU A 441 -15.55 -31.05 5.90
N CYS A 442 -14.77 -32.01 5.40
CA CYS A 442 -15.25 -33.38 5.33
C CYS A 442 -15.18 -34.07 6.69
N PHE A 443 -16.35 -34.46 7.19
CA PHE A 443 -16.50 -35.02 8.53
C PHE A 443 -17.12 -36.41 8.43
N LYS A 444 -16.88 -37.23 9.45
CA LYS A 444 -17.04 -38.67 9.34
C LYS A 444 -18.46 -39.20 9.15
N LEU A 445 -19.34 -38.91 10.10
CA LEU A 445 -20.65 -39.56 10.17
C LEU A 445 -21.73 -38.78 9.43
N LEU A 460 -24.93 -35.56 -2.30
CA LEU A 460 -24.76 -34.58 -1.22
C LEU A 460 -23.35 -33.99 -1.24
N ASP A 461 -23.04 -33.18 -0.23
CA ASP A 461 -21.69 -32.66 -0.05
C ASP A 461 -20.71 -33.81 0.15
N SER A 462 -21.17 -34.85 0.84
CA SER A 462 -20.36 -36.04 1.08
C SER A 462 -20.01 -36.75 -0.22
N ALA A 463 -20.88 -36.61 -1.22
CA ALA A 463 -20.61 -37.16 -2.55
C ALA A 463 -19.43 -36.42 -3.17
N PHE A 464 -19.35 -35.12 -2.90
CA PHE A 464 -18.22 -34.32 -3.35
C PHE A 464 -16.95 -34.72 -2.62
N CYS A 465 -17.05 -34.97 -1.31
CA CYS A 465 -15.88 -35.38 -0.54
C CYS A 465 -15.37 -36.77 -0.99
N THR A 466 -16.31 -37.64 -1.33
CA THR A 466 -15.96 -38.98 -1.79
C THR A 466 -15.34 -38.90 -3.18
N SER A 467 -15.91 -38.07 -4.05
CA SER A 467 -15.33 -37.83 -5.36
C SER A 467 -13.94 -37.23 -5.20
N LEU A 468 -13.74 -36.52 -4.10
CA LEU A 468 -12.46 -35.92 -3.77
C LEU A 468 -11.47 -37.01 -3.36
N GLU A 469 -12.00 -38.07 -2.74
CA GLU A 469 -11.18 -39.25 -2.44
C GLU A 469 -10.81 -40.01 -3.71
N TYR A 470 -11.52 -39.70 -4.80
CA TYR A 470 -11.31 -40.34 -6.09
C TYR A 470 -10.28 -39.59 -6.95
N GLY A 471 -9.61 -38.61 -6.35
CA GLY A 471 -8.53 -37.89 -7.03
C GLY A 471 -8.85 -36.81 -8.04
N LEU A 472 -9.65 -35.83 -7.64
CA LEU A 472 -9.80 -34.59 -8.40
C LEU A 472 -8.43 -33.96 -8.71
N PRO A 473 -8.20 -33.63 -10.00
CA PRO A 473 -6.94 -33.01 -10.44
C PRO A 473 -6.78 -31.60 -9.90
N PRO A 474 -5.56 -31.04 -9.94
CA PRO A 474 -5.46 -29.62 -9.57
C PRO A 474 -6.26 -28.77 -10.55
N THR A 475 -7.18 -27.95 -10.03
CA THR A 475 -8.12 -27.21 -10.87
C THR A 475 -8.42 -25.83 -10.29
N GLY A 476 -8.40 -24.80 -11.13
CA GLY A 476 -8.96 -23.53 -10.71
C GLY A 476 -10.44 -23.42 -10.97
N GLY A 477 -11.19 -22.85 -10.03
CA GLY A 477 -12.58 -22.49 -10.24
C GLY A 477 -12.83 -20.99 -10.32
N LEU A 478 -14.00 -20.62 -10.81
CA LEU A 478 -14.41 -19.23 -10.94
C LEU A 478 -15.93 -19.10 -10.96
N GLY A 479 -16.42 -17.93 -10.56
CA GLY A 479 -17.84 -17.65 -10.54
C GLY A 479 -18.13 -16.17 -10.73
N LEU A 480 -19.31 -15.88 -11.27
CA LEU A 480 -19.61 -14.56 -11.80
C LEU A 480 -20.93 -13.95 -11.33
N GLY A 481 -21.00 -12.63 -11.49
CA GLY A 481 -22.05 -11.78 -10.98
C GLY A 481 -23.10 -11.29 -11.97
N ILE A 482 -23.39 -12.07 -13.01
CA ILE A 482 -23.91 -11.56 -14.29
C ILE A 482 -24.97 -10.45 -14.17
N ASP A 483 -25.85 -10.55 -13.18
CA ASP A 483 -26.80 -9.48 -12.91
C ASP A 483 -26.08 -8.15 -12.60
N ARG A 484 -25.10 -8.21 -11.71
CA ARG A 484 -24.32 -7.02 -11.33
C ARG A 484 -23.46 -6.51 -12.49
N ILE A 485 -22.86 -7.42 -13.23
CA ILE A 485 -22.05 -7.06 -14.39
C ILE A 485 -22.90 -6.30 -15.40
N THR A 486 -24.12 -6.80 -15.60
CA THR A 486 -25.08 -6.15 -16.48
C THR A 486 -25.44 -4.79 -15.91
N MET A 487 -25.57 -4.70 -14.59
CA MET A 487 -25.81 -3.42 -13.92
C MET A 487 -24.77 -2.38 -14.34
N PHE A 488 -23.50 -2.74 -14.18
CA PHE A 488 -22.44 -1.79 -14.47
C PHE A 488 -22.30 -1.49 -15.96
N LEU A 489 -22.53 -2.49 -16.80
CA LEU A 489 -22.36 -2.31 -18.24
C LEU A 489 -23.57 -1.63 -18.88
N THR A 490 -24.74 -1.75 -18.25
CA THR A 490 -25.93 -1.05 -18.74
C THR A 490 -26.15 0.28 -18.00
N ASN A 491 -25.22 0.60 -17.11
CA ASN A 491 -25.27 1.81 -16.30
C ASN A 491 -26.56 1.92 -15.49
N LYS A 492 -26.75 1.01 -14.56
CA LYS A 492 -27.91 1.02 -13.67
C LYS A 492 -27.48 0.82 -12.21
N ASN A 493 -28.12 1.53 -11.30
CA ASN A 493 -27.74 1.50 -9.89
C ASN A 493 -28.44 0.40 -9.09
N SER A 494 -29.46 -0.21 -9.69
CA SER A 494 -30.21 -1.27 -9.02
C SER A 494 -30.24 -2.54 -9.84
N ILE A 495 -30.27 -3.69 -9.16
CA ILE A 495 -30.28 -4.99 -9.84
C ILE A 495 -31.63 -5.25 -10.48
N LYS A 496 -32.65 -4.50 -10.05
CA LYS A 496 -34.01 -4.72 -10.53
C LYS A 496 -34.21 -4.10 -11.90
N ASP A 497 -33.31 -3.21 -12.30
CA ASP A 497 -33.36 -2.58 -13.61
C ASP A 497 -32.79 -3.49 -14.70
N VAL A 498 -31.88 -4.39 -14.33
CA VAL A 498 -31.30 -5.32 -15.30
C VAL A 498 -32.02 -6.66 -15.27
N ILE A 499 -33.04 -6.77 -14.43
CA ILE A 499 -33.86 -7.98 -14.37
C ILE A 499 -35.27 -7.69 -14.90
N LEU A 500 -35.75 -8.55 -15.78
CA LEU A 500 -37.05 -8.38 -16.43
C LEU A 500 -38.20 -8.33 -15.42
N PHE A 501 -38.30 -9.36 -14.58
CA PHE A 501 -39.33 -9.40 -13.55
C PHE A 501 -38.73 -9.69 -12.18
N PRO A 502 -38.17 -8.66 -11.53
CA PRO A 502 -37.62 -8.84 -10.19
C PRO A 502 -38.68 -9.25 -9.18
N THR A 503 -38.33 -10.10 -8.22
CA THR A 503 -39.28 -10.59 -7.23
C THR A 503 -39.84 -9.46 -6.37
N MET A 504 -41.16 -9.40 -6.26
CA MET A 504 -41.80 -8.33 -5.52
C MET A 504 -43.03 -8.79 -4.72
N ARG A 505 -43.32 -8.03 -3.68
CA ARG A 505 -44.45 -8.27 -2.79
C ARG A 505 -45.71 -7.66 -3.40
N PRO A 506 -46.78 -8.46 -3.54
CA PRO A 506 -48.00 -8.01 -4.23
C PRO A 506 -48.68 -6.84 -3.52
N GLU B 2 -8.81 -61.68 -5.26
CA GLU B 2 -8.95 -60.24 -5.42
C GLU B 2 -8.85 -59.53 -4.08
N VAL B 3 -8.20 -58.36 -4.07
CA VAL B 3 -7.93 -57.62 -2.85
C VAL B 3 -9.17 -56.96 -2.27
N ASP B 4 -9.13 -56.66 -0.97
CA ASP B 4 -10.23 -55.99 -0.29
C ASP B 4 -10.11 -54.47 -0.43
N PRO B 5 -11.19 -53.82 -0.89
CA PRO B 5 -11.22 -52.38 -1.18
C PRO B 5 -10.85 -51.50 0.01
N ARG B 6 -11.38 -51.85 1.19
CA ARG B 6 -11.20 -51.05 2.39
C ARG B 6 -9.72 -50.81 2.73
N LEU B 7 -8.95 -51.88 2.85
CA LEU B 7 -7.56 -51.72 3.26
C LEU B 7 -6.71 -51.26 2.08
N TYR B 8 -7.25 -51.34 0.87
CA TYR B 8 -6.56 -50.76 -0.27
C TYR B 8 -6.57 -49.24 -0.09
N PHE B 9 -7.76 -48.72 0.16
CA PHE B 9 -7.99 -47.32 0.50
C PHE B 9 -7.08 -46.87 1.63
N GLU B 10 -7.08 -47.65 2.72
CA GLU B 10 -6.23 -47.35 3.86
C GLU B 10 -4.76 -47.34 3.47
N ASN B 11 -4.37 -48.36 2.72
CA ASN B 11 -2.98 -48.54 2.30
C ASN B 11 -2.44 -47.34 1.55
N ARG B 12 -3.22 -46.81 0.63
CA ARG B 12 -2.72 -45.65 -0.09
C ARG B 12 -2.95 -44.32 0.62
N SER B 13 -3.84 -44.28 1.60
CA SER B 13 -3.89 -43.09 2.44
C SER B 13 -2.58 -42.98 3.21
N LYS B 14 -2.19 -44.11 3.80
CA LYS B 14 -0.92 -44.26 4.49
C LYS B 14 0.23 -43.91 3.55
N PHE B 15 0.12 -44.40 2.32
CA PHE B 15 1.09 -44.09 1.28
C PHE B 15 1.22 -42.59 1.12
N ILE B 16 0.07 -41.92 1.05
CA ILE B 16 0.03 -40.48 0.80
C ILE B 16 0.76 -39.71 1.88
N GLN B 17 0.41 -39.92 3.15
CA GLN B 17 1.11 -39.11 4.15
C GLN B 17 2.54 -39.60 4.40
N ASP B 18 2.83 -40.86 4.13
CA ASP B 18 4.23 -41.29 4.20
C ASP B 18 5.04 -40.52 3.16
N GLN B 19 4.44 -40.32 1.99
CA GLN B 19 5.03 -39.50 0.93
C GLN B 19 5.15 -38.04 1.38
N LYS B 20 4.19 -37.60 2.19
CA LYS B 20 4.23 -36.25 2.75
C LYS B 20 5.37 -36.12 3.77
N ASP B 21 5.71 -37.22 4.41
CA ASP B 21 6.72 -37.27 5.45
C ASP B 21 8.12 -37.15 4.85
N LYS B 22 8.21 -37.43 3.55
CA LYS B 22 9.47 -37.38 2.83
C LYS B 22 9.64 -36.02 2.16
N GLY B 23 8.68 -35.14 2.39
CA GLY B 23 8.74 -33.78 1.89
C GLY B 23 8.07 -33.62 0.53
N ILE B 24 7.67 -34.75 -0.05
CA ILE B 24 7.04 -34.76 -1.37
C ILE B 24 5.57 -34.38 -1.27
N ASN B 25 5.12 -33.53 -2.18
CA ASN B 25 3.72 -33.12 -2.21
C ASN B 25 2.92 -33.93 -3.24
N PRO B 26 2.06 -34.83 -2.75
CA PRO B 26 1.25 -35.70 -3.62
C PRO B 26 0.18 -34.92 -4.37
N TYR B 27 -0.12 -33.71 -3.92
CA TYR B 27 -1.09 -32.86 -4.61
C TYR B 27 -0.47 -31.50 -4.94
N PRO B 28 0.40 -31.47 -5.97
CA PRO B 28 1.11 -30.25 -6.40
C PRO B 28 0.14 -29.14 -6.81
N HIS B 29 0.58 -27.89 -6.70
CA HIS B 29 -0.25 -26.75 -7.07
C HIS B 29 -0.44 -26.64 -8.57
N LYS B 30 0.66 -26.63 -9.29
CA LYS B 30 0.61 -26.42 -10.73
C LYS B 30 1.49 -27.40 -11.49
N PHE B 31 0.88 -28.06 -12.45
CA PHE B 31 1.60 -28.65 -13.56
C PHE B 31 1.28 -27.82 -14.80
N GLU B 32 2.28 -27.41 -15.57
CA GLU B 32 1.94 -26.65 -16.78
C GLU B 32 2.06 -27.54 -17.99
N ARG B 33 1.02 -27.47 -18.80
CA ARG B 33 0.74 -28.42 -19.86
C ARG B 33 1.03 -27.86 -21.25
N THR B 34 1.77 -28.63 -22.06
CA THR B 34 2.06 -28.22 -23.42
C THR B 34 0.85 -28.54 -24.31
N ILE B 35 0.24 -29.69 -24.07
CA ILE B 35 -0.75 -30.20 -25.00
C ILE B 35 -1.81 -31.08 -24.33
N SER B 36 -3.03 -31.07 -24.88
CA SER B 36 -4.13 -31.89 -24.38
C SER B 36 -4.24 -33.15 -25.25
N ILE B 37 -4.66 -34.26 -24.66
CA ILE B 37 -4.57 -35.55 -25.32
C ILE B 37 -5.23 -35.65 -26.71
N PRO B 38 -6.47 -35.16 -26.89
CA PRO B 38 -6.97 -35.21 -28.27
C PRO B 38 -6.12 -34.39 -29.24
N GLU B 39 -5.51 -33.29 -28.80
CA GLU B 39 -4.63 -32.49 -29.66
C GLU B 39 -3.37 -33.28 -29.97
N PHE B 40 -2.84 -33.93 -28.94
CA PHE B 40 -1.72 -34.86 -29.04
C PHE B 40 -2.00 -35.90 -30.12
N ILE B 41 -3.12 -36.59 -29.95
CA ILE B 41 -3.63 -37.56 -30.91
C ILE B 41 -3.53 -36.97 -32.30
N GLU B 42 -4.32 -35.94 -32.57
CA GLU B 42 -4.39 -35.31 -33.89
C GLU B 42 -3.03 -34.96 -34.51
N LYS B 43 -2.15 -34.36 -33.71
CA LYS B 43 -0.84 -33.99 -34.22
C LYS B 43 -0.02 -35.22 -34.63
N TYR B 44 0.05 -36.22 -33.76
CA TYR B 44 0.99 -37.33 -34.00
C TYR B 44 0.46 -38.67 -34.58
N LYS B 45 -0.83 -38.79 -34.95
CA LYS B 45 -1.42 -40.08 -35.35
C LYS B 45 -0.63 -40.91 -36.36
N ASP B 46 -0.20 -40.25 -37.44
CA ASP B 46 0.26 -40.89 -38.67
C ASP B 46 1.77 -41.10 -38.74
N LEU B 47 2.45 -40.87 -37.61
CA LEU B 47 3.84 -41.27 -37.48
C LEU B 47 4.01 -42.72 -37.89
N GLY B 48 5.08 -43.02 -38.62
CA GLY B 48 5.35 -44.38 -39.02
C GLY B 48 5.46 -45.25 -37.79
N ASN B 49 5.24 -46.56 -37.96
CA ASN B 49 5.33 -47.47 -36.84
C ASN B 49 6.75 -47.52 -36.29
N GLY B 50 6.89 -47.27 -35.01
CA GLY B 50 8.19 -47.23 -34.37
C GLY B 50 8.91 -45.91 -34.59
N GLU B 51 8.15 -44.92 -35.10
CA GLU B 51 8.70 -43.58 -35.31
C GLU B 51 8.64 -42.73 -34.05
N HIS B 52 9.63 -41.88 -33.98
CA HIS B 52 10.17 -41.33 -32.79
C HIS B 52 10.59 -39.87 -33.03
N LEU B 53 9.99 -38.91 -32.32
CA LEU B 53 10.55 -37.55 -32.40
C LEU B 53 11.20 -37.33 -31.07
N GLU B 54 12.53 -37.43 -31.08
CA GLU B 54 13.27 -37.50 -29.84
C GLU B 54 13.77 -36.13 -29.42
N ASP B 55 13.67 -35.16 -30.33
CA ASP B 55 14.02 -33.78 -30.03
C ASP B 55 12.86 -33.01 -29.39
N THR B 56 11.64 -33.49 -29.59
CA THR B 56 10.45 -32.75 -29.16
C THR B 56 9.95 -33.21 -27.80
N ILE B 57 10.02 -32.32 -26.82
CA ILE B 57 9.61 -32.66 -25.45
C ILE B 57 8.36 -31.90 -25.03
N LEU B 58 7.37 -32.65 -24.55
CA LEU B 58 6.08 -32.10 -24.16
C LEU B 58 5.75 -32.41 -22.70
N ASN B 59 4.93 -31.55 -22.10
CA ASN B 59 4.35 -31.82 -20.79
C ASN B 59 2.85 -32.04 -20.91
N ILE B 60 2.41 -33.27 -20.67
CA ILE B 60 1.02 -33.67 -20.88
C ILE B 60 0.44 -34.24 -19.58
N THR B 61 -0.86 -34.03 -19.36
CA THR B 61 -1.51 -34.56 -18.16
C THR B 61 -2.51 -35.64 -18.51
N GLY B 62 -2.76 -36.55 -17.56
CA GLY B 62 -3.78 -37.55 -17.79
C GLY B 62 -4.12 -38.41 -16.59
N ARG B 63 -5.16 -39.23 -16.74
CA ARG B 63 -5.52 -40.19 -15.69
C ARG B 63 -5.14 -41.60 -16.14
N ILE B 64 -4.50 -42.36 -15.25
CA ILE B 64 -4.07 -43.71 -15.59
C ILE B 64 -5.24 -44.69 -15.48
N MET B 65 -5.64 -45.29 -16.60
CA MET B 65 -6.69 -46.31 -16.57
C MET B 65 -6.22 -47.77 -16.72
N ARG B 66 -4.94 -47.99 -16.98
CA ARG B 66 -4.42 -49.36 -17.04
C ARG B 66 -2.92 -49.41 -16.77
N VAL B 67 -2.48 -50.49 -16.12
CA VAL B 67 -1.07 -50.65 -15.75
C VAL B 67 -0.58 -52.06 -16.06
N SER B 68 0.60 -52.14 -16.67
CA SER B 68 1.29 -53.40 -16.88
C SER B 68 2.58 -53.39 -16.07
N ALA B 69 2.94 -54.54 -15.51
CA ALA B 69 4.14 -54.64 -14.68
C ALA B 69 5.41 -54.42 -15.48
N GLN B 72 9.87 -54.34 -15.39
CA GLN B 72 11.31 -54.50 -15.21
C GLN B 72 11.97 -53.15 -15.43
N LYS B 73 12.63 -53.01 -16.57
CA LYS B 73 13.18 -51.74 -17.01
C LYS B 73 12.20 -51.10 -18.00
N LEU B 74 11.05 -51.74 -18.17
CA LEU B 74 10.05 -51.27 -19.13
C LEU B 74 8.62 -51.26 -18.57
N ARG B 75 7.90 -50.15 -18.76
CA ARG B 75 6.52 -50.08 -18.28
C ARG B 75 5.56 -49.49 -19.30
N PHE B 76 4.31 -49.98 -19.26
CA PHE B 76 3.25 -49.48 -20.13
C PHE B 76 2.04 -49.01 -19.34
N PHE B 77 1.42 -47.92 -19.77
CA PHE B 77 0.18 -47.44 -19.15
C PHE B 77 -0.84 -47.04 -20.22
N ASP B 78 -2.09 -46.88 -19.80
CA ASP B 78 -3.09 -46.23 -20.65
C ASP B 78 -3.43 -44.89 -20.00
N LEU B 79 -2.97 -43.82 -20.62
CA LEU B 79 -3.28 -42.47 -20.18
C LEU B 79 -4.50 -41.96 -20.92
N VAL B 80 -5.57 -41.69 -20.17
CA VAL B 80 -6.77 -41.16 -20.79
C VAL B 80 -7.01 -39.72 -20.37
N GLY B 81 -7.63 -38.98 -21.27
CA GLY B 81 -8.13 -37.65 -20.96
C GLY B 81 -9.01 -37.17 -22.08
N ASP B 82 -9.95 -36.31 -21.74
CA ASP B 82 -10.86 -35.70 -22.71
C ASP B 82 -11.44 -36.73 -23.69
N GLY B 83 -11.67 -37.93 -23.17
CA GLY B 83 -12.38 -38.96 -23.91
C GLY B 83 -11.52 -39.90 -24.73
N GLU B 84 -10.24 -39.58 -24.87
CA GLU B 84 -9.38 -40.43 -25.68
C GLU B 84 -8.18 -40.93 -24.90
N LYS B 85 -7.41 -41.80 -25.55
CA LYS B 85 -6.40 -42.59 -24.87
C LYS B 85 -5.11 -42.65 -25.66
N ILE B 86 -4.00 -42.47 -24.95
CA ILE B 86 -2.68 -42.73 -25.48
C ILE B 86 -2.09 -43.73 -24.51
N GLN B 87 -1.19 -44.57 -24.97
CA GLN B 87 -0.30 -45.29 -24.06
C GLN B 87 0.98 -44.56 -23.61
N VAL B 88 1.32 -44.81 -22.35
CA VAL B 88 2.52 -44.28 -21.75
C VAL B 88 3.59 -45.35 -21.74
N LEU B 89 4.62 -45.16 -22.55
CA LEU B 89 5.71 -46.11 -22.58
C LEU B 89 6.86 -45.52 -21.78
N ALA B 90 7.09 -46.08 -20.60
CA ALA B 90 8.18 -45.62 -19.75
C ALA B 90 9.37 -46.54 -19.93
N ASN B 91 10.41 -46.01 -20.57
CA ASN B 91 11.63 -46.77 -20.79
C ASN B 91 12.65 -46.38 -19.74
N TYR B 92 13.28 -47.38 -19.13
CA TYR B 92 14.27 -47.09 -18.09
C TYR B 92 15.40 -46.25 -18.63
N SER B 93 15.86 -46.57 -19.84
CA SER B 93 17.02 -45.92 -20.41
C SER B 93 16.75 -44.44 -20.68
N PHE B 94 15.49 -44.12 -20.99
CA PHE B 94 15.07 -42.75 -21.26
C PHE B 94 14.89 -41.93 -19.99
N HIS B 95 14.39 -42.56 -18.95
CA HIS B 95 13.96 -41.88 -17.73
C HIS B 95 15.08 -41.10 -17.06
N ASN B 96 14.78 -39.86 -16.66
CA ASN B 96 15.77 -39.02 -16.03
C ASN B 96 15.92 -39.48 -14.60
N HIS B 97 17.10 -39.96 -14.26
CA HIS B 97 17.33 -40.59 -12.96
C HIS B 97 17.64 -39.57 -11.86
N GLU B 98 18.08 -38.38 -12.28
CA GLU B 98 18.48 -37.32 -11.35
C GLU B 98 17.31 -36.91 -10.45
N LYS B 99 16.12 -36.87 -11.03
CA LYS B 99 14.92 -36.55 -10.28
C LYS B 99 14.61 -37.64 -9.25
N GLY B 100 14.74 -38.90 -9.66
CA GLY B 100 14.48 -40.01 -8.78
C GLY B 100 14.70 -41.37 -9.41
N ASN B 101 14.65 -42.41 -8.59
CA ASN B 101 14.83 -43.79 -9.05
C ASN B 101 13.63 -44.26 -9.89
N PHE B 102 13.92 -44.93 -10.99
CA PHE B 102 12.89 -45.42 -11.92
C PHE B 102 11.89 -46.34 -11.24
N ALA B 103 12.42 -47.36 -10.56
CA ALA B 103 11.65 -48.37 -9.88
C ALA B 103 10.57 -47.75 -9.00
N GLU B 104 10.98 -47.04 -7.95
CA GLU B 104 10.02 -46.49 -6.99
C GLU B 104 9.14 -45.40 -7.58
N CYS B 105 9.68 -44.59 -8.49
CA CYS B 105 8.91 -43.52 -9.07
C CYS B 105 7.74 -44.08 -9.86
N TYR B 106 7.96 -45.23 -10.50
CA TYR B 106 6.89 -45.85 -11.27
C TYR B 106 6.15 -47.00 -10.58
N ASP B 107 6.59 -47.40 -9.40
CA ASP B 107 5.86 -48.40 -8.61
C ASP B 107 4.83 -47.68 -7.76
N LYS B 108 5.01 -46.38 -7.69
CA LYS B 108 4.09 -45.49 -6.98
C LYS B 108 2.78 -45.35 -7.73
N ILE B 109 2.89 -45.23 -9.04
CA ILE B 109 1.72 -45.06 -9.89
C ILE B 109 0.86 -46.30 -9.96
N ARG B 110 -0.40 -46.17 -9.57
CA ARG B 110 -1.36 -47.26 -9.72
C ARG B 110 -2.69 -46.69 -10.25
N ARG B 111 -3.54 -47.57 -10.77
CA ARG B 111 -4.67 -47.20 -11.62
C ARG B 111 -5.60 -46.13 -11.04
N GLY B 112 -6.00 -45.17 -11.87
CA GLY B 112 -6.91 -44.12 -11.48
C GLY B 112 -6.21 -42.82 -11.14
N ASP B 113 -4.89 -42.88 -11.02
CA ASP B 113 -4.09 -41.72 -10.64
C ASP B 113 -3.99 -40.68 -11.73
N ILE B 114 -3.98 -39.42 -11.32
CA ILE B 114 -3.77 -38.32 -12.25
C ILE B 114 -2.33 -37.85 -12.20
N VAL B 115 -1.65 -38.01 -13.32
CA VAL B 115 -0.23 -37.71 -13.41
C VAL B 115 0.08 -36.67 -14.47
N GLY B 116 1.06 -35.83 -14.16
CA GLY B 116 1.73 -35.02 -15.17
C GLY B 116 2.89 -35.83 -15.72
N ILE B 117 3.19 -35.63 -17.00
CA ILE B 117 4.22 -36.40 -17.69
C ILE B 117 5.06 -35.50 -18.59
N VAL B 118 6.36 -35.49 -18.36
CA VAL B 118 7.27 -34.77 -19.25
C VAL B 118 8.05 -35.77 -20.09
N GLY B 119 7.79 -35.78 -21.39
CA GLY B 119 8.44 -36.72 -22.27
C GLY B 119 8.20 -36.46 -23.74
N PHE B 120 8.65 -37.37 -24.60
CA PHE B 120 8.59 -37.14 -26.04
C PHE B 120 7.63 -38.09 -26.72
N PRO B 121 6.94 -37.61 -27.76
CA PRO B 121 5.97 -38.45 -28.49
C PRO B 121 6.66 -39.49 -29.34
N GLY B 122 5.92 -40.53 -29.70
CA GLY B 122 6.42 -41.55 -30.59
C GLY B 122 5.33 -42.56 -30.83
N LYS B 123 5.66 -43.60 -31.58
CA LYS B 123 4.71 -44.68 -31.78
C LYS B 123 5.35 -46.01 -31.44
N SER B 124 4.58 -46.89 -30.84
CA SER B 124 5.08 -48.20 -30.44
C SER B 124 5.58 -48.94 -31.67
N LYS B 125 6.53 -49.85 -31.48
CA LYS B 125 7.00 -50.68 -32.58
C LYS B 125 5.83 -51.53 -33.08
N LYS B 126 4.92 -51.85 -32.16
CA LYS B 126 3.66 -52.51 -32.51
C LYS B 126 2.71 -51.53 -33.19
N GLY B 127 3.10 -50.26 -33.20
CA GLY B 127 2.38 -49.26 -33.96
C GLY B 127 1.09 -48.65 -33.40
N GLU B 128 1.05 -48.35 -32.11
CA GLU B 128 0.03 -47.43 -31.63
C GLU B 128 0.62 -46.38 -30.70
N LEU B 129 0.06 -45.18 -30.78
CA LEU B 129 0.64 -43.95 -30.27
C LEU B 129 1.06 -43.99 -28.81
N SER B 130 2.22 -43.40 -28.52
CA SER B 130 2.80 -43.49 -27.19
C SER B 130 3.52 -42.21 -26.78
N ILE B 131 3.43 -41.88 -25.49
CA ILE B 131 4.25 -40.82 -24.91
C ILE B 131 5.33 -41.45 -24.04
N PHE B 132 6.58 -41.12 -24.32
CA PHE B 132 7.70 -41.67 -23.56
C PHE B 132 8.18 -40.67 -22.53
N PRO B 133 7.83 -40.89 -21.26
CA PRO B 133 8.28 -39.93 -20.24
C PRO B 133 9.76 -40.03 -19.93
N LYS B 134 10.44 -38.89 -19.90
CA LYS B 134 11.74 -38.80 -19.26
C LYS B 134 11.48 -38.60 -17.78
N GLU B 135 10.29 -38.07 -17.48
CA GLU B 135 9.87 -37.83 -16.11
C GLU B 135 8.35 -37.93 -15.98
N THR B 136 7.87 -38.52 -14.88
CA THR B 136 6.45 -38.60 -14.59
C THR B 136 6.18 -38.23 -13.13
N ILE B 137 5.31 -37.25 -12.93
CA ILE B 137 5.02 -36.77 -11.59
C ILE B 137 3.55 -37.02 -11.23
N LEU B 138 3.31 -37.35 -9.96
CA LEU B 138 1.94 -37.54 -9.48
C LEU B 138 1.28 -36.20 -9.17
N LEU B 139 0.16 -35.95 -9.81
CA LEU B 139 -0.61 -34.72 -9.57
C LEU B 139 -1.69 -34.94 -8.52
N SER B 140 -2.63 -35.83 -8.79
CA SER B 140 -3.68 -36.13 -7.82
C SER B 140 -3.91 -37.63 -7.69
N ALA B 141 -3.74 -38.14 -6.48
CA ALA B 141 -3.81 -39.58 -6.24
C ALA B 141 -5.25 -40.06 -6.06
N CYS B 142 -5.52 -41.25 -6.58
CA CYS B 142 -6.82 -41.88 -6.44
C CYS B 142 -6.76 -42.98 -5.39
N LEU B 143 -7.59 -42.85 -4.36
CA LEU B 143 -7.50 -43.72 -3.18
C LEU B 143 -8.34 -44.98 -3.30
N HIS B 144 -9.16 -45.07 -4.33
CA HIS B 144 -10.04 -46.23 -4.50
C HIS B 144 -9.63 -47.07 -5.71
N MET B 145 -9.93 -48.37 -5.63
CA MET B 145 -9.58 -49.33 -6.67
C MET B 145 -10.11 -48.97 -8.05
N LEU B 146 -11.22 -48.25 -8.06
CA LEU B 146 -12.06 -47.99 -9.23
C LEU B 146 -12.74 -49.29 -9.63
N PRO B 147 -13.95 -49.19 -10.21
CA PRO B 147 -14.58 -50.42 -10.66
C PRO B 147 -14.14 -50.77 -12.08
N MET B 148 -14.75 -51.80 -12.64
CA MET B 148 -14.44 -52.24 -13.98
C MET B 148 -15.63 -51.95 -14.86
N LYS B 149 -15.55 -52.39 -16.11
CA LYS B 149 -16.67 -52.25 -17.03
C LYS B 149 -17.85 -53.11 -16.54
N TYR B 150 -17.58 -54.03 -15.63
CA TYR B 150 -18.64 -54.75 -14.92
C TYR B 150 -19.36 -53.78 -14.02
N GLY B 151 -18.59 -52.95 -13.33
CA GLY B 151 -19.02 -52.23 -12.14
C GLY B 151 -20.35 -51.48 -12.20
N LEU B 152 -20.62 -50.80 -13.32
CA LEU B 152 -21.72 -49.86 -13.41
C LEU B 152 -22.73 -50.40 -14.44
N LYS B 153 -23.99 -49.93 -14.40
CA LYS B 153 -25.03 -50.42 -15.35
C LYS B 153 -25.32 -51.92 -15.22
N ASP B 154 -26.19 -52.27 -14.27
CA ASP B 154 -27.18 -51.32 -13.77
C ASP B 154 -27.00 -51.10 -12.30
N THR B 155 -27.12 -49.85 -11.85
CA THR B 155 -26.67 -49.56 -10.50
C THR B 155 -27.24 -48.24 -10.02
N GLU B 156 -27.33 -48.10 -8.70
CA GLU B 156 -27.63 -46.82 -8.12
C GLU B 156 -26.41 -45.91 -8.33
N ILE B 157 -25.22 -46.37 -7.94
CA ILE B 157 -23.99 -45.56 -7.97
C ILE B 157 -23.64 -45.07 -9.37
N ARG B 158 -24.23 -45.66 -10.42
CA ARG B 158 -24.02 -45.12 -11.77
C ARG B 158 -24.62 -43.71 -11.79
N TYR B 159 -25.76 -43.57 -11.11
CA TYR B 159 -26.41 -42.27 -10.92
C TYR B 159 -25.87 -41.46 -9.74
N ARG B 160 -25.67 -42.13 -8.60
CA ARG B 160 -25.27 -41.46 -7.36
C ARG B 160 -23.82 -41.00 -7.44
N GLN B 161 -22.93 -41.88 -7.88
CA GLN B 161 -21.58 -41.46 -8.20
C GLN B 161 -21.47 -41.37 -9.72
N ARG B 162 -21.55 -40.16 -10.25
CA ARG B 162 -21.64 -39.96 -11.70
C ARG B 162 -20.27 -40.00 -12.37
N TYR B 163 -19.27 -39.49 -11.66
CA TYR B 163 -17.91 -39.39 -12.16
C TYR B 163 -17.39 -40.77 -12.56
N LEU B 164 -17.77 -41.78 -11.79
CA LEU B 164 -17.41 -43.16 -12.13
C LEU B 164 -18.02 -43.52 -13.47
N ASP B 165 -19.29 -43.15 -13.66
CA ASP B 165 -20.00 -43.46 -14.91
C ASP B 165 -19.29 -42.82 -16.09
N LEU B 166 -18.84 -41.58 -15.90
CA LEU B 166 -18.21 -40.84 -16.98
C LEU B 166 -16.81 -41.37 -17.28
N LEU B 167 -16.09 -41.78 -16.24
CA LEU B 167 -14.74 -42.32 -16.43
C LEU B 167 -14.73 -43.71 -17.06
N ILE B 168 -15.44 -44.65 -16.42
CA ILE B 168 -15.36 -46.06 -16.78
C ILE B 168 -16.19 -46.46 -17.99
N ASN B 169 -17.45 -46.05 -18.03
CA ASN B 169 -18.37 -46.52 -19.07
C ASN B 169 -17.98 -46.05 -20.47
N GLU B 170 -17.55 -44.80 -20.58
CA GLU B 170 -17.11 -44.19 -21.84
C GLU B 170 -18.26 -44.00 -22.82
N SER B 171 -19.39 -44.64 -22.55
CA SER B 171 -20.62 -44.39 -23.28
C SER B 171 -21.35 -43.16 -22.72
N SER B 172 -21.36 -43.05 -21.40
CA SER B 172 -22.14 -42.05 -20.68
C SER B 172 -21.83 -40.60 -21.09
N ARG B 173 -20.55 -40.27 -21.14
CA ARG B 173 -20.17 -38.91 -21.47
C ARG B 173 -20.40 -38.61 -22.95
N HIS B 174 -20.50 -39.64 -23.78
CA HIS B 174 -20.93 -39.42 -25.14
C HIS B 174 -22.38 -38.98 -25.15
N THR B 175 -23.17 -39.66 -24.31
CA THR B 175 -24.56 -39.31 -24.12
C THR B 175 -24.69 -37.85 -23.74
N PHE B 176 -23.92 -37.42 -22.75
CA PHE B 176 -24.10 -36.05 -22.24
C PHE B 176 -23.52 -34.98 -23.14
N VAL B 177 -22.41 -35.31 -23.82
CA VAL B 177 -21.94 -34.47 -24.91
C VAL B 177 -23.10 -34.25 -25.85
N THR B 178 -23.71 -35.34 -26.31
CA THR B 178 -24.85 -35.25 -27.20
C THR B 178 -25.92 -34.32 -26.66
N ARG B 179 -26.32 -34.49 -25.39
CA ARG B 179 -27.31 -33.58 -24.78
C ARG B 179 -26.91 -32.11 -24.98
N THR B 180 -25.66 -31.81 -24.69
CA THR B 180 -25.17 -30.44 -24.85
C THR B 180 -25.20 -29.98 -26.32
N LYS B 181 -24.88 -30.87 -27.27
CA LYS B 181 -24.92 -30.48 -28.68
C LYS B 181 -26.36 -30.25 -29.12
N ILE B 182 -27.29 -31.03 -28.56
CA ILE B 182 -28.71 -30.83 -28.80
C ILE B 182 -29.10 -29.42 -28.43
N ILE B 183 -28.82 -29.08 -27.18
CA ILE B 183 -29.24 -27.78 -26.64
C ILE B 183 -28.55 -26.62 -27.35
N ASN B 184 -27.26 -26.76 -27.62
CA ASN B 184 -26.51 -25.77 -28.40
C ASN B 184 -27.16 -25.57 -29.76
N PHE B 185 -27.45 -26.68 -30.43
CA PHE B 185 -28.04 -26.64 -31.76
C PHE B 185 -29.40 -25.97 -31.72
N LEU B 186 -30.15 -26.16 -30.64
CA LEU B 186 -31.46 -25.54 -30.49
C LEU B 186 -31.36 -24.04 -30.27
N ARG B 187 -30.46 -23.64 -29.38
CA ARG B 187 -30.23 -22.23 -29.07
C ARG B 187 -29.80 -21.47 -30.32
N ASN B 188 -28.84 -22.03 -31.05
CA ASN B 188 -28.36 -21.41 -32.28
C ASN B 188 -29.45 -21.43 -33.37
N PHE B 189 -30.21 -22.52 -33.39
CA PHE B 189 -31.33 -22.69 -34.32
C PHE B 189 -32.35 -21.57 -34.16
N LEU B 190 -32.67 -21.26 -32.91
CA LEU B 190 -33.62 -20.19 -32.61
C LEU B 190 -33.00 -18.82 -32.85
N ASN B 191 -31.78 -18.62 -32.38
CA ASN B 191 -31.07 -17.37 -32.54
C ASN B 191 -30.96 -16.93 -34.00
N GLU B 192 -30.77 -17.89 -34.89
CA GLU B 192 -30.60 -17.60 -36.30
C GLU B 192 -31.90 -17.07 -36.93
N ARG B 193 -33.02 -17.33 -36.25
CA ARG B 193 -34.32 -16.91 -36.74
C ARG B 193 -34.76 -15.57 -36.14
N GLY B 194 -33.87 -14.94 -35.39
CA GLY B 194 -34.15 -13.64 -34.83
C GLY B 194 -34.84 -13.76 -33.48
N PHE B 195 -34.77 -14.94 -32.89
CA PHE B 195 -35.35 -15.16 -31.58
C PHE B 195 -34.49 -14.54 -30.49
N PHE B 196 -35.14 -14.18 -29.40
CA PHE B 196 -34.48 -13.43 -28.33
C PHE B 196 -34.59 -14.20 -27.02
N GLU B 197 -33.45 -14.66 -26.53
CA GLU B 197 -33.43 -15.41 -25.28
C GLU B 197 -33.63 -14.49 -24.10
N VAL B 198 -34.35 -14.96 -23.09
CA VAL B 198 -34.60 -14.16 -21.88
C VAL B 198 -34.53 -15.04 -20.65
N GLU B 199 -34.50 -14.40 -19.49
CA GLU B 199 -34.56 -15.11 -18.22
C GLU B 199 -35.85 -14.73 -17.51
N THR B 200 -36.57 -15.73 -17.02
CA THR B 200 -37.83 -15.48 -16.32
C THR B 200 -37.74 -15.95 -14.87
N PRO B 201 -38.58 -15.39 -13.99
CA PRO B 201 -38.63 -15.84 -12.60
C PRO B 201 -38.86 -17.33 -12.45
N MET B 202 -38.08 -17.99 -11.60
CA MET B 202 -38.32 -19.39 -11.29
C MET B 202 -39.22 -19.50 -10.08
N MET B 203 -39.50 -18.35 -9.47
CA MET B 203 -40.37 -18.29 -8.30
C MET B 203 -41.53 -17.34 -8.55
N ASN B 204 -42.74 -17.89 -8.50
CA ASN B 204 -43.94 -17.11 -8.78
C ASN B 204 -44.95 -17.22 -7.65
N LEU B 205 -45.80 -16.21 -7.54
CA LEU B 205 -46.92 -16.25 -6.61
C LEU B 205 -48.00 -17.16 -7.18
N ILE B 206 -47.96 -17.32 -8.50
CA ILE B 206 -48.84 -18.25 -9.19
C ILE B 206 -48.56 -19.65 -8.66
N ALA B 207 -49.62 -20.41 -8.44
CA ALA B 207 -49.49 -21.77 -7.94
C ALA B 207 -49.07 -22.66 -9.09
N GLY B 208 -49.22 -23.97 -8.92
CA GLY B 208 -48.99 -24.90 -10.00
C GLY B 208 -50.21 -24.83 -10.90
N GLY B 209 -50.56 -25.93 -11.53
CA GLY B 209 -51.67 -25.90 -12.46
C GLY B 209 -52.41 -27.20 -12.28
N ALA B 210 -53.63 -27.26 -12.81
CA ALA B 210 -54.52 -28.39 -12.57
C ALA B 210 -53.83 -29.70 -12.88
N ASN B 211 -52.94 -29.68 -13.86
CA ASN B 211 -52.21 -30.88 -14.26
C ASN B 211 -51.10 -31.28 -13.28
N ALA B 212 -50.45 -30.31 -12.67
CA ALA B 212 -49.31 -30.60 -11.79
C ALA B 212 -49.28 -29.78 -10.50
N ARG B 213 -49.10 -30.47 -9.39
CA ARG B 213 -48.89 -29.81 -8.10
C ARG B 213 -47.67 -28.89 -8.15
N PRO B 214 -47.75 -27.74 -7.46
CA PRO B 214 -46.62 -26.80 -7.33
C PRO B 214 -45.56 -27.22 -6.31
N PHE B 215 -44.31 -26.89 -6.59
CA PHE B 215 -43.27 -26.89 -5.57
C PHE B 215 -43.41 -25.62 -4.72
N ILE B 216 -43.52 -25.75 -3.41
CA ILE B 216 -43.71 -24.58 -2.56
C ILE B 216 -42.46 -24.25 -1.75
N THR B 217 -42.10 -22.97 -1.75
CA THR B 217 -40.98 -22.46 -0.96
C THR B 217 -41.38 -21.13 -0.33
N HIS B 218 -40.57 -20.62 0.59
CA HIS B 218 -40.91 -19.41 1.34
C HIS B 218 -39.71 -18.45 1.46
N HIS B 219 -39.91 -17.18 1.09
CA HIS B 219 -38.91 -16.13 1.34
C HIS B 219 -39.22 -15.45 2.67
N ASN B 220 -38.29 -15.59 3.62
CA ASN B 220 -38.54 -15.21 5.01
C ASN B 220 -38.63 -13.72 5.32
N ASP B 221 -37.76 -12.90 4.72
CA ASP B 221 -37.74 -11.47 5.03
C ASP B 221 -38.96 -10.75 4.44
N LEU B 222 -39.38 -11.15 3.25
CA LEU B 222 -40.59 -10.60 2.68
C LEU B 222 -41.81 -11.33 3.25
N ASP B 223 -41.53 -12.42 3.97
CA ASP B 223 -42.56 -13.28 4.55
C ASP B 223 -43.56 -13.65 3.48
N LEU B 224 -43.04 -14.13 2.35
CA LEU B 224 -43.86 -14.36 1.17
C LEU B 224 -43.76 -15.80 0.70
N ASP B 225 -44.90 -16.45 0.53
CA ASP B 225 -44.94 -17.80 -0.02
C ASP B 225 -44.78 -17.76 -1.53
N LEU B 226 -43.76 -18.44 -2.04
CA LEU B 226 -43.49 -18.50 -3.47
C LEU B 226 -43.61 -19.91 -3.99
N TYR B 227 -43.94 -20.03 -5.27
CA TYR B 227 -44.10 -21.33 -5.92
C TYR B 227 -43.18 -21.45 -7.12
N LEU B 228 -42.41 -22.52 -7.18
CA LEU B 228 -41.55 -22.77 -8.34
C LEU B 228 -42.37 -22.94 -9.61
N ARG B 229 -41.88 -22.39 -10.71
CA ARG B 229 -42.60 -22.38 -11.98
C ARG B 229 -42.78 -23.78 -12.59
N ILE B 230 -43.99 -24.06 -13.02
CA ILE B 230 -44.31 -25.30 -13.75
C ILE B 230 -44.22 -25.10 -15.25
N ALA B 231 -44.10 -23.83 -15.66
CA ALA B 231 -43.90 -23.47 -17.07
C ALA B 231 -43.33 -22.05 -17.17
N THR B 232 -42.76 -21.72 -18.32
CA THR B 232 -42.19 -20.38 -18.52
C THR B 232 -43.17 -19.43 -19.24
N GLU B 233 -44.34 -19.95 -19.59
CA GLU B 233 -45.26 -19.32 -20.55
C GLU B 233 -45.68 -17.87 -20.27
N LEU B 234 -46.24 -17.62 -19.09
CA LEU B 234 -46.92 -16.35 -18.79
C LEU B 234 -46.02 -15.10 -18.93
N PRO B 235 -44.84 -15.11 -18.29
CA PRO B 235 -43.98 -13.93 -18.47
C PRO B 235 -43.50 -13.78 -19.92
N LEU B 236 -43.31 -14.88 -20.63
CA LEU B 236 -42.87 -14.82 -22.02
C LEU B 236 -43.93 -14.13 -22.88
N LYS B 237 -45.17 -14.57 -22.74
CA LYS B 237 -46.27 -13.92 -23.44
C LYS B 237 -46.36 -12.44 -23.07
N MET B 238 -46.11 -12.13 -21.80
CA MET B 238 -46.05 -10.75 -21.38
C MET B 238 -44.94 -9.98 -22.11
N LEU B 239 -43.85 -10.68 -22.42
CA LEU B 239 -42.79 -10.07 -23.21
C LEU B 239 -43.23 -9.82 -24.65
N ILE B 240 -44.05 -10.73 -25.18
CA ILE B 240 -44.61 -10.53 -26.52
C ILE B 240 -45.50 -9.30 -26.52
N VAL B 241 -46.23 -9.08 -25.43
CA VAL B 241 -46.97 -7.83 -25.24
C VAL B 241 -45.98 -6.65 -25.24
N GLY B 242 -44.84 -6.87 -24.61
CA GLY B 242 -43.85 -5.83 -24.41
C GLY B 242 -43.05 -5.38 -25.62
N GLY B 243 -43.23 -6.07 -26.74
CA GLY B 243 -42.55 -5.66 -27.97
C GLY B 243 -41.41 -6.54 -28.40
N ILE B 244 -41.16 -7.61 -27.65
CA ILE B 244 -40.22 -8.62 -28.12
C ILE B 244 -41.06 -9.63 -28.88
N ASP B 245 -40.96 -9.63 -30.20
CA ASP B 245 -41.88 -10.40 -31.03
C ASP B 245 -41.48 -11.87 -31.16
N LYS B 246 -40.18 -12.14 -31.10
CA LYS B 246 -39.71 -13.51 -31.03
C LYS B 246 -38.90 -13.71 -29.76
N VAL B 247 -39.45 -14.48 -28.83
CA VAL B 247 -38.82 -14.64 -27.53
C VAL B 247 -38.74 -16.12 -27.18
N TYR B 248 -37.76 -16.50 -26.38
CA TYR B 248 -37.68 -17.87 -25.91
C TYR B 248 -36.86 -17.98 -24.65
N GLU B 249 -37.05 -19.09 -23.94
CA GLU B 249 -36.23 -19.40 -22.79
C GLU B 249 -35.94 -20.88 -22.71
N ILE B 250 -34.69 -21.20 -22.41
CA ILE B 250 -34.27 -22.56 -22.13
C ILE B 250 -33.88 -22.64 -20.67
N GLY B 251 -34.64 -23.38 -19.88
CA GLY B 251 -34.37 -23.38 -18.45
C GLY B 251 -35.06 -24.50 -17.71
N LYS B 252 -34.79 -24.56 -16.41
CA LYS B 252 -35.39 -25.60 -15.59
C LYS B 252 -36.85 -25.27 -15.29
N VAL B 253 -37.64 -26.32 -15.22
CA VAL B 253 -39.07 -26.25 -15.03
C VAL B 253 -39.45 -27.33 -14.01
N PHE B 254 -40.33 -26.97 -13.09
CA PHE B 254 -40.59 -27.80 -11.92
C PHE B 254 -42.05 -28.26 -11.81
N ARG B 255 -42.26 -29.56 -11.92
CA ARG B 255 -43.56 -30.17 -11.66
C ARG B 255 -43.43 -31.16 -10.51
N ASN B 256 -44.44 -31.22 -9.64
CA ASN B 256 -44.34 -32.00 -8.41
C ASN B 256 -44.95 -33.41 -8.44
N GLU B 257 -45.49 -33.84 -9.57
CA GLU B 257 -46.15 -35.16 -9.63
C GLU B 257 -45.12 -36.28 -9.50
N GLY B 258 -45.58 -37.52 -9.54
CA GLY B 258 -44.73 -38.68 -9.28
C GLY B 258 -43.59 -38.89 -10.27
N ILE B 259 -42.68 -39.79 -9.93
CA ILE B 259 -41.48 -40.03 -10.73
C ILE B 259 -41.50 -41.38 -11.45
N ASP B 260 -41.18 -41.37 -12.74
CA ASP B 260 -41.02 -42.60 -13.52
C ASP B 260 -39.96 -42.43 -14.59
N ASN B 261 -39.89 -43.38 -15.51
CA ASN B 261 -38.92 -43.33 -16.61
C ASN B 261 -38.98 -42.06 -17.45
N THR B 262 -40.18 -41.64 -17.82
CA THR B 262 -40.35 -40.49 -18.71
C THR B 262 -40.63 -39.19 -17.99
N HIS B 263 -40.75 -39.26 -16.67
CA HIS B 263 -41.05 -38.07 -15.88
C HIS B 263 -40.03 -37.85 -14.79
N ASN B 264 -39.50 -36.65 -14.67
CA ASN B 264 -38.86 -36.28 -13.41
C ASN B 264 -39.14 -34.86 -13.01
N PRO B 265 -39.34 -34.68 -11.68
CA PRO B 265 -39.83 -33.46 -11.03
C PRO B 265 -39.20 -32.17 -11.54
N GLU B 266 -37.90 -32.22 -11.82
CA GLU B 266 -37.17 -31.05 -12.27
C GLU B 266 -36.57 -31.33 -13.64
N PHE B 267 -37.09 -30.68 -14.67
CA PHE B 267 -36.67 -30.98 -16.04
C PHE B 267 -36.43 -29.72 -16.87
N THR B 268 -35.47 -29.80 -17.79
CA THR B 268 -35.17 -28.66 -18.63
C THR B 268 -36.14 -28.58 -19.80
N SER B 269 -36.78 -27.44 -19.96
CA SER B 269 -37.68 -27.24 -21.08
C SER B 269 -37.26 -26.01 -21.86
N CYS B 270 -37.64 -25.99 -23.14
CA CYS B 270 -37.42 -24.80 -23.95
C CYS B 270 -38.75 -24.28 -24.49
N GLU B 271 -39.12 -23.06 -24.13
CA GLU B 271 -40.39 -22.51 -24.63
C GLU B 271 -40.17 -21.23 -25.41
N PHE B 272 -40.81 -21.14 -26.58
CA PHE B 272 -40.73 -19.90 -27.34
C PHE B 272 -42.11 -19.37 -27.74
N TYR B 273 -42.17 -18.06 -27.92
CA TYR B 273 -43.36 -17.40 -28.41
C TYR B 273 -43.03 -16.51 -29.60
N TRP B 274 -43.88 -16.62 -30.60
CA TRP B 274 -43.65 -16.10 -31.93
C TRP B 274 -44.84 -15.28 -32.38
N ALA B 275 -44.63 -13.98 -32.52
CA ALA B 275 -45.70 -13.07 -32.90
C ALA B 275 -46.02 -13.19 -34.38
N TYR B 276 -47.29 -13.00 -34.72
CA TYR B 276 -47.78 -13.09 -36.10
C TYR B 276 -47.45 -14.44 -36.73
N ALA B 277 -47.57 -15.48 -35.91
CA ALA B 277 -47.42 -16.85 -36.37
C ALA B 277 -48.62 -17.67 -35.93
N ASP B 278 -49.12 -18.50 -36.83
CA ASP B 278 -50.19 -19.42 -36.49
C ASP B 278 -49.60 -20.81 -36.66
N TYR B 279 -50.24 -21.80 -36.06
CA TYR B 279 -49.59 -23.08 -35.79
C TYR B 279 -49.04 -23.80 -37.03
N ASN B 280 -49.51 -23.45 -38.22
CA ASN B 280 -48.92 -24.06 -39.42
C ASN B 280 -47.43 -23.68 -39.51
N ASP B 281 -47.15 -22.43 -39.17
CA ASP B 281 -45.77 -21.96 -39.00
C ASP B 281 -45.08 -22.79 -37.92
N LEU B 282 -45.83 -23.13 -36.87
CA LEU B 282 -45.28 -23.88 -35.74
C LEU B 282 -44.96 -25.34 -36.07
N ILE B 283 -45.78 -25.95 -36.93
CA ILE B 283 -45.58 -27.34 -37.32
C ILE B 283 -44.46 -27.43 -38.31
N LYS B 284 -44.42 -26.49 -39.26
CA LYS B 284 -43.25 -26.45 -40.13
C LYS B 284 -42.01 -26.24 -39.26
N TRP B 285 -42.16 -25.43 -38.20
CA TRP B 285 -41.05 -25.21 -37.29
C TRP B 285 -40.62 -26.51 -36.61
N SER B 286 -41.59 -27.30 -36.17
CA SER B 286 -41.31 -28.56 -35.47
C SER B 286 -40.60 -29.54 -36.40
N GLU B 287 -41.21 -29.77 -37.56
CA GLU B 287 -40.68 -30.67 -38.57
C GLU B 287 -39.26 -30.27 -38.97
N ASP B 288 -39.05 -28.96 -39.18
CA ASP B 288 -37.75 -28.45 -39.58
C ASP B 288 -36.70 -28.64 -38.49
N PHE B 289 -37.05 -28.26 -37.26
CA PHE B 289 -36.13 -28.41 -36.14
C PHE B 289 -35.70 -29.86 -35.98
N PHE B 290 -36.67 -30.77 -35.93
CA PHE B 290 -36.34 -32.17 -35.68
C PHE B 290 -35.60 -32.83 -36.86
N SER B 291 -36.06 -32.59 -38.07
CA SER B 291 -35.38 -33.12 -39.25
C SER B 291 -33.94 -32.65 -39.32
N GLN B 292 -33.76 -31.33 -39.32
CA GLN B 292 -32.43 -30.73 -39.41
C GLN B 292 -31.54 -31.19 -38.25
N LEU B 293 -32.13 -31.35 -37.06
CA LEU B 293 -31.38 -31.78 -35.88
C LEU B 293 -30.87 -33.22 -36.02
N VAL B 294 -31.78 -34.13 -36.29
CA VAL B 294 -31.40 -35.53 -36.41
C VAL B 294 -30.37 -35.70 -37.52
N TYR B 295 -30.55 -35.00 -38.63
CA TYR B 295 -29.54 -35.06 -39.69
C TYR B 295 -28.22 -34.46 -39.20
N HIS B 296 -28.30 -33.43 -38.37
CA HIS B 296 -27.11 -32.75 -37.86
C HIS B 296 -26.27 -33.71 -37.02
N LEU B 297 -26.92 -34.43 -36.12
CA LEU B 297 -26.21 -35.37 -35.25
C LEU B 297 -25.78 -36.66 -35.96
N PHE B 298 -26.72 -37.33 -36.59
CA PHE B 298 -26.49 -38.68 -37.09
C PHE B 298 -26.08 -38.79 -38.57
N GLY B 299 -26.21 -37.70 -39.32
CA GLY B 299 -25.92 -37.75 -40.74
C GLY B 299 -27.03 -38.40 -41.56
N THR B 300 -28.07 -38.87 -40.87
CA THR B 300 -29.23 -39.46 -41.52
C THR B 300 -30.51 -39.10 -40.77
N TYR B 301 -31.66 -39.26 -41.40
CA TYR B 301 -32.92 -38.89 -40.78
C TYR B 301 -33.55 -40.01 -39.98
N LYS B 302 -33.02 -41.22 -40.10
CA LYS B 302 -33.57 -42.37 -39.39
C LYS B 302 -32.64 -42.80 -38.27
N ILE B 303 -33.20 -43.03 -37.08
CA ILE B 303 -32.40 -43.48 -35.95
C ILE B 303 -33.03 -44.70 -35.31
N SER B 304 -32.21 -45.53 -34.67
CA SER B 304 -32.73 -46.74 -34.03
C SER B 304 -32.91 -46.54 -32.54
N TYR B 305 -34.14 -46.67 -32.08
CA TYR B 305 -34.43 -46.54 -30.65
C TYR B 305 -35.06 -47.83 -30.14
N ASN B 306 -34.64 -48.26 -28.95
CA ASN B 306 -35.26 -49.45 -28.38
C ASN B 306 -36.43 -49.01 -27.51
N LYS B 307 -37.64 -49.28 -27.98
CA LYS B 307 -38.83 -48.95 -27.23
C LYS B 307 -38.86 -49.87 -26.02
N ASP B 308 -38.45 -51.11 -26.27
CA ASP B 308 -38.31 -52.11 -25.23
C ASP B 308 -36.87 -52.05 -24.71
N GLY B 309 -36.48 -53.01 -23.88
CA GLY B 309 -35.14 -53.03 -23.30
C GLY B 309 -34.06 -53.20 -24.35
N PRO B 310 -32.79 -53.10 -23.93
CA PRO B 310 -31.66 -53.27 -24.86
C PRO B 310 -31.59 -54.67 -25.52
N GLU B 311 -32.06 -55.71 -24.83
CA GLU B 311 -32.01 -57.10 -25.32
C GLU B 311 -32.92 -57.29 -26.52
N ASN B 312 -34.10 -56.71 -26.32
CA ASN B 312 -35.26 -56.57 -27.17
C ASN B 312 -34.99 -55.86 -28.51
N GLN B 313 -35.80 -56.13 -29.53
CA GLN B 313 -35.63 -55.51 -30.84
C GLN B 313 -35.93 -54.01 -30.82
N PRO B 314 -34.98 -53.18 -31.26
CA PRO B 314 -35.22 -51.75 -31.43
C PRO B 314 -36.11 -51.44 -32.63
N ILE B 315 -37.04 -50.51 -32.47
CA ILE B 315 -37.76 -49.96 -33.62
C ILE B 315 -36.93 -48.85 -34.26
N GLU B 316 -37.08 -48.68 -35.56
CA GLU B 316 -36.40 -47.60 -36.25
C GLU B 316 -37.39 -46.45 -36.46
N ILE B 317 -36.96 -45.25 -36.10
CA ILE B 317 -37.80 -44.06 -36.21
C ILE B 317 -37.30 -43.15 -37.34
N ASP B 318 -38.24 -42.72 -38.19
CA ASP B 318 -37.90 -41.89 -39.34
C ASP B 318 -38.34 -40.45 -39.14
N PHE B 319 -37.37 -39.55 -39.07
CA PHE B 319 -37.62 -38.14 -38.82
C PHE B 319 -37.72 -37.32 -40.11
N THR B 320 -37.68 -37.99 -41.25
CA THR B 320 -37.86 -37.31 -42.53
C THR B 320 -39.26 -36.70 -42.59
N PRO B 321 -39.34 -35.37 -42.73
CA PRO B 321 -40.66 -34.73 -42.73
C PRO B 321 -41.36 -34.90 -44.08
N PRO B 322 -42.63 -34.49 -44.18
CA PRO B 322 -43.54 -34.04 -43.12
C PRO B 322 -44.10 -35.20 -42.29
N TYR B 323 -44.44 -34.92 -41.04
CA TYR B 323 -44.97 -35.92 -40.12
C TYR B 323 -46.49 -35.96 -40.17
N PRO B 324 -47.09 -37.13 -39.88
CA PRO B 324 -48.56 -37.24 -39.93
C PRO B 324 -49.27 -36.36 -38.90
N LYS B 325 -50.36 -35.71 -39.33
CA LYS B 325 -51.21 -34.93 -38.43
C LYS B 325 -52.50 -35.69 -38.17
N VAL B 326 -52.80 -35.92 -36.90
CA VAL B 326 -53.97 -36.69 -36.53
C VAL B 326 -54.94 -35.88 -35.69
N SER B 327 -56.11 -35.55 -36.22
CA SER B 327 -57.11 -34.82 -35.46
C SER B 327 -57.67 -35.71 -34.36
N ILE B 328 -57.54 -35.26 -33.12
CA ILE B 328 -57.77 -36.14 -31.96
C ILE B 328 -59.21 -36.66 -31.82
N VAL B 329 -60.18 -35.76 -31.75
CA VAL B 329 -61.56 -36.16 -31.52
C VAL B 329 -62.10 -36.99 -32.68
N GLU B 330 -61.76 -36.57 -33.89
CA GLU B 330 -62.20 -37.26 -35.10
C GLU B 330 -61.57 -38.64 -35.21
N GLU B 331 -60.31 -38.77 -34.80
CA GLU B 331 -59.63 -40.06 -34.81
C GLU B 331 -60.24 -40.99 -33.78
N ILE B 332 -60.49 -40.45 -32.58
CA ILE B 332 -61.17 -41.22 -31.54
C ILE B 332 -62.49 -41.72 -32.08
N GLU B 333 -63.27 -40.83 -32.68
CA GLU B 333 -64.54 -41.20 -33.31
C GLU B 333 -64.38 -42.30 -34.34
N LYS B 334 -63.36 -42.19 -35.18
CA LYS B 334 -63.16 -43.12 -36.28
C LYS B 334 -62.81 -44.51 -35.78
N VAL B 335 -61.94 -44.58 -34.78
CA VAL B 335 -61.51 -45.87 -34.25
C VAL B 335 -62.59 -46.50 -33.38
N THR B 336 -63.22 -45.69 -32.55
CA THR B 336 -64.29 -46.16 -31.67
C THR B 336 -65.58 -46.35 -32.46
N ASN B 337 -65.63 -45.76 -33.64
CA ASN B 337 -66.77 -45.85 -34.55
C ASN B 337 -68.05 -45.35 -33.88
N THR B 338 -67.89 -44.42 -32.94
CA THR B 338 -69.02 -43.73 -32.33
C THR B 338 -68.81 -42.26 -32.54
N ILE B 339 -69.90 -41.52 -32.78
CA ILE B 339 -69.73 -40.11 -32.98
C ILE B 339 -69.83 -39.45 -31.63
N LEU B 340 -68.70 -38.95 -31.16
CA LEU B 340 -68.66 -38.15 -29.96
C LEU B 340 -69.24 -36.78 -30.31
N GLU B 341 -69.60 -36.01 -29.30
CA GLU B 341 -70.12 -34.64 -29.43
C GLU B 341 -71.38 -34.59 -30.32
N GLN B 342 -71.78 -33.55 -31.05
CA GLN B 342 -71.40 -32.14 -30.99
C GLN B 342 -71.37 -31.66 -29.52
N PRO B 343 -70.54 -30.64 -29.21
CA PRO B 343 -69.85 -30.43 -27.92
C PRO B 343 -70.61 -30.53 -26.61
N PHE B 344 -69.84 -30.84 -25.55
CA PHE B 344 -68.77 -31.83 -25.60
C PHE B 344 -68.80 -32.58 -24.28
N ASP B 345 -68.73 -31.78 -23.22
CA ASP B 345 -68.84 -32.20 -21.84
C ASP B 345 -70.28 -32.58 -21.54
N SER B 346 -71.07 -32.66 -22.60
CA SER B 346 -72.47 -33.06 -22.54
C SER B 346 -72.58 -34.31 -21.69
N ASN B 347 -73.47 -34.27 -20.71
CA ASN B 347 -73.70 -35.40 -19.82
C ASN B 347 -73.94 -36.70 -20.60
N GLU B 348 -74.70 -36.57 -21.68
CA GLU B 348 -74.89 -37.65 -22.65
C GLU B 348 -73.56 -38.11 -23.24
N THR B 349 -72.76 -37.17 -23.72
CA THR B 349 -71.46 -37.47 -24.34
C THR B 349 -70.44 -38.00 -23.33
N ILE B 350 -70.41 -37.43 -22.12
CA ILE B 350 -69.54 -37.92 -21.06
C ILE B 350 -69.88 -39.38 -20.78
N GLU B 351 -71.15 -39.65 -20.52
CA GLU B 351 -71.64 -41.02 -20.38
C GLU B 351 -71.17 -41.92 -21.51
N LYS B 352 -71.32 -41.44 -22.73
CA LYS B 352 -70.88 -42.16 -23.94
C LYS B 352 -69.40 -42.54 -23.88
N MET B 353 -68.55 -41.56 -23.57
CA MET B 353 -67.10 -41.80 -23.45
C MET B 353 -66.79 -42.85 -22.39
N ILE B 354 -67.44 -42.74 -21.23
CA ILE B 354 -67.23 -43.71 -20.15
C ILE B 354 -67.58 -45.12 -20.61
N ASN B 355 -68.78 -45.26 -21.17
CA ASN B 355 -69.21 -46.53 -21.76
C ASN B 355 -68.15 -47.07 -22.70
N ILE B 356 -67.65 -46.23 -23.60
CA ILE B 356 -66.59 -46.61 -24.52
C ILE B 356 -65.36 -47.18 -23.79
N ILE B 357 -64.81 -46.42 -22.85
CA ILE B 357 -63.55 -46.82 -22.22
C ILE B 357 -63.72 -48.17 -21.50
N LYS B 358 -64.78 -48.31 -20.70
CA LYS B 358 -64.98 -49.54 -19.94
C LYS B 358 -65.32 -50.73 -20.84
N GLU B 359 -66.27 -50.53 -21.76
CA GLU B 359 -66.74 -51.60 -22.63
C GLU B 359 -65.64 -52.13 -23.54
N HIS B 360 -64.79 -51.24 -24.06
CA HIS B 360 -63.73 -51.69 -24.96
C HIS B 360 -62.53 -52.18 -24.19
N LYS B 361 -61.82 -51.23 -23.58
CA LYS B 361 -60.45 -51.46 -23.15
C LYS B 361 -60.30 -52.17 -21.81
N ILE B 362 -61.34 -52.03 -20.98
CA ILE B 362 -61.19 -52.14 -19.54
C ILE B 362 -60.06 -51.20 -19.13
N GLU B 363 -59.85 -50.14 -19.90
CA GLU B 363 -58.89 -49.11 -19.53
C GLU B 363 -59.47 -48.36 -18.37
N LEU B 364 -58.60 -47.84 -17.53
CA LEU B 364 -59.02 -47.37 -16.22
C LEU B 364 -59.73 -46.01 -16.29
N PRO B 365 -60.97 -45.95 -15.77
CA PRO B 365 -61.72 -44.70 -15.60
C PRO B 365 -60.96 -43.82 -14.61
N ASN B 366 -61.35 -42.59 -14.32
CA ASN B 366 -60.44 -41.83 -13.46
C ASN B 366 -61.41 -40.90 -12.71
N PRO B 367 -60.90 -39.92 -11.94
CA PRO B 367 -61.93 -38.93 -11.59
C PRO B 367 -62.47 -38.32 -12.88
N PRO B 368 -63.79 -38.36 -13.05
CA PRO B 368 -64.30 -38.28 -14.43
C PRO B 368 -64.56 -36.87 -14.94
N THR B 369 -63.50 -36.12 -15.20
CA THR B 369 -63.65 -34.89 -15.96
C THR B 369 -63.77 -35.30 -17.43
N ALA B 370 -64.63 -34.60 -18.18
CA ALA B 370 -64.75 -34.85 -19.61
C ALA B 370 -63.39 -34.69 -20.31
N ALA B 371 -62.64 -33.70 -19.84
CA ALA B 371 -61.33 -33.36 -20.39
C ALA B 371 -60.36 -34.51 -20.22
N LYS B 372 -60.20 -34.97 -18.98
CA LYS B 372 -59.27 -36.05 -18.68
C LYS B 372 -59.78 -37.38 -19.21
N LEU B 373 -61.08 -37.48 -19.44
CA LEU B 373 -61.60 -38.64 -20.14
C LEU B 373 -61.00 -38.63 -21.52
N LEU B 374 -61.28 -37.56 -22.27
CA LEU B 374 -60.81 -37.39 -23.63
C LEU B 374 -59.33 -37.70 -23.73
N ASP B 375 -58.59 -37.12 -22.77
CA ASP B 375 -57.18 -37.39 -22.62
C ASP B 375 -56.89 -38.89 -22.45
N GLN B 376 -57.67 -39.58 -21.63
CA GLN B 376 -57.43 -41.01 -21.41
C GLN B 376 -57.68 -41.86 -22.66
N LEU B 377 -58.84 -41.68 -23.28
CA LEU B 377 -59.12 -42.39 -24.53
C LEU B 377 -58.06 -42.07 -25.59
N ALA B 378 -57.70 -40.80 -25.70
CA ALA B 378 -56.63 -40.39 -26.60
C ALA B 378 -55.35 -41.17 -26.31
N SER B 379 -55.01 -41.25 -25.02
CA SER B 379 -53.82 -41.96 -24.54
C SER B 379 -53.78 -43.42 -24.96
N HIS B 380 -54.88 -44.14 -24.74
CA HIS B 380 -54.96 -45.54 -25.16
C HIS B 380 -54.89 -45.67 -26.67
N PHE B 381 -55.85 -45.05 -27.35
CA PHE B 381 -56.12 -45.31 -28.76
C PHE B 381 -55.09 -44.69 -29.71
N ILE B 382 -55.04 -43.36 -29.75
CA ILE B 382 -54.26 -42.66 -30.78
C ILE B 382 -52.74 -42.66 -30.57
N GLU B 383 -52.29 -42.39 -29.35
CA GLU B 383 -50.88 -42.06 -29.09
C GLU B 383 -49.86 -43.10 -29.54
N ASN B 384 -50.18 -44.37 -29.36
CA ASN B 384 -49.24 -45.45 -29.70
C ASN B 384 -49.39 -45.93 -31.13
N LYS B 385 -50.22 -45.24 -31.91
CA LYS B 385 -50.45 -45.60 -33.30
C LYS B 385 -49.17 -45.63 -34.14
N TYR B 386 -48.38 -44.55 -34.07
CA TYR B 386 -47.16 -44.45 -34.86
C TYR B 386 -45.89 -44.42 -34.02
N ASN B 387 -45.15 -45.51 -34.03
CA ASN B 387 -43.81 -45.50 -33.46
C ASN B 387 -42.67 -45.38 -34.48
N ASP B 388 -42.97 -45.49 -35.77
CA ASP B 388 -41.94 -45.41 -36.81
C ASP B 388 -41.61 -43.97 -37.19
N LYS B 389 -42.60 -43.08 -37.03
CA LYS B 389 -42.39 -41.65 -37.27
C LYS B 389 -42.97 -40.80 -36.14
N PRO B 390 -42.32 -39.68 -35.84
CA PRO B 390 -42.86 -38.68 -34.91
C PRO B 390 -44.17 -38.17 -35.47
N PHE B 391 -45.21 -38.01 -34.64
CA PHE B 391 -46.48 -37.60 -35.22
C PHE B 391 -47.26 -36.63 -34.33
N PHE B 392 -48.07 -35.78 -34.97
CA PHE B 392 -48.83 -34.76 -34.26
C PHE B 392 -50.24 -35.24 -33.92
N ILE B 393 -50.67 -34.96 -32.69
CA ILE B 393 -52.09 -35.04 -32.35
C ILE B 393 -52.57 -33.60 -32.36
N VAL B 394 -53.50 -33.29 -33.25
CA VAL B 394 -53.81 -31.91 -33.59
C VAL B 394 -55.27 -31.56 -33.36
N GLU B 395 -55.55 -30.28 -33.21
CA GLU B 395 -56.90 -29.76 -33.04
C GLU B 395 -57.60 -30.37 -31.83
N HIS B 396 -57.04 -30.12 -30.65
CA HIS B 396 -57.68 -30.57 -29.42
C HIS B 396 -58.88 -29.67 -29.14
N PRO B 397 -59.97 -30.27 -28.63
CA PRO B 397 -61.11 -29.47 -28.15
C PRO B 397 -60.68 -28.47 -27.08
N GLN B 398 -61.34 -27.31 -27.07
CA GLN B 398 -60.94 -26.22 -26.19
C GLN B 398 -61.20 -26.51 -24.72
N ILE B 399 -62.05 -27.50 -24.45
CA ILE B 399 -62.27 -27.93 -23.08
C ILE B 399 -60.97 -28.54 -22.54
N MET B 400 -60.20 -29.15 -23.44
CA MET B 400 -58.93 -29.76 -23.07
C MET B 400 -57.78 -28.75 -23.02
N SER B 401 -57.94 -27.62 -23.69
CA SER B 401 -56.89 -26.62 -23.79
C SER B 401 -57.42 -25.21 -23.52
N PRO B 402 -57.35 -24.75 -22.27
CA PRO B 402 -57.89 -23.43 -21.92
C PRO B 402 -57.17 -22.26 -22.62
N LEU B 403 -55.86 -22.39 -22.81
CA LEU B 403 -55.07 -21.28 -23.35
C LEU B 403 -55.12 -21.13 -24.87
N ALA B 404 -55.32 -22.23 -25.59
CA ALA B 404 -55.23 -22.20 -27.04
C ALA B 404 -56.40 -21.45 -27.67
N LYS B 405 -56.17 -20.86 -28.84
CA LYS B 405 -57.19 -20.10 -29.54
C LYS B 405 -58.19 -21.02 -30.23
N TYR B 406 -59.40 -20.50 -30.41
CA TYR B 406 -60.48 -21.27 -31.04
C TYR B 406 -60.12 -21.64 -32.46
N HIS B 407 -60.45 -22.87 -32.86
CA HIS B 407 -60.29 -23.28 -34.24
C HIS B 407 -61.18 -22.41 -35.11
N ARG B 408 -60.65 -21.93 -36.24
CA ARG B 408 -61.39 -21.03 -37.09
C ARG B 408 -62.66 -21.69 -37.65
N THR B 409 -62.49 -22.79 -38.39
CA THR B 409 -63.63 -23.44 -39.02
C THR B 409 -64.29 -24.58 -38.24
N LYS B 410 -63.63 -25.09 -37.19
CA LYS B 410 -64.21 -26.21 -36.43
C LYS B 410 -64.60 -25.81 -35.01
N PRO B 411 -65.89 -25.92 -34.69
CA PRO B 411 -66.43 -25.54 -33.38
C PRO B 411 -65.93 -26.44 -32.26
N GLY B 412 -65.81 -25.89 -31.06
CA GLY B 412 -65.44 -26.66 -29.88
C GLY B 412 -64.01 -27.18 -29.94
N LEU B 413 -63.26 -26.76 -30.96
CA LEU B 413 -61.90 -27.21 -31.12
C LEU B 413 -60.95 -26.03 -31.08
N THR B 414 -59.67 -26.34 -30.85
CA THR B 414 -58.65 -25.31 -30.80
C THR B 414 -57.68 -25.54 -31.91
N GLU B 415 -56.90 -24.52 -32.21
CA GLU B 415 -55.77 -24.75 -33.08
C GLU B 415 -54.60 -25.08 -32.18
N ARG B 416 -54.26 -26.37 -32.14
CA ARG B 416 -53.26 -26.88 -31.22
C ARG B 416 -52.61 -28.14 -31.78
N LEU B 417 -51.32 -28.27 -31.54
CA LEU B 417 -50.58 -29.44 -31.96
C LEU B 417 -49.95 -30.08 -30.71
N GLU B 418 -49.72 -31.39 -30.75
CA GLU B 418 -48.89 -32.04 -29.74
C GLU B 418 -48.04 -33.11 -30.42
N MET B 419 -46.72 -32.99 -30.39
CA MET B 419 -45.91 -33.95 -31.13
C MET B 419 -45.38 -35.09 -30.25
N PHE B 420 -45.50 -36.29 -30.78
CA PHE B 420 -45.16 -37.50 -30.04
C PHE B 420 -44.03 -38.28 -30.71
N ILE B 421 -43.10 -38.72 -29.87
CA ILE B 421 -42.07 -39.67 -30.27
C ILE B 421 -42.23 -40.93 -29.45
N CYS B 422 -42.39 -42.06 -30.13
CA CYS B 422 -42.59 -43.36 -29.49
C CYS B 422 -43.70 -43.35 -28.45
N GLY B 423 -44.78 -42.61 -28.72
CA GLY B 423 -45.92 -42.58 -27.83
C GLY B 423 -45.74 -41.68 -26.62
N LYS B 424 -44.61 -40.97 -26.58
CA LYS B 424 -44.31 -40.08 -25.47
C LYS B 424 -44.38 -38.64 -25.95
N GLU B 425 -44.68 -37.73 -25.02
CA GLU B 425 -45.03 -36.36 -25.35
C GLU B 425 -43.77 -35.51 -25.40
N VAL B 426 -43.33 -35.20 -26.63
CA VAL B 426 -42.09 -34.47 -26.81
C VAL B 426 -42.25 -32.94 -26.84
N LEU B 427 -43.28 -32.49 -27.56
CA LEU B 427 -43.41 -31.10 -27.95
C LEU B 427 -44.87 -30.66 -27.84
N ASN B 428 -45.10 -29.45 -27.36
CA ASN B 428 -46.46 -28.93 -27.26
C ASN B 428 -46.58 -27.50 -27.73
N ALA B 429 -47.42 -27.26 -28.73
CA ALA B 429 -47.60 -25.91 -29.24
C ALA B 429 -49.02 -25.59 -29.66
N TYR B 430 -49.36 -24.30 -29.64
CA TYR B 430 -50.69 -23.84 -30.04
C TYR B 430 -50.67 -22.37 -30.42
N THR B 431 -51.71 -21.91 -31.10
CA THR B 431 -51.90 -20.47 -31.29
C THR B 431 -52.58 -19.90 -30.05
N GLU B 432 -51.91 -18.93 -29.42
CA GLU B 432 -52.39 -18.36 -28.17
C GLU B 432 -53.71 -17.60 -28.35
N LEU B 433 -54.56 -17.64 -27.33
CA LEU B 433 -55.83 -16.94 -27.35
C LEU B 433 -55.67 -15.56 -26.73
N ASN B 434 -55.71 -14.53 -27.56
CA ASN B 434 -55.41 -13.17 -27.11
C ASN B 434 -56.63 -12.31 -26.80
N ASP B 435 -57.83 -12.87 -26.92
CA ASP B 435 -59.04 -12.13 -26.61
C ASP B 435 -59.40 -12.29 -25.14
N PRO B 436 -59.37 -11.16 -24.39
CA PRO B 436 -59.66 -11.17 -22.95
C PRO B 436 -61.08 -11.62 -22.62
N PHE B 437 -62.03 -11.26 -23.48
CA PHE B 437 -63.43 -11.55 -23.22
C PHE B 437 -63.75 -13.01 -23.53
N LYS B 438 -63.08 -13.55 -24.55
CA LYS B 438 -63.17 -14.97 -24.86
C LYS B 438 -62.47 -15.81 -23.80
N GLN B 439 -61.49 -15.21 -23.15
CA GLN B 439 -60.68 -15.92 -22.15
C GLN B 439 -61.50 -16.33 -20.93
N LYS B 440 -61.35 -17.58 -20.53
CA LYS B 440 -62.15 -18.16 -19.45
C LYS B 440 -61.66 -17.75 -18.06
N GLU B 441 -60.35 -17.70 -17.89
CA GLU B 441 -59.76 -17.43 -16.57
C GLU B 441 -60.02 -16.01 -16.09
N CYS B 442 -60.15 -15.08 -17.04
CA CYS B 442 -60.24 -13.66 -16.72
C CYS B 442 -61.59 -13.24 -16.15
N PHE B 443 -62.54 -14.18 -16.09
CA PHE B 443 -63.85 -13.90 -15.51
C PHE B 443 -63.73 -13.49 -14.04
N ASP B 461 -51.29 -14.58 -12.44
CA ASP B 461 -52.28 -14.91 -13.44
C ASP B 461 -53.02 -13.63 -13.84
N SER B 462 -53.53 -12.91 -12.84
CA SER B 462 -54.25 -11.66 -13.08
C SER B 462 -53.42 -10.69 -13.93
N ALA B 463 -52.10 -10.70 -13.69
CA ALA B 463 -51.18 -9.85 -14.44
C ALA B 463 -51.14 -10.21 -15.93
N PHE B 464 -51.36 -11.48 -16.25
CA PHE B 464 -51.42 -11.91 -17.64
C PHE B 464 -52.71 -11.47 -18.30
N CYS B 465 -53.83 -11.71 -17.61
CA CYS B 465 -55.14 -11.29 -18.09
C CYS B 465 -55.16 -9.77 -18.30
N THR B 466 -54.38 -9.07 -17.50
CA THR B 466 -54.25 -7.62 -17.63
C THR B 466 -53.32 -7.28 -18.76
N SER B 467 -52.33 -8.14 -18.98
CA SER B 467 -51.41 -7.99 -20.11
C SER B 467 -52.21 -8.02 -21.41
N LEU B 468 -53.23 -8.86 -21.43
CA LEU B 468 -54.09 -8.98 -22.61
C LEU B 468 -54.89 -7.70 -22.88
N GLU B 469 -55.08 -6.89 -21.85
CA GLU B 469 -55.88 -5.67 -21.97
C GLU B 469 -55.11 -4.55 -22.67
N TYR B 470 -53.78 -4.61 -22.58
CA TYR B 470 -52.93 -3.71 -23.35
C TYR B 470 -52.74 -4.28 -24.74
N GLY B 471 -53.34 -5.44 -24.94
CA GLY B 471 -53.35 -6.13 -26.21
C GLY B 471 -52.13 -7.00 -26.33
N LEU B 472 -52.31 -8.12 -27.00
CA LEU B 472 -51.20 -9.01 -27.33
C LEU B 472 -51.44 -9.41 -28.78
N PRO B 473 -50.37 -9.43 -29.59
CA PRO B 473 -50.67 -9.67 -31.00
C PRO B 473 -51.07 -11.13 -31.21
N PRO B 474 -51.49 -11.49 -32.44
CA PRO B 474 -51.61 -12.93 -32.66
C PRO B 474 -50.23 -13.53 -32.51
N THR B 475 -50.15 -14.54 -31.66
CA THR B 475 -48.89 -15.15 -31.31
C THR B 475 -49.13 -16.64 -31.35
N GLY B 476 -48.06 -17.40 -31.31
CA GLY B 476 -48.19 -18.84 -31.19
C GLY B 476 -47.01 -19.24 -30.35
N GLY B 477 -47.13 -20.36 -29.69
CA GLY B 477 -46.15 -20.69 -28.69
C GLY B 477 -45.94 -22.17 -28.60
N LEU B 478 -44.77 -22.54 -28.12
CA LEU B 478 -44.33 -23.91 -28.17
C LEU B 478 -43.43 -24.19 -27.00
N GLY B 479 -43.35 -25.46 -26.63
CA GLY B 479 -42.43 -25.87 -25.60
C GLY B 479 -41.93 -27.26 -25.89
N LEU B 480 -40.75 -27.53 -25.35
CA LEU B 480 -40.00 -28.73 -25.68
C LEU B 480 -39.52 -29.38 -24.40
N GLY B 481 -39.91 -30.63 -24.18
CA GLY B 481 -39.17 -31.41 -23.21
C GLY B 481 -37.81 -31.72 -23.81
N ILE B 482 -36.74 -31.26 -23.17
CA ILE B 482 -35.40 -31.49 -23.70
C ILE B 482 -34.89 -32.86 -23.31
N ASP B 483 -35.17 -33.25 -22.07
CA ASP B 483 -34.67 -34.48 -21.50
C ASP B 483 -35.21 -35.70 -22.23
N ARG B 484 -36.49 -35.66 -22.58
CA ARG B 484 -37.11 -36.75 -23.34
C ARG B 484 -36.50 -36.88 -24.72
N ILE B 485 -36.47 -35.78 -25.47
CA ILE B 485 -35.85 -35.77 -26.80
C ILE B 485 -34.44 -36.31 -26.73
N THR B 486 -33.71 -35.91 -25.69
CA THR B 486 -32.35 -36.36 -25.48
C THR B 486 -32.32 -37.86 -25.25
N MET B 487 -33.32 -38.39 -24.53
CA MET B 487 -33.47 -39.83 -24.40
C MET B 487 -33.56 -40.50 -25.76
N PHE B 488 -34.47 -40.00 -26.60
CA PHE B 488 -34.77 -40.65 -27.86
C PHE B 488 -33.62 -40.54 -28.86
N LEU B 489 -32.86 -39.45 -28.80
CA LEU B 489 -31.72 -39.29 -29.69
C LEU B 489 -30.49 -40.04 -29.16
N THR B 490 -30.39 -40.19 -27.83
CA THR B 490 -29.28 -40.90 -27.21
C THR B 490 -29.58 -42.35 -26.86
N ASN B 491 -30.77 -42.83 -27.23
CA ASN B 491 -31.17 -44.21 -26.99
C ASN B 491 -31.13 -44.62 -25.51
N LYS B 492 -31.98 -44.00 -24.71
CA LYS B 492 -32.11 -44.33 -23.29
C LYS B 492 -33.58 -44.54 -22.95
N ASN B 493 -33.86 -45.58 -22.17
CA ASN B 493 -35.24 -45.90 -21.80
C ASN B 493 -35.70 -45.15 -20.55
N SER B 494 -34.77 -44.44 -19.91
CA SER B 494 -35.10 -43.68 -18.71
C SER B 494 -34.53 -42.27 -18.78
N ILE B 495 -35.27 -41.31 -18.24
CA ILE B 495 -34.85 -39.92 -18.23
C ILE B 495 -33.67 -39.72 -17.28
N LYS B 496 -33.55 -40.62 -16.31
CA LYS B 496 -32.46 -40.58 -15.33
C LYS B 496 -31.11 -40.76 -16.00
N ASP B 497 -31.11 -41.30 -17.21
CA ASP B 497 -29.88 -41.54 -17.96
C ASP B 497 -29.33 -40.27 -18.60
N VAL B 498 -30.20 -39.40 -19.05
CA VAL B 498 -29.78 -38.17 -19.73
C VAL B 498 -29.72 -36.96 -18.79
N ILE B 499 -30.06 -37.16 -17.53
CA ILE B 499 -29.88 -36.12 -16.53
C ILE B 499 -28.62 -36.44 -15.72
N LEU B 500 -27.72 -35.47 -15.63
CA LEU B 500 -26.42 -35.69 -15.01
C LEU B 500 -26.51 -36.15 -13.55
N PHE B 501 -27.23 -35.39 -12.72
CA PHE B 501 -27.47 -35.81 -11.35
C PHE B 501 -28.96 -35.91 -11.05
N PRO B 502 -29.56 -37.06 -11.34
CA PRO B 502 -30.98 -37.26 -11.08
C PRO B 502 -31.31 -37.24 -9.59
N THR B 503 -32.57 -36.99 -9.26
CA THR B 503 -32.99 -36.94 -7.86
C THR B 503 -33.47 -38.31 -7.39
N MET B 504 -32.83 -38.84 -6.35
CA MET B 504 -33.19 -40.14 -5.79
C MET B 504 -33.16 -40.09 -4.25
N ARG B 505 -33.93 -40.96 -3.61
CA ARG B 505 -33.92 -41.08 -2.17
C ARG B 505 -32.64 -41.79 -1.73
N PRO B 506 -31.90 -41.20 -0.77
CA PRO B 506 -30.61 -41.73 -0.34
C PRO B 506 -30.78 -43.01 0.49
N VAL C 3 57.98 -12.96 24.25
CA VAL C 3 59.06 -12.17 24.85
C VAL C 3 58.56 -11.24 25.96
N ASP C 4 59.45 -10.93 26.90
CA ASP C 4 59.16 -10.00 28.00
C ASP C 4 58.79 -8.61 27.52
N PRO C 5 57.79 -7.98 28.15
CA PRO C 5 57.53 -6.61 27.70
C PRO C 5 58.52 -5.55 28.13
N ARG C 6 58.90 -5.56 29.41
CA ARG C 6 59.63 -4.42 29.96
C ARG C 6 60.93 -4.26 29.19
N LEU C 7 61.63 -5.38 29.06
CA LEU C 7 62.85 -5.49 28.28
C LEU C 7 62.70 -5.06 26.83
N TYR C 8 61.55 -5.33 26.22
CA TYR C 8 61.32 -4.87 24.84
C TYR C 8 61.38 -3.34 24.82
N PHE C 9 60.71 -2.75 25.80
CA PHE C 9 60.64 -1.30 25.98
C PHE C 9 62.02 -0.69 26.25
N GLU C 10 62.79 -1.28 27.16
CA GLU C 10 64.10 -0.74 27.51
C GLU C 10 65.10 -0.95 26.36
N ASN C 11 64.96 -2.07 25.65
CA ASN C 11 65.76 -2.32 24.46
C ASN C 11 65.48 -1.28 23.38
N ARG C 12 64.21 -0.87 23.26
CA ARG C 12 63.83 0.11 22.25
C ARG C 12 64.28 1.52 22.64
N SER C 13 64.18 1.83 23.93
CA SER C 13 64.69 3.09 24.46
C SER C 13 66.18 3.19 24.17
N LYS C 14 66.88 2.10 24.45
CA LYS C 14 68.31 2.02 24.21
C LYS C 14 68.63 2.10 22.72
N PHE C 15 67.75 1.56 21.89
CA PHE C 15 67.92 1.66 20.44
C PHE C 15 67.87 3.13 20.00
N ILE C 16 66.84 3.83 20.48
CA ILE C 16 66.67 5.24 20.13
C ILE C 16 67.88 6.05 20.58
N GLN C 17 68.33 5.82 21.81
CA GLN C 17 69.48 6.54 22.34
C GLN C 17 70.73 6.23 21.54
N ASP C 18 70.90 4.95 21.17
CA ASP C 18 72.06 4.54 20.39
C ASP C 18 72.09 5.16 19.01
N GLN C 19 70.93 5.33 18.37
CA GLN C 19 70.91 5.95 17.06
C GLN C 19 71.02 7.48 17.15
N LYS C 20 70.60 8.06 18.28
CA LYS C 20 70.95 9.44 18.57
C LYS C 20 72.47 9.58 18.64
N ASP C 21 73.10 8.61 19.29
CA ASP C 21 74.55 8.61 19.46
C ASP C 21 75.29 8.38 18.15
N LYS C 22 74.66 7.67 17.22
CA LYS C 22 75.23 7.47 15.89
C LYS C 22 75.04 8.74 15.06
N GLY C 23 74.30 9.69 15.62
CA GLY C 23 74.01 10.95 14.94
C GLY C 23 72.66 10.91 14.26
N ILE C 24 72.15 9.70 14.07
CA ILE C 24 70.89 9.52 13.36
C ILE C 24 69.71 10.01 14.20
N ASN C 25 68.84 10.81 13.60
CA ASN C 25 67.69 11.35 14.32
C ASN C 25 66.44 10.51 14.09
N PRO C 26 66.03 9.72 15.10
CA PRO C 26 64.83 8.93 14.82
C PRO C 26 63.55 9.64 15.23
N TYR C 27 63.50 10.95 15.03
CA TYR C 27 62.27 11.71 15.13
C TYR C 27 62.34 12.86 14.15
N PRO C 28 62.35 12.54 12.84
CA PRO C 28 62.55 13.54 11.79
C PRO C 28 61.57 14.68 11.87
N HIS C 29 62.07 15.90 11.65
CA HIS C 29 61.26 17.09 11.65
C HIS C 29 60.24 17.09 10.54
N LYS C 30 60.74 16.93 9.33
CA LYS C 30 59.92 17.04 8.14
C LYS C 30 60.04 15.81 7.25
N PHE C 31 58.91 15.15 7.01
CA PHE C 31 58.82 14.22 5.91
C PHE C 31 57.67 14.64 5.03
N GLU C 32 57.96 14.99 3.79
CA GLU C 32 56.91 15.33 2.86
C GLU C 32 56.18 14.07 2.42
N ARG C 33 54.88 14.04 2.60
CA ARG C 33 54.06 12.94 2.10
C ARG C 33 53.34 13.39 0.83
N THR C 34 53.54 12.65 -0.26
CA THR C 34 52.90 12.94 -1.54
C THR C 34 51.47 12.41 -1.60
N ILE C 35 51.23 11.26 -0.98
CA ILE C 35 49.97 10.58 -1.17
C ILE C 35 49.43 9.93 0.10
N SER C 36 48.12 10.07 0.32
CA SER C 36 47.45 9.38 1.40
C SER C 36 47.27 7.92 1.01
N ILE C 37 47.13 7.06 2.01
CA ILE C 37 46.92 5.64 1.75
C ILE C 37 45.66 5.34 0.93
N PRO C 38 44.49 5.93 1.29
CA PRO C 38 43.31 5.63 0.48
C PRO C 38 43.45 6.10 -0.97
N GLU C 39 43.99 7.32 -1.13
CA GLU C 39 44.32 7.88 -2.44
C GLU C 39 45.11 6.84 -3.21
N PHE C 40 46.16 6.37 -2.57
CA PHE C 40 47.06 5.36 -3.13
C PHE C 40 46.32 4.11 -3.56
N ILE C 41 45.47 3.60 -2.68
CA ILE C 41 44.77 2.36 -2.92
C ILE C 41 43.92 2.46 -4.17
N GLU C 42 42.99 3.40 -4.18
CA GLU C 42 41.98 3.36 -5.22
C GLU C 42 42.43 4.03 -6.53
N LYS C 43 43.44 4.90 -6.46
CA LYS C 43 44.03 5.42 -7.69
C LYS C 43 44.71 4.28 -8.44
N TYR C 44 45.36 3.42 -7.66
CA TYR C 44 46.12 2.29 -8.16
C TYR C 44 45.40 0.93 -8.07
N LYS C 45 44.12 0.95 -7.71
CA LYS C 45 43.36 -0.28 -7.45
C LYS C 45 43.54 -1.38 -8.50
N ASP C 46 43.39 -1.03 -9.78
CA ASP C 46 43.50 -2.04 -10.84
C ASP C 46 44.86 -1.96 -11.54
N LEU C 47 45.70 -2.94 -11.28
CA LEU C 47 47.00 -3.01 -11.92
C LEU C 47 47.30 -4.50 -12.04
N GLY C 48 48.04 -4.90 -13.06
CA GLY C 48 48.32 -6.32 -13.28
C GLY C 48 49.06 -6.95 -12.11
N ASN C 49 48.85 -8.24 -11.88
CA ASN C 49 49.58 -8.92 -10.82
C ASN C 49 51.05 -8.98 -11.21
N GLY C 50 51.91 -8.48 -10.32
CA GLY C 50 53.32 -8.37 -10.64
C GLY C 50 53.63 -7.16 -11.51
N GLU C 51 52.78 -6.13 -11.46
CA GLU C 51 53.08 -4.94 -12.26
C GLU C 51 53.76 -3.85 -11.46
N HIS C 52 54.71 -3.22 -12.11
CA HIS C 52 55.57 -2.24 -11.48
C HIS C 52 55.42 -0.91 -12.20
N LEU C 53 55.44 0.18 -11.45
CA LEU C 53 55.75 1.45 -12.09
C LEU C 53 57.06 1.95 -11.51
N GLU C 54 58.14 1.76 -12.27
CA GLU C 54 59.46 2.05 -11.77
C GLU C 54 59.78 3.53 -11.91
N ASP C 55 59.15 4.16 -12.90
CA ASP C 55 59.39 5.56 -13.19
C ASP C 55 58.62 6.50 -12.27
N THR C 56 57.59 5.97 -11.61
CA THR C 56 56.71 6.78 -10.76
C THR C 56 57.11 6.70 -9.29
N ILE C 57 57.61 7.81 -8.75
CA ILE C 57 58.07 7.84 -7.37
C ILE C 57 57.11 8.61 -6.47
N LEU C 58 56.86 8.04 -5.29
CA LEU C 58 55.95 8.60 -4.32
C LEU C 58 56.54 8.55 -2.91
N ASN C 59 56.19 9.56 -2.11
CA ASN C 59 56.46 9.55 -0.68
C ASN C 59 55.17 9.21 0.07
N ILE C 60 55.19 8.11 0.84
CA ILE C 60 53.98 7.69 1.55
C ILE C 60 54.29 7.31 3.01
N THR C 61 53.37 7.62 3.91
CA THR C 61 53.59 7.39 5.35
C THR C 61 52.59 6.44 5.96
N GLY C 62 52.94 5.93 7.13
CA GLY C 62 52.01 5.12 7.90
C GLY C 62 52.68 4.28 8.95
N ARG C 63 51.86 3.54 9.70
CA ARG C 63 52.36 2.74 10.79
C ARG C 63 52.49 1.27 10.37
N ILE C 64 53.55 0.62 10.83
CA ILE C 64 53.78 -0.76 10.43
C ILE C 64 53.10 -1.65 11.44
N MET C 65 51.97 -2.26 11.03
CA MET C 65 51.21 -3.09 11.96
C MET C 65 51.47 -4.58 11.76
N ARG C 66 52.21 -4.92 10.73
CA ARG C 66 52.61 -6.30 10.53
C ARG C 66 54.02 -6.33 9.95
N VAL C 67 54.85 -7.18 10.50
CA VAL C 67 56.20 -7.33 10.03
C VAL C 67 56.47 -8.78 9.68
N SER C 68 56.96 -9.02 8.46
CA SER C 68 57.18 -10.38 8.00
C SER C 68 58.65 -10.63 7.88
N ALA C 69 59.01 -11.91 7.92
CA ALA C 69 60.35 -12.36 8.27
C ALA C 69 61.45 -11.88 7.32
N SER C 70 62.67 -11.87 7.86
CA SER C 70 63.87 -11.56 7.12
C SER C 70 64.02 -12.61 6.03
N GLY C 71 64.77 -12.33 4.96
CA GLY C 71 65.70 -11.22 4.88
C GLY C 71 66.54 -11.48 3.65
N GLN C 72 67.77 -10.97 3.64
CA GLN C 72 68.62 -11.07 2.45
C GLN C 72 67.83 -10.40 1.33
N LYS C 73 67.38 -11.19 0.38
CA LYS C 73 66.58 -10.70 -0.74
C LYS C 73 65.49 -9.67 -0.40
N LEU C 74 64.48 -10.05 0.39
CA LEU C 74 63.24 -9.27 0.47
C LEU C 74 62.65 -9.05 1.88
N ARG C 75 61.90 -7.97 2.06
CA ARG C 75 61.19 -7.72 3.33
C ARG C 75 59.71 -7.36 3.12
N PHE C 76 58.81 -8.11 3.75
CA PHE C 76 57.38 -7.81 3.75
C PHE C 76 57.00 -7.02 5.01
N PHE C 77 56.12 -6.04 4.83
CA PHE C 77 55.51 -5.31 5.95
C PHE C 77 54.05 -5.01 5.62
N ASP C 78 53.28 -4.57 6.62
CA ASP C 78 51.94 -4.05 6.34
C ASP C 78 51.80 -2.64 6.91
N LEU C 79 51.55 -1.71 6.00
CA LEU C 79 51.49 -0.31 6.37
C LEU C 79 50.04 0.16 6.44
N VAL C 80 49.66 0.64 7.61
CA VAL C 80 48.30 1.07 7.89
C VAL C 80 48.24 2.58 8.09
N GLY C 81 47.20 3.19 7.53
CA GLY C 81 46.83 4.54 7.87
C GLY C 81 45.36 4.75 7.58
N ASP C 82 44.74 5.65 8.35
CA ASP C 82 43.34 6.02 8.17
C ASP C 82 42.40 4.82 8.00
N GLY C 83 42.66 3.76 8.76
CA GLY C 83 41.80 2.59 8.77
C GLY C 83 41.95 1.62 7.60
N GLU C 84 42.89 1.90 6.70
CA GLU C 84 43.18 0.98 5.61
C GLU C 84 44.66 0.65 5.50
N LYS C 85 44.96 -0.46 4.81
CA LYS C 85 46.33 -0.95 4.72
C LYS C 85 46.79 -1.24 3.30
N ILE C 86 48.07 -0.94 3.03
CA ILE C 86 48.77 -1.41 1.82
C ILE C 86 50.01 -2.16 2.25
N GLN C 87 50.47 -3.10 1.43
CA GLN C 87 51.46 -4.04 1.87
C GLN C 87 52.74 -3.22 1.57
N VAL C 88 53.81 -3.36 2.35
CA VAL C 88 55.08 -2.73 1.99
C VAL C 88 56.02 -3.82 1.53
N LEU C 89 56.38 -3.81 0.24
CA LEU C 89 57.31 -4.80 -0.27
C LEU C 89 58.65 -4.17 -0.58
N ALA C 90 59.67 -4.53 0.18
CA ALA C 90 61.00 -3.98 -0.02
C ALA C 90 61.94 -4.99 -0.68
N ASN C 91 62.39 -4.65 -1.88
CA ASN C 91 63.31 -5.48 -2.63
C ASN C 91 64.72 -4.91 -2.64
N TYR C 92 65.69 -5.79 -2.51
CA TYR C 92 67.10 -5.41 -2.49
C TYR C 92 67.55 -4.77 -3.80
N SER C 93 67.06 -5.29 -4.93
CA SER C 93 67.38 -4.73 -6.23
C SER C 93 66.85 -3.30 -6.34
N PHE C 94 65.64 -3.10 -5.83
CA PHE C 94 64.99 -1.79 -5.88
C PHE C 94 65.51 -0.84 -4.81
N HIS C 95 66.01 -1.39 -3.70
CA HIS C 95 66.56 -0.54 -2.65
C HIS C 95 67.71 0.31 -3.17
N ASN C 96 67.59 1.62 -2.97
CA ASN C 96 68.65 2.55 -3.30
C ASN C 96 69.67 2.44 -2.19
N HIS C 97 70.88 1.99 -2.50
CA HIS C 97 71.81 1.53 -1.46
C HIS C 97 72.59 2.64 -0.76
N GLU C 98 72.56 3.85 -1.30
CA GLU C 98 73.45 4.90 -0.83
C GLU C 98 73.11 5.44 0.57
N LYS C 99 71.85 5.37 0.96
CA LYS C 99 71.43 5.85 2.28
C LYS C 99 71.98 4.97 3.39
N GLY C 100 72.14 3.68 3.10
CA GLY C 100 72.69 2.75 4.06
C GLY C 100 72.48 1.29 3.65
N ASN C 101 73.09 0.37 4.39
CA ASN C 101 72.94 -1.05 4.14
C ASN C 101 71.47 -1.49 4.25
N PHE C 102 71.02 -2.29 3.29
CA PHE C 102 69.64 -2.76 3.24
C PHE C 102 69.20 -3.45 4.53
N ALA C 103 69.80 -4.62 4.79
CA ALA C 103 69.50 -5.43 5.97
C ALA C 103 69.56 -4.61 7.25
N GLU C 104 70.67 -3.88 7.42
CA GLU C 104 70.91 -3.08 8.62
C GLU C 104 69.77 -2.09 8.90
N CYS C 105 69.38 -1.34 7.88
CA CYS C 105 68.37 -0.31 8.05
C CYS C 105 66.97 -0.90 8.22
N TYR C 106 66.71 -2.02 7.55
CA TYR C 106 65.37 -2.62 7.63
C TYR C 106 65.17 -3.48 8.87
N ASP C 107 66.26 -3.85 9.54
CA ASP C 107 66.16 -4.62 10.77
C ASP C 107 65.72 -3.72 11.92
N LYS C 108 65.86 -2.40 11.72
CA LYS C 108 65.47 -1.43 12.74
C LYS C 108 63.95 -1.28 12.81
N ILE C 109 63.25 -1.60 11.73
CA ILE C 109 61.80 -1.47 11.68
C ILE C 109 61.12 -2.54 12.54
N ARG C 110 60.19 -2.10 13.39
CA ARG C 110 59.43 -3.01 14.25
C ARG C 110 57.93 -2.77 14.13
N ARG C 111 57.15 -3.55 14.86
CA ARG C 111 55.69 -3.43 14.80
C ARG C 111 55.21 -2.18 15.53
N GLY C 112 54.35 -1.42 14.86
CA GLY C 112 53.77 -0.22 15.44
C GLY C 112 54.57 1.04 15.13
N ASP C 113 55.60 0.88 14.32
CA ASP C 113 56.50 1.99 14.01
C ASP C 113 56.00 2.86 12.87
N ILE C 114 56.05 4.17 13.07
CA ILE C 114 55.64 5.11 12.04
C ILE C 114 56.78 5.47 11.10
N VAL C 115 56.57 5.15 9.83
CA VAL C 115 57.59 5.30 8.81
C VAL C 115 57.07 6.13 7.66
N GLY C 116 57.98 6.50 6.78
CA GLY C 116 57.63 7.18 5.55
C GLY C 116 58.58 6.60 4.54
N ILE C 117 58.17 6.64 3.28
CA ILE C 117 58.72 5.76 2.27
C ILE C 117 58.86 6.49 0.95
N VAL C 118 60.06 6.44 0.38
CA VAL C 118 60.26 6.90 -0.98
C VAL C 118 60.30 5.65 -1.84
N GLY C 119 59.26 5.44 -2.62
CA GLY C 119 59.19 4.22 -3.39
C GLY C 119 58.20 4.30 -4.51
N PHE C 120 57.94 3.18 -5.17
CA PHE C 120 57.03 3.19 -6.29
C PHE C 120 55.91 2.18 -6.08
N PRO C 121 54.71 2.51 -6.57
CA PRO C 121 53.54 1.63 -6.43
C PRO C 121 53.62 0.38 -7.28
N GLY C 122 52.95 -0.68 -6.84
CA GLY C 122 52.81 -1.87 -7.66
C GLY C 122 52.24 -3.03 -6.88
N LYS C 123 51.74 -4.04 -7.58
CA LYS C 123 51.33 -5.29 -6.95
C LYS C 123 52.33 -6.36 -7.38
N SER C 124 52.68 -7.27 -6.47
CA SER C 124 53.58 -8.37 -6.82
C SER C 124 52.75 -9.51 -7.42
N LYS C 125 53.42 -10.59 -7.82
CA LYS C 125 52.80 -11.71 -8.51
C LYS C 125 51.54 -12.24 -7.82
N LYS C 126 51.53 -12.21 -6.49
CA LYS C 126 50.36 -12.64 -5.74
C LYS C 126 49.27 -11.56 -5.76
N GLU C 128 48.60 -8.69 -4.38
CA GLU C 128 48.03 -7.62 -3.57
C GLU C 128 48.82 -6.32 -3.80
N LEU C 129 48.13 -5.19 -3.71
CA LEU C 129 48.76 -3.89 -3.92
C LEU C 129 49.84 -3.66 -2.87
N SER C 130 50.79 -2.78 -3.17
CA SER C 130 51.99 -2.67 -2.37
C SER C 130 52.84 -1.49 -2.81
N ILE C 131 53.70 -1.06 -1.90
CA ILE C 131 54.63 0.03 -2.15
C ILE C 131 56.05 -0.52 -2.08
N PHE C 132 56.82 -0.31 -3.14
CA PHE C 132 58.18 -0.79 -3.19
C PHE C 132 59.12 0.35 -2.88
N PRO C 133 59.66 0.39 -1.65
CA PRO C 133 60.54 1.49 -1.29
C PRO C 133 61.90 1.42 -1.98
N LYS C 134 62.33 2.55 -2.52
CA LYS C 134 63.72 2.73 -2.92
C LYS C 134 64.49 3.02 -1.64
N GLU C 135 63.83 3.71 -0.72
CA GLU C 135 64.38 3.95 0.61
C GLU C 135 63.26 4.11 1.64
N THR C 136 63.55 3.74 2.88
CA THR C 136 62.58 3.84 3.97
C THR C 136 63.22 4.49 5.20
N ILE C 137 62.57 5.52 5.72
CA ILE C 137 63.05 6.20 6.92
C ILE C 137 61.91 6.27 7.93
N LEU C 138 62.26 6.19 9.22
CA LEU C 138 61.24 6.14 10.26
C LEU C 138 60.99 7.52 10.88
N LEU C 139 59.72 7.93 10.87
CA LEU C 139 59.32 9.22 11.43
C LEU C 139 59.16 9.17 12.94
N SER C 140 58.56 8.10 13.43
CA SER C 140 58.33 7.98 14.87
C SER C 140 58.40 6.53 15.29
N ALA C 141 58.93 6.29 16.48
CA ALA C 141 59.18 4.92 16.92
C ALA C 141 58.22 4.50 18.01
N CYS C 142 57.74 3.26 17.90
CA CYS C 142 56.90 2.68 18.93
C CYS C 142 57.76 1.87 19.89
N LEU C 143 57.83 2.34 21.13
CA LEU C 143 58.69 1.73 22.14
C LEU C 143 58.07 0.44 22.66
N HIS C 144 56.76 0.47 22.87
CA HIS C 144 56.04 -0.68 23.43
C HIS C 144 55.71 -1.77 22.42
N MET C 145 55.54 -2.97 22.93
CA MET C 145 55.08 -4.09 22.12
C MET C 145 53.58 -3.99 21.97
N LEU C 146 53.10 -3.83 20.73
CA LEU C 146 51.67 -3.63 20.50
C LEU C 146 50.88 -4.91 20.70
N PRO C 147 49.75 -4.82 21.41
CA PRO C 147 48.90 -5.99 21.66
C PRO C 147 48.37 -6.60 20.37
N MET C 148 48.01 -7.88 20.44
CA MET C 148 47.49 -8.61 19.29
C MET C 148 46.06 -8.19 18.98
N LYS C 149 45.63 -8.51 17.76
CA LYS C 149 44.32 -8.10 17.25
C LYS C 149 43.18 -8.37 18.23
N TYR C 150 43.19 -9.56 18.82
CA TYR C 150 42.20 -9.93 19.82
C TYR C 150 42.73 -9.75 21.25
N GLY C 151 43.96 -9.25 21.37
CA GLY C 151 44.59 -9.05 22.66
C GLY C 151 43.81 -8.15 23.62
N LEU C 152 43.18 -7.10 23.09
CA LEU C 152 42.41 -6.17 23.91
C LEU C 152 41.00 -6.70 24.16
N LYS C 153 40.56 -6.70 25.41
CA LYS C 153 39.29 -7.31 25.82
C LYS C 153 38.40 -6.33 26.57
N ASP C 154 37.30 -6.85 27.12
CA ASP C 154 36.27 -6.07 27.82
C ASP C 154 36.80 -5.22 28.97
N THR C 155 38.02 -5.53 29.41
CA THR C 155 38.70 -4.75 30.45
C THR C 155 38.74 -3.27 30.09
N GLU C 156 38.70 -2.42 31.11
CA GLU C 156 38.60 -0.97 30.93
C GLU C 156 39.78 -0.37 30.15
N ILE C 157 40.80 -1.21 29.89
CA ILE C 157 41.96 -0.84 29.08
C ILE C 157 41.50 -0.21 27.76
N ARG C 158 40.58 -0.87 27.06
CA ARG C 158 40.05 -0.37 25.79
C ARG C 158 39.64 1.09 25.93
N TYR C 159 39.01 1.41 27.04
CA TYR C 159 38.55 2.78 27.29
C TYR C 159 39.64 3.65 27.89
N ARG C 160 40.44 3.04 28.77
CA ARG C 160 41.55 3.76 29.39
C ARG C 160 42.51 4.36 28.39
N GLN C 161 42.99 3.52 27.48
CA GLN C 161 43.91 3.98 26.44
C GLN C 161 43.16 3.84 25.13
N ARG C 162 42.72 4.95 24.54
CA ARG C 162 41.87 4.86 23.37
C ARG C 162 42.64 4.55 22.08
N TYR C 163 43.87 5.05 21.99
CA TYR C 163 44.65 4.93 20.76
C TYR C 163 44.92 3.46 20.41
N LEU C 164 45.15 2.63 21.42
CA LEU C 164 45.32 1.20 21.20
C LEU C 164 44.09 0.61 20.51
N ASP C 165 42.94 0.86 21.12
CA ASP C 165 41.65 0.41 20.61
C ASP C 165 41.43 0.85 19.17
N LEU C 166 41.66 2.14 18.92
CA LEU C 166 41.45 2.70 17.59
C LEU C 166 42.40 2.10 16.56
N LEU C 167 43.63 1.81 17.00
CA LEU C 167 44.61 1.20 16.12
C LEU C 167 44.20 -0.21 15.71
N ILE C 168 43.90 -1.03 16.71
CA ILE C 168 43.75 -2.47 16.50
C ILE C 168 42.41 -2.95 15.94
N ASN C 169 41.30 -2.45 16.49
CA ASN C 169 39.98 -2.91 16.06
C ASN C 169 39.32 -1.94 15.10
N GLU C 170 39.02 -2.40 13.89
CA GLU C 170 38.36 -1.56 12.89
C GLU C 170 36.95 -1.19 13.34
N SER C 171 36.37 -2.02 14.19
CA SER C 171 35.01 -1.81 14.69
C SER C 171 34.90 -0.52 15.51
N SER C 172 35.92 -0.23 16.31
CA SER C 172 35.94 0.99 17.12
C SER C 172 36.04 2.26 16.27
N ARG C 173 37.06 2.31 15.42
CA ARG C 173 37.25 3.45 14.53
C ARG C 173 36.00 3.67 13.68
N HIS C 174 35.44 2.56 13.20
CA HIS C 174 34.20 2.59 12.44
C HIS C 174 33.07 3.21 13.26
N THR C 175 32.98 2.80 14.52
CA THR C 175 31.99 3.32 15.45
C THR C 175 32.05 4.84 15.55
N PHE C 176 33.25 5.37 15.76
CA PHE C 176 33.36 6.81 15.99
C PHE C 176 33.20 7.63 14.71
N VAL C 177 33.74 7.11 13.61
CA VAL C 177 33.47 7.67 12.29
C VAL C 177 31.96 7.80 12.10
N THR C 178 31.24 6.75 12.51
CA THR C 178 29.79 6.74 12.44
C THR C 178 29.16 7.80 13.33
N ARG C 179 29.62 7.95 14.56
CA ARG C 179 29.08 8.98 15.45
C ARG C 179 29.17 10.36 14.81
N THR C 180 30.37 10.72 14.35
CA THR C 180 30.56 12.02 13.71
C THR C 180 29.67 12.14 12.47
N LYS C 181 29.51 11.04 11.75
CA LYS C 181 28.61 10.99 10.60
C LYS C 181 27.19 11.42 10.98
N ILE C 182 26.67 10.77 12.03
CA ILE C 182 25.35 11.06 12.58
C ILE C 182 25.19 12.54 12.88
N ILE C 183 26.12 13.06 13.69
CA ILE C 183 26.03 14.45 14.13
C ILE C 183 26.08 15.41 12.95
N ASN C 184 26.91 15.10 11.95
CA ASN C 184 26.92 15.88 10.71
C ASN C 184 25.53 15.94 10.09
N PHE C 185 24.92 14.76 9.95
CA PHE C 185 23.58 14.66 9.39
C PHE C 185 22.60 15.53 10.15
N LEU C 186 22.73 15.56 11.48
CA LEU C 186 21.84 16.39 12.30
C LEU C 186 22.06 17.89 12.08
N ARG C 187 23.31 18.32 12.21
CA ARG C 187 23.66 19.73 12.03
C ARG C 187 23.10 20.25 10.71
N ASN C 188 23.34 19.54 9.61
CA ASN C 188 22.86 20.08 8.35
C ASN C 188 21.35 19.89 8.17
N PHE C 189 20.80 18.80 8.73
CA PHE C 189 19.37 18.55 8.68
C PHE C 189 18.64 19.81 9.14
N LEU C 190 18.98 20.21 10.37
CA LEU C 190 18.42 21.43 10.94
C LEU C 190 18.81 22.64 10.09
N ASN C 191 20.07 22.69 9.65
CA ASN C 191 20.58 23.83 8.88
C ASN C 191 19.77 24.18 7.63
N GLU C 192 19.51 23.21 6.76
CA GLU C 192 18.77 23.51 5.54
C GLU C 192 17.27 23.23 5.69
N ARG C 193 16.85 22.91 6.90
CA ARG C 193 15.44 23.16 7.21
C ARG C 193 15.30 24.58 7.77
N GLY C 194 16.44 25.27 7.82
CA GLY C 194 16.44 26.69 8.11
C GLY C 194 16.86 27.06 9.52
N PHE C 195 17.31 26.08 10.30
CA PHE C 195 17.65 26.33 11.69
C PHE C 195 18.94 27.12 11.88
N PHE C 196 19.06 27.70 13.07
CA PHE C 196 20.16 28.61 13.39
C PHE C 196 20.93 28.12 14.62
N GLU C 197 22.20 27.80 14.41
CA GLU C 197 23.04 27.19 15.42
C GLU C 197 23.68 28.21 16.36
N VAL C 198 23.63 27.96 17.66
CA VAL C 198 24.16 28.91 18.63
C VAL C 198 24.97 28.23 19.73
N GLU C 199 25.41 29.05 20.69
CA GLU C 199 26.11 28.57 21.87
C GLU C 199 25.59 29.31 23.09
N THR C 200 25.28 28.55 24.13
CA THR C 200 24.70 29.11 25.35
C THR C 200 25.60 28.78 26.53
N PRO C 201 25.48 29.55 27.63
CA PRO C 201 26.40 29.35 28.76
C PRO C 201 26.44 27.92 29.28
N MET C 202 27.65 27.39 29.44
CA MET C 202 27.84 26.12 30.11
C MET C 202 27.56 26.28 31.60
N MET C 203 27.96 27.43 32.14
CA MET C 203 27.86 27.67 33.57
C MET C 203 26.75 28.67 33.89
N ASN C 204 25.75 28.22 34.62
CA ASN C 204 24.67 29.09 35.06
C ASN C 204 24.57 29.11 36.58
N LEU C 205 23.65 29.92 37.08
CA LEU C 205 23.43 29.99 38.52
C LEU C 205 22.22 29.15 38.96
N ILE C 206 21.64 28.42 38.02
CA ILE C 206 20.52 27.52 38.33
C ILE C 206 20.96 26.28 39.12
N ALA C 207 20.23 25.96 40.19
CA ALA C 207 20.57 24.81 41.02
C ALA C 207 19.66 23.63 40.72
N ALA C 210 15.74 20.67 40.65
CA ALA C 210 16.31 19.92 39.54
C ALA C 210 15.96 18.44 39.61
N ASN C 211 15.60 17.85 38.47
CA ASN C 211 15.40 16.41 38.38
C ASN C 211 16.73 15.66 38.56
N ALA C 212 17.82 16.36 38.29
CA ALA C 212 19.15 15.79 38.44
C ALA C 212 20.06 16.78 39.16
N ARG C 213 20.80 16.27 40.13
CA ARG C 213 21.70 17.09 40.93
C ARG C 213 22.77 17.73 40.05
N PRO C 214 23.14 18.97 40.36
CA PRO C 214 24.02 19.74 39.47
C PRO C 214 25.51 19.52 39.69
N PHE C 215 26.31 20.15 38.83
CA PHE C 215 27.74 20.25 39.02
C PHE C 215 28.08 21.65 39.50
N ILE C 216 28.49 21.76 40.76
CA ILE C 216 28.74 23.06 41.35
C ILE C 216 30.24 23.36 41.27
N THR C 217 30.59 24.41 40.54
CA THR C 217 31.98 24.85 40.46
C THR C 217 32.04 26.32 40.80
N HIS C 218 33.19 26.75 41.28
CA HIS C 218 33.35 28.12 41.77
C HIS C 218 34.23 28.94 40.83
N HIS C 219 33.83 30.17 40.55
CA HIS C 219 34.70 31.11 39.85
C HIS C 219 35.34 31.97 40.94
N ASN C 220 36.65 31.85 41.10
CA ASN C 220 37.33 32.37 42.30
C ASN C 220 37.47 33.89 42.37
N ASP C 221 37.85 34.52 41.25
CA ASP C 221 38.08 35.95 41.28
C ASP C 221 36.84 36.77 40.95
N LEU C 222 35.73 36.09 40.67
CA LEU C 222 34.44 36.75 40.77
C LEU C 222 33.80 36.43 42.13
N ASP C 223 34.40 35.46 42.83
CA ASP C 223 33.79 34.86 44.01
C ASP C 223 32.33 34.44 43.72
N LEU C 224 32.12 33.69 42.64
CA LEU C 224 30.77 33.25 42.30
C LEU C 224 30.63 31.74 42.34
N ASP C 225 29.41 31.27 42.57
CA ASP C 225 29.11 29.84 42.49
C ASP C 225 28.24 29.55 41.28
N LEU C 226 28.80 28.78 40.36
CA LEU C 226 28.18 28.45 39.09
C LEU C 226 27.83 26.97 39.02
N TYR C 227 26.81 26.66 38.23
CA TYR C 227 26.42 25.27 37.99
C TYR C 227 26.47 24.93 36.51
N LEU C 228 27.14 23.84 36.18
CA LEU C 228 27.12 23.37 34.80
C LEU C 228 25.69 22.98 34.42
N ARG C 229 25.26 23.41 33.24
CA ARG C 229 23.87 23.28 32.81
C ARG C 229 23.37 21.83 32.76
N ILE C 230 22.15 21.64 33.25
CA ILE C 230 21.48 20.34 33.18
C ILE C 230 20.85 20.15 31.81
N ALA C 231 20.52 21.27 31.16
CA ALA C 231 19.93 21.24 29.81
C ALA C 231 20.17 22.59 29.13
N THR C 232 19.98 22.65 27.82
CA THR C 232 20.28 23.86 27.07
C THR C 232 19.07 24.79 26.89
N GLU C 233 17.93 24.40 27.46
CA GLU C 233 16.62 24.96 27.09
C GLU C 233 16.37 26.46 27.32
N LEU C 234 16.58 26.94 28.56
CA LEU C 234 16.25 28.34 28.92
C LEU C 234 16.75 29.37 27.90
N PRO C 235 18.07 29.42 27.63
CA PRO C 235 18.54 30.45 26.71
C PRO C 235 18.01 30.29 25.29
N LEU C 236 17.70 29.06 24.89
CA LEU C 236 17.16 28.81 23.56
C LEU C 236 15.74 29.37 23.41
N LYS C 237 14.84 29.04 24.34
CA LYS C 237 13.50 29.60 24.24
C LYS C 237 13.53 31.14 24.39
N MET C 238 14.37 31.62 25.31
CA MET C 238 14.64 33.05 25.38
C MET C 238 15.02 33.61 24.02
N LEU C 239 15.84 32.87 23.27
CA LEU C 239 16.25 33.31 21.94
C LEU C 239 15.08 33.31 20.96
N ILE C 240 14.13 32.40 21.16
CA ILE C 240 12.90 32.46 20.37
C ILE C 240 12.24 33.80 20.63
N VAL C 241 12.22 34.24 21.88
CA VAL C 241 11.70 35.58 22.14
C VAL C 241 12.56 36.63 21.45
N GLY C 242 13.85 36.38 21.37
CA GLY C 242 14.80 37.31 20.76
C GLY C 242 14.58 37.60 19.29
N GLY C 243 13.80 36.76 18.61
CA GLY C 243 13.57 36.95 17.19
C GLY C 243 14.31 35.94 16.34
N ILE C 244 15.03 35.03 16.98
CA ILE C 244 15.55 33.90 16.25
C ILE C 244 14.48 32.83 16.42
N ASP C 245 13.76 32.56 15.33
CA ASP C 245 12.57 31.73 15.39
C ASP C 245 12.85 30.22 15.35
N LYS C 246 13.92 29.84 14.68
CA LYS C 246 14.36 28.45 14.71
C LYS C 246 15.79 28.39 15.22
N VAL C 247 15.98 27.84 16.43
CA VAL C 247 17.29 27.87 17.07
C VAL C 247 17.64 26.52 17.65
N TYR C 248 18.93 26.19 17.71
CA TYR C 248 19.33 24.94 18.33
C TYR C 248 20.75 24.95 18.83
N GLU C 249 21.07 24.04 19.73
CA GLU C 249 22.45 23.83 20.14
C GLU C 249 22.76 22.36 20.36
N ILE C 250 23.95 21.98 19.89
CA ILE C 250 24.52 20.67 20.15
C ILE C 250 25.73 20.85 21.05
N GLY C 251 25.61 20.42 22.29
CA GLY C 251 26.68 20.61 23.25
C GLY C 251 26.69 19.61 24.37
N LYS C 252 27.81 19.53 25.08
CA LYS C 252 27.92 18.64 26.22
C LYS C 252 27.13 19.15 27.41
N VAL C 253 26.40 18.24 28.05
CA VAL C 253 25.58 18.59 29.19
C VAL C 253 25.97 17.73 30.38
N PHE C 254 25.73 18.27 31.59
CA PHE C 254 26.28 17.68 32.81
C PHE C 254 25.23 17.37 33.86
N ARG C 255 25.22 16.12 34.32
CA ARG C 255 24.34 15.69 35.40
C ARG C 255 25.12 14.81 36.37
N ASN C 256 24.72 14.85 37.65
CA ASN C 256 25.52 14.24 38.70
C ASN C 256 25.12 12.82 39.10
N GLU C 257 24.18 12.21 38.39
CA GLU C 257 23.73 10.87 38.77
C GLU C 257 24.82 9.83 38.48
N GLY C 258 24.55 8.58 38.81
CA GLY C 258 25.53 7.50 38.71
C GLY C 258 26.01 7.26 37.29
N ILE C 259 27.15 6.59 37.15
CA ILE C 259 27.73 6.39 35.81
C ILE C 259 26.97 5.38 34.95
N ASP C 260 26.59 4.25 35.52
CA ASP C 260 25.65 3.32 34.89
C ASP C 260 26.13 2.86 33.50
N ASN C 261 25.19 2.68 32.57
CA ASN C 261 25.46 2.11 31.26
C ASN C 261 24.82 2.98 30.21
N THR C 262 23.50 3.14 30.31
CA THR C 262 22.83 4.08 29.45
C THR C 262 22.87 5.52 29.96
N HIS C 263 23.45 5.82 31.12
CA HIS C 263 23.66 7.25 31.30
C HIS C 263 25.12 7.50 31.49
N ASN C 264 25.51 8.74 31.32
CA ASN C 264 26.81 9.18 31.77
C ASN C 264 26.76 10.66 32.05
N PRO C 265 27.48 11.07 33.10
CA PRO C 265 27.55 12.38 33.75
C PRO C 265 27.67 13.50 32.74
N GLU C 266 28.48 13.21 31.74
CA GLU C 266 28.78 14.10 30.65
C GLU C 266 28.26 13.53 29.33
N PHE C 267 27.21 14.15 28.79
CA PHE C 267 26.62 13.60 27.57
C PHE C 267 26.18 14.68 26.59
N THR C 268 26.48 14.44 25.32
CA THR C 268 26.16 15.40 24.27
C THR C 268 24.67 15.40 23.96
N SER C 269 24.06 16.58 23.99
CA SER C 269 22.66 16.69 23.62
C SER C 269 22.45 17.79 22.59
N CYS C 270 21.43 17.61 21.76
CA CYS C 270 20.99 18.64 20.84
C CYS C 270 19.57 19.06 21.14
N GLU C 271 19.39 20.29 21.61
CA GLU C 271 18.03 20.77 21.80
C GLU C 271 17.71 21.88 20.81
N PHE C 272 16.51 21.82 20.23
CA PHE C 272 16.09 22.87 19.32
C PHE C 272 14.70 23.37 19.66
N TYR C 273 14.47 24.63 19.35
CA TYR C 273 13.17 25.25 19.51
C TYR C 273 12.73 25.91 18.22
N TRP C 274 11.48 25.62 17.87
CA TRP C 274 10.89 25.90 16.58
C TRP C 274 9.60 26.70 16.77
N ALA C 275 9.59 27.91 16.24
CA ALA C 275 8.44 28.80 16.37
C ALA C 275 7.33 28.43 15.40
N TYR C 276 6.09 28.63 15.84
CA TYR C 276 4.90 28.34 15.03
C TYR C 276 4.87 26.89 14.55
N ALA C 277 5.23 25.98 15.44
CA ALA C 277 5.11 24.56 15.17
C ALA C 277 4.47 23.86 16.36
N ASP C 278 3.71 22.80 16.11
CA ASP C 278 3.02 22.09 17.19
C ASP C 278 3.44 20.63 17.26
N TYR C 279 2.78 19.86 18.12
CA TYR C 279 3.14 18.47 18.41
C TYR C 279 3.27 17.60 17.15
N ASN C 280 2.28 17.66 16.27
CA ASN C 280 2.34 16.87 15.03
C ASN C 280 3.52 17.30 14.15
N ASP C 281 3.85 18.59 14.17
CA ASP C 281 5.03 19.07 13.47
C ASP C 281 6.28 18.39 13.99
N LEU C 282 6.38 18.29 15.32
CA LEU C 282 7.53 17.66 15.96
C LEU C 282 7.61 16.16 15.71
N ILE C 283 6.46 15.49 15.72
CA ILE C 283 6.41 14.06 15.42
C ILE C 283 6.87 13.81 13.99
N LYS C 284 6.34 14.59 13.06
CA LYS C 284 6.77 14.52 11.67
C LYS C 284 8.27 14.74 11.56
N TRP C 285 8.78 15.70 12.34
CA TRP C 285 10.21 15.98 12.39
C TRP C 285 11.01 14.75 12.82
N SER C 286 10.56 14.08 13.87
CA SER C 286 11.27 12.93 14.40
C SER C 286 11.26 11.74 13.42
N GLU C 287 10.07 11.41 12.93
CA GLU C 287 9.93 10.32 11.96
C GLU C 287 10.84 10.55 10.76
N ASP C 288 10.74 11.75 10.17
CA ASP C 288 11.58 12.11 9.04
C ASP C 288 13.06 11.97 9.36
N PHE C 289 13.49 12.66 10.43
CA PHE C 289 14.90 12.67 10.82
C PHE C 289 15.47 11.26 10.99
N PHE C 290 14.80 10.42 11.78
CA PHE C 290 15.35 9.09 12.06
C PHE C 290 15.31 8.17 10.84
N SER C 291 14.18 8.18 10.13
CA SER C 291 14.07 7.38 8.91
C SER C 291 15.19 7.71 7.93
N GLN C 292 15.29 8.99 7.59
CA GLN C 292 16.28 9.45 6.64
C GLN C 292 17.71 9.25 7.14
N LEU C 293 17.91 9.34 8.44
CA LEU C 293 19.24 9.14 9.04
C LEU C 293 19.69 7.71 8.83
N VAL C 294 18.86 6.78 9.28
CA VAL C 294 19.16 5.36 9.15
C VAL C 294 19.33 5.00 7.67
N TYR C 295 18.52 5.58 6.80
CA TYR C 295 18.65 5.26 5.38
C TYR C 295 19.92 5.86 4.78
N HIS C 296 20.38 6.97 5.36
CA HIS C 296 21.63 7.60 4.93
C HIS C 296 22.80 6.71 5.29
N LEU C 297 22.78 6.18 6.51
CA LEU C 297 23.88 5.32 6.95
C LEU C 297 23.87 3.94 6.28
N PHE C 298 22.76 3.23 6.42
CA PHE C 298 22.69 1.82 5.99
C PHE C 298 22.02 1.50 4.65
N GLY C 299 21.43 2.49 3.99
CA GLY C 299 20.66 2.23 2.78
C GLY C 299 19.49 1.28 3.01
N THR C 300 19.05 1.19 4.26
CA THR C 300 17.87 0.40 4.62
C THR C 300 17.32 0.93 5.94
N TYR C 301 16.06 0.65 6.23
CA TYR C 301 15.44 1.18 7.45
C TYR C 301 15.47 0.20 8.62
N LYS C 302 15.97 -1.01 8.39
CA LYS C 302 15.96 -2.02 9.43
C LYS C 302 17.37 -2.40 9.84
N ILE C 303 17.69 -2.24 11.12
CA ILE C 303 19.03 -2.60 11.58
C ILE C 303 18.99 -3.61 12.72
N SER C 304 20.05 -4.40 12.81
CA SER C 304 20.16 -5.48 13.77
C SER C 304 20.81 -5.00 15.06
N TYR C 305 20.07 -5.05 16.17
CA TYR C 305 20.63 -4.64 17.45
C TYR C 305 20.43 -5.73 18.49
N ASN C 306 21.52 -6.27 19.03
CA ASN C 306 21.36 -7.26 20.08
C ASN C 306 21.36 -6.58 21.44
N LYS C 307 20.20 -6.56 22.06
CA LYS C 307 20.00 -5.90 23.33
C LYS C 307 20.66 -6.68 24.45
N ASP C 308 20.54 -7.99 24.37
CA ASP C 308 21.06 -8.88 25.41
C ASP C 308 22.58 -9.02 25.33
N GLY C 309 23.12 -9.07 24.12
CA GLY C 309 24.57 -9.10 23.95
C GLY C 309 25.08 -9.60 22.61
N PRO C 310 26.40 -9.50 22.39
CA PRO C 310 27.07 -9.92 21.16
C PRO C 310 26.90 -11.43 20.92
N GLU C 311 26.86 -12.20 22.00
CA GLU C 311 26.59 -13.63 21.88
C GLU C 311 25.14 -13.89 21.49
N ASN C 312 24.23 -13.28 22.23
CA ASN C 312 22.79 -13.53 22.09
C ASN C 312 22.12 -12.89 20.87
N GLN C 313 20.95 -13.41 20.53
CA GLN C 313 20.16 -12.99 19.38
C GLN C 313 19.90 -11.50 19.29
N PRO C 314 20.18 -10.90 18.13
CA PRO C 314 19.79 -9.52 17.87
C PRO C 314 18.30 -9.38 17.55
N ILE C 315 17.69 -8.31 18.06
CA ILE C 315 16.34 -7.92 17.69
C ILE C 315 16.43 -6.91 16.55
N GLU C 316 15.48 -6.96 15.63
CA GLU C 316 15.49 -6.10 14.46
C GLU C 316 14.68 -4.83 14.70
N ILE C 317 15.29 -3.68 14.45
CA ILE C 317 14.62 -2.40 14.61
C ILE C 317 14.24 -1.80 13.27
N ASP C 318 12.95 -1.53 13.08
CA ASP C 318 12.44 -0.99 11.83
C ASP C 318 12.17 0.51 11.96
N PHE C 319 12.96 1.31 11.26
CA PHE C 319 12.85 2.76 11.34
C PHE C 319 11.94 3.33 10.25
N THR C 320 11.31 2.46 9.47
CA THR C 320 10.37 2.90 8.43
C THR C 320 9.18 3.60 9.09
N PRO C 321 9.00 4.91 8.83
CA PRO C 321 7.88 5.59 9.49
C PRO C 321 6.53 5.26 8.82
N PRO C 322 5.42 5.71 9.39
CA PRO C 322 5.23 6.37 10.69
C PRO C 322 5.35 5.46 11.93
N TYR C 323 5.97 5.99 12.97
CA TYR C 323 6.13 5.28 14.23
C TYR C 323 4.88 5.43 15.10
N PRO C 324 4.42 4.32 15.70
CA PRO C 324 3.17 4.39 16.47
C PRO C 324 3.27 5.32 17.69
N LYS C 325 2.17 5.98 17.98
CA LYS C 325 2.08 6.89 19.09
C LYS C 325 1.11 6.31 20.11
N VAL C 326 1.33 6.58 21.39
CA VAL C 326 0.49 5.99 22.44
C VAL C 326 0.14 7.06 23.48
N SER C 327 -1.02 6.94 24.12
CA SER C 327 -1.36 7.85 25.22
C SER C 327 -1.10 7.20 26.59
N ILE C 328 -0.42 7.93 27.47
CA ILE C 328 0.09 7.36 28.73
C ILE C 328 -0.99 6.95 29.70
N VAL C 329 -1.84 7.90 30.07
CA VAL C 329 -2.83 7.66 31.09
C VAL C 329 -3.86 6.66 30.55
N GLU C 330 -4.15 6.75 29.25
CA GLU C 330 -5.18 5.91 28.66
C GLU C 330 -4.69 4.48 28.46
N GLU C 331 -3.40 4.32 28.09
CA GLU C 331 -2.84 2.98 27.90
C GLU C 331 -2.52 2.34 29.24
N ILE C 332 -2.06 3.15 30.20
CA ILE C 332 -1.89 2.65 31.56
C ILE C 332 -3.24 2.13 32.02
N GLU C 333 -4.28 2.96 31.97
CA GLU C 333 -5.63 2.51 32.36
C GLU C 333 -6.14 1.29 31.61
N LYS C 334 -5.85 1.21 30.31
CA LYS C 334 -6.39 0.15 29.46
C LYS C 334 -5.85 -1.21 29.85
N VAL C 335 -4.53 -1.35 29.86
CA VAL C 335 -3.88 -2.51 30.45
C VAL C 335 -4.00 -2.25 31.95
N THR C 336 -3.57 -3.18 32.80
CA THR C 336 -3.72 -3.08 34.26
C THR C 336 -5.08 -2.44 34.60
N ASN C 337 -6.15 -3.14 34.29
CA ASN C 337 -7.48 -2.52 34.21
C ASN C 337 -7.81 -1.67 35.43
N THR C 338 -8.19 -0.43 35.15
CA THR C 338 -8.28 0.61 36.15
C THR C 338 -8.86 1.84 35.44
N ILE C 339 -9.39 2.78 36.20
CA ILE C 339 -9.57 4.13 35.69
C ILE C 339 -8.72 4.99 36.58
N LEU C 340 -7.79 5.72 35.98
CA LEU C 340 -6.96 6.60 36.79
C LEU C 340 -7.72 7.90 36.81
N GLU C 341 -8.33 8.19 37.95
CA GLU C 341 -9.18 9.36 38.07
C GLU C 341 -8.27 10.54 38.36
N GLN C 342 -8.64 11.72 37.89
CA GLN C 342 -7.77 12.86 38.10
C GLN C 342 -8.49 13.90 38.94
N PRO C 343 -7.74 14.80 39.61
CA PRO C 343 -6.31 15.15 39.56
C PRO C 343 -5.40 13.94 39.76
N PHE C 344 -4.28 13.87 39.06
CA PHE C 344 -3.36 12.77 39.27
C PHE C 344 -2.54 13.15 40.49
N ASP C 345 -2.71 14.40 40.92
CA ASP C 345 -2.18 14.86 42.18
C ASP C 345 -3.07 14.43 43.35
N SER C 346 -4.18 13.76 43.04
CA SER C 346 -5.14 13.34 44.06
C SER C 346 -4.46 12.48 45.12
N ASN C 347 -4.99 12.50 46.33
CA ASN C 347 -4.51 11.57 47.34
C ASN C 347 -5.06 10.21 46.95
N GLU C 348 -6.34 10.20 46.59
CA GLU C 348 -7.08 8.99 46.27
C GLU C 348 -6.45 8.15 45.14
N THR C 349 -6.23 8.77 43.97
CA THR C 349 -5.65 8.04 42.85
C THR C 349 -4.22 7.56 43.17
N ILE C 350 -3.40 8.34 43.90
CA ILE C 350 -2.07 7.84 44.28
C ILE C 350 -2.18 6.65 45.22
N GLU C 351 -3.09 6.68 46.18
CA GLU C 351 -3.30 5.50 47.00
C GLU C 351 -3.51 4.28 46.09
N LYS C 352 -4.52 4.40 45.23
CA LYS C 352 -4.84 3.33 44.27
C LYS C 352 -3.59 2.87 43.52
N MET C 353 -2.74 3.81 43.14
CA MET C 353 -1.57 3.54 42.29
C MET C 353 -0.37 2.95 43.02
N ILE C 354 -0.13 3.38 44.25
CA ILE C 354 0.89 2.79 45.11
C ILE C 354 0.53 1.34 45.30
N ASN C 355 -0.75 1.10 45.60
CA ASN C 355 -1.20 -0.28 45.78
C ASN C 355 -1.23 -1.04 44.46
N ILE C 356 -1.25 -0.33 43.33
CA ILE C 356 -1.04 -0.99 42.05
C ILE C 356 0.39 -1.49 41.93
N ILE C 357 1.31 -0.61 42.30
CA ILE C 357 2.74 -0.85 42.26
C ILE C 357 3.10 -2.06 43.14
N LYS C 358 2.64 -2.04 44.38
CA LYS C 358 2.89 -3.13 45.31
C LYS C 358 2.20 -4.43 44.89
N GLU C 359 0.94 -4.31 44.46
CA GLU C 359 0.17 -5.48 44.01
C GLU C 359 0.81 -6.22 42.84
N HIS C 360 1.36 -5.49 41.88
CA HIS C 360 1.89 -6.10 40.66
C HIS C 360 3.34 -6.57 40.72
N LYS C 361 4.02 -6.13 41.78
CA LYS C 361 5.48 -6.25 42.08
C LYS C 361 6.42 -5.11 41.63
N ILE C 362 5.97 -4.05 40.97
CA ILE C 362 6.92 -2.95 40.65
C ILE C 362 7.58 -2.38 41.91
N GLU C 363 8.87 -2.07 41.83
CA GLU C 363 9.52 -1.46 42.99
C GLU C 363 8.95 -0.08 43.14
N LEU C 364 8.53 0.26 44.35
CA LEU C 364 8.00 1.59 44.58
C LEU C 364 9.16 2.59 44.53
N PRO C 365 8.96 3.77 43.89
CA PRO C 365 9.92 4.87 43.85
C PRO C 365 9.84 5.89 44.99
N ASN C 366 10.47 5.64 46.14
CA ASN C 366 10.61 6.70 47.12
C ASN C 366 11.20 7.91 46.42
N PRO C 367 10.54 9.08 46.51
CA PRO C 367 9.21 9.32 47.10
C PRO C 367 8.08 8.94 46.17
N PRO C 368 7.00 8.34 46.69
CA PRO C 368 5.93 8.11 45.70
C PRO C 368 5.13 9.37 45.42
N THR C 369 5.79 10.41 44.92
CA THR C 369 5.11 11.56 44.35
C THR C 369 4.33 11.02 43.16
N ALA C 370 3.22 11.67 42.81
CA ALA C 370 2.37 11.17 41.74
C ALA C 370 3.16 10.88 40.46
N ALA C 371 3.84 11.91 39.96
CA ALA C 371 4.61 11.83 38.72
C ALA C 371 5.57 10.64 38.65
N LYS C 372 6.36 10.45 39.71
CA LYS C 372 7.31 9.34 39.79
C LYS C 372 6.60 7.98 39.65
N LEU C 373 5.45 7.85 40.31
CA LEU C 373 4.60 6.66 40.19
C LEU C 373 4.11 6.44 38.76
N LEU C 374 3.55 7.49 38.18
CA LEU C 374 3.09 7.46 36.80
C LEU C 374 4.23 7.01 35.87
N ASP C 375 5.45 7.44 36.17
CA ASP C 375 6.62 7.08 35.37
C ASP C 375 6.97 5.61 35.52
N GLN C 376 7.07 5.13 36.76
CA GLN C 376 7.39 3.73 37.01
C GLN C 376 6.38 2.82 36.31
N LEU C 377 5.12 3.00 36.69
CA LEU C 377 4.01 2.27 36.08
C LEU C 377 4.04 2.31 34.56
N ALA C 378 4.13 3.51 33.98
CA ALA C 378 4.17 3.66 32.52
C ALA C 378 5.32 2.87 31.93
N SER C 379 6.52 3.36 32.20
CA SER C 379 7.77 2.86 31.64
C SER C 379 7.77 1.35 31.66
N HIS C 380 7.62 0.76 32.85
CA HIS C 380 7.39 -0.67 32.94
C HIS C 380 6.27 -1.18 32.00
N PHE C 381 5.02 -0.74 32.22
CA PHE C 381 3.84 -1.34 31.58
C PHE C 381 3.66 -1.14 30.05
N ILE C 382 3.88 0.07 29.54
CA ILE C 382 3.39 0.46 28.22
C ILE C 382 4.46 0.21 27.12
N GLU C 383 5.48 -0.58 27.46
CA GLU C 383 6.67 -0.67 26.61
C GLU C 383 6.39 -1.12 25.17
N ASN C 384 5.57 -2.16 25.02
CA ASN C 384 5.52 -2.89 23.76
C ASN C 384 5.06 -2.06 22.58
N LYS C 385 5.80 -2.16 21.49
CA LYS C 385 5.42 -1.54 20.24
C LYS C 385 4.27 -2.30 19.60
N TYR C 386 3.37 -1.58 18.95
CA TYR C 386 2.31 -2.21 18.19
C TYR C 386 2.95 -3.02 17.08
N ASN C 387 4.01 -2.46 16.51
CA ASN C 387 4.67 -3.03 15.33
C ASN C 387 6.16 -2.73 15.07
N ASP C 388 7.03 -3.18 15.95
CA ASP C 388 8.47 -3.27 15.66
C ASP C 388 9.16 -1.99 15.14
N LYS C 389 8.79 -0.85 15.71
CA LYS C 389 9.46 0.39 15.38
C LYS C 389 9.58 1.24 16.63
N PRO C 390 10.66 2.00 16.74
CA PRO C 390 10.71 2.98 17.83
C PRO C 390 9.39 3.68 17.92
N PHE C 391 8.95 4.06 19.12
CA PHE C 391 7.60 4.61 19.22
C PHE C 391 7.49 5.81 20.15
N PHE C 392 6.31 6.40 20.20
CA PHE C 392 6.09 7.62 20.97
C PHE C 392 5.19 7.42 22.17
N ILE C 393 5.63 7.99 23.28
CA ILE C 393 4.91 8.05 24.53
C ILE C 393 4.39 9.49 24.62
N VAL C 394 3.08 9.64 24.43
CA VAL C 394 2.47 10.88 23.96
C VAL C 394 1.31 11.36 24.85
N GLU C 395 1.19 12.69 24.97
CA GLU C 395 0.15 13.33 25.77
C GLU C 395 0.26 12.97 27.24
N HIS C 396 1.46 13.20 27.78
CA HIS C 396 1.72 13.07 29.20
C HIS C 396 0.81 13.99 30.01
N PRO C 397 0.43 13.57 31.22
CA PRO C 397 -0.28 14.47 32.14
C PRO C 397 0.57 15.70 32.46
N GLN C 398 -0.05 16.85 32.71
CA GLN C 398 0.71 18.08 32.92
C GLN C 398 1.29 18.22 34.31
N ILE C 399 0.81 17.41 35.26
CA ILE C 399 1.45 17.36 36.57
C ILE C 399 2.84 16.74 36.41
N MET C 400 2.95 15.84 35.43
CA MET C 400 4.21 15.16 35.15
C MET C 400 5.13 16.04 34.31
N SER C 401 4.53 16.97 33.56
CA SER C 401 5.30 17.80 32.64
C SER C 401 4.97 19.28 32.72
N PRO C 402 5.64 20.01 33.61
CA PRO C 402 5.59 21.47 33.53
C PRO C 402 6.29 21.92 32.25
N LEU C 403 6.05 23.16 31.83
CA LEU C 403 6.60 23.74 30.60
C LEU C 403 5.91 23.20 29.34
N ALA C 404 5.18 22.09 29.46
CA ALA C 404 4.44 21.58 28.33
C ALA C 404 3.10 22.31 28.27
N LYS C 405 2.70 22.76 27.08
CA LYS C 405 1.46 23.52 26.96
C LYS C 405 0.31 22.61 27.31
N TYR C 406 -0.81 23.21 27.73
CA TYR C 406 -1.94 22.42 28.18
C TYR C 406 -2.51 21.73 26.95
N HIS C 407 -3.53 20.90 27.13
CA HIS C 407 -4.07 20.18 26.00
C HIS C 407 -5.37 20.84 25.55
N ARG C 408 -5.50 21.05 24.25
CA ARG C 408 -6.67 21.69 23.67
C ARG C 408 -7.97 20.92 23.97
N THR C 409 -7.92 19.60 23.86
CA THR C 409 -9.13 18.79 23.98
C THR C 409 -9.21 18.08 25.33
N LYS C 410 -8.41 17.03 25.49
CA LYS C 410 -8.39 16.27 26.74
C LYS C 410 -7.84 17.12 27.89
N PRO C 411 -8.68 17.39 28.90
CA PRO C 411 -8.22 18.17 30.04
C PRO C 411 -7.25 17.37 30.89
N GLY C 412 -6.23 18.04 31.45
CA GLY C 412 -5.32 17.39 32.37
C GLY C 412 -4.09 16.81 31.72
N LEU C 413 -4.12 16.68 30.39
CA LEU C 413 -2.96 16.20 29.65
C LEU C 413 -2.22 17.38 29.02
N THR C 414 -1.13 17.06 28.33
CA THR C 414 -0.34 18.07 27.62
C THR C 414 -0.07 17.64 26.20
N GLU C 415 0.46 18.56 25.41
CA GLU C 415 1.00 18.17 24.14
C GLU C 415 2.47 17.90 24.41
N ARG C 416 2.82 16.63 24.47
CA ARG C 416 4.19 16.21 24.68
C ARG C 416 4.39 14.84 24.04
N LEU C 417 5.56 14.65 23.44
CA LEU C 417 5.88 13.37 22.81
C LEU C 417 7.26 12.93 23.27
N GLU C 418 7.41 11.63 23.53
CA GLU C 418 8.66 11.09 24.03
C GLU C 418 9.03 9.80 23.28
N MET C 419 10.11 9.80 22.51
CA MET C 419 10.37 8.63 21.67
C MET C 419 11.37 7.67 22.28
N PHE C 420 11.02 6.38 22.21
CA PHE C 420 11.82 5.30 22.74
C PHE C 420 12.20 4.37 21.63
N ILE C 421 13.44 3.91 21.61
CA ILE C 421 13.85 2.91 20.63
C ILE C 421 13.83 1.55 21.31
N CYS C 422 14.75 1.30 22.24
CA CYS C 422 14.56 0.15 23.13
C CYS C 422 14.42 0.56 24.59
N GLY C 423 13.20 0.57 25.09
CA GLY C 423 12.94 0.69 26.52
C GLY C 423 13.53 1.91 27.22
N LYS C 424 14.11 2.81 26.43
CA LYS C 424 14.96 3.87 26.94
C LYS C 424 14.74 5.15 26.16
N GLU C 425 14.70 6.29 26.86
CA GLU C 425 14.42 7.58 26.24
C GLU C 425 15.48 8.00 25.22
N VAL C 426 15.04 8.42 24.05
CA VAL C 426 15.94 8.87 22.98
C VAL C 426 15.70 10.36 22.73
N LEU C 427 14.46 10.75 22.44
CA LEU C 427 14.15 12.17 22.36
C LEU C 427 12.94 12.57 23.20
N ASN C 428 12.93 13.82 23.64
CA ASN C 428 11.76 14.37 24.30
C ASN C 428 11.41 15.74 23.72
N ALA C 429 10.17 15.85 23.26
CA ALA C 429 9.71 17.03 22.55
C ALA C 429 8.29 17.36 22.93
N TYR C 430 7.94 18.65 22.86
CA TYR C 430 6.58 19.08 23.19
C TYR C 430 6.35 20.49 22.70
N THR C 431 5.15 21.02 22.90
CA THR C 431 4.91 22.43 22.61
C THR C 431 4.95 23.19 23.93
N GLU C 432 5.93 24.07 24.07
CA GLU C 432 6.11 24.80 25.32
C GLU C 432 4.98 25.78 25.51
N LEU C 433 4.58 25.99 26.76
CA LEU C 433 3.39 26.77 27.11
C LEU C 433 3.78 28.21 27.32
N ASN C 434 3.35 29.09 26.42
CA ASN C 434 3.83 30.47 26.46
C ASN C 434 3.02 31.41 27.33
N ASP C 435 2.03 30.87 28.02
CA ASP C 435 1.22 31.67 28.94
C ASP C 435 1.89 31.79 30.30
N PRO C 436 2.29 33.01 30.67
CA PRO C 436 2.92 33.24 31.98
C PRO C 436 1.94 33.05 33.13
N PHE C 437 0.67 33.35 32.91
CA PHE C 437 -0.33 33.27 33.96
C PHE C 437 -0.77 31.81 34.20
N LYS C 438 -0.47 30.95 33.25
CA LYS C 438 -0.63 29.50 33.43
C LYS C 438 0.70 28.84 33.77
N GLN C 439 1.76 29.63 33.86
CA GLN C 439 3.05 29.09 34.24
C GLN C 439 3.19 29.14 35.74
N LYS C 440 3.16 27.98 36.37
CA LYS C 440 3.09 27.89 37.83
C LYS C 440 4.42 28.17 38.48
N GLU C 441 5.48 27.60 37.90
CA GLU C 441 6.82 27.69 38.47
C GLU C 441 7.32 29.13 38.56
N CYS C 442 7.09 29.92 37.51
CA CYS C 442 7.52 31.32 37.45
C CYS C 442 6.76 32.18 38.45
N PHE C 443 5.43 32.09 38.43
CA PHE C 443 4.58 32.90 39.30
C PHE C 443 3.65 32.03 40.15
N LEU C 460 18.45 31.70 36.36
CA LEU C 460 17.67 32.79 35.79
C LEU C 460 16.35 32.32 35.20
N ASP C 461 15.65 31.45 35.94
CA ASP C 461 14.29 31.05 35.57
C ASP C 461 13.38 32.26 35.70
N SER C 462 13.75 33.12 36.65
CA SER C 462 13.12 34.43 36.79
C SER C 462 13.18 35.16 35.45
N ALA C 463 14.34 35.10 34.80
CA ALA C 463 14.53 35.74 33.50
C ALA C 463 13.74 35.03 32.41
N PHE C 464 13.43 33.76 32.62
CA PHE C 464 12.60 33.05 31.64
C PHE C 464 11.16 33.51 31.75
N CYS C 465 10.69 33.72 32.97
CA CYS C 465 9.31 34.11 33.18
C CYS C 465 9.13 35.56 32.69
N THR C 466 10.15 36.36 32.97
CA THR C 466 10.21 37.71 32.43
C THR C 466 10.22 37.65 30.90
N SER C 467 10.94 36.68 30.36
CA SER C 467 11.00 36.47 28.92
C SER C 467 9.63 36.12 28.37
N LEU C 468 8.83 35.43 29.19
CA LEU C 468 7.47 35.08 28.82
C LEU C 468 6.58 36.31 28.82
N GLU C 469 6.86 37.23 29.74
CA GLU C 469 6.12 38.49 29.80
C GLU C 469 6.31 39.34 28.54
N TYR C 470 7.40 39.09 27.82
CA TYR C 470 7.70 39.83 26.59
C TYR C 470 7.09 39.14 25.37
N GLY C 471 6.24 38.14 25.63
CA GLY C 471 5.49 37.48 24.57
C GLY C 471 6.16 36.47 23.66
N LEU C 472 6.75 35.43 24.26
CA LEU C 472 7.18 34.25 23.51
C LEU C 472 6.06 33.71 22.62
N PRO C 473 6.34 33.46 21.33
CA PRO C 473 5.37 32.92 20.39
C PRO C 473 5.10 31.44 20.67
N PRO C 474 4.01 30.88 20.10
CA PRO C 474 3.83 29.44 20.28
C PRO C 474 5.00 28.69 19.65
N THR C 475 5.64 27.84 20.45
CA THR C 475 6.90 27.22 20.05
C THR C 475 7.00 25.78 20.52
N GLY C 476 7.28 24.86 19.60
CA GLY C 476 7.63 23.51 20.01
C GLY C 476 9.11 23.40 20.34
N GLY C 477 9.45 22.69 21.40
CA GLY C 477 10.82 22.31 21.65
C GLY C 477 11.04 20.82 21.42
N LEU C 478 12.32 20.45 21.34
CA LEU C 478 12.73 19.06 21.20
C LEU C 478 14.16 18.90 21.72
N GLY C 479 14.49 17.69 22.15
CA GLY C 479 15.85 17.38 22.56
C GLY C 479 16.17 15.93 22.32
N LEU C 480 17.46 15.64 22.12
CA LEU C 480 17.89 14.36 21.58
C LEU C 480 18.88 13.60 22.48
N GLY C 481 19.01 12.31 22.18
CA GLY C 481 19.77 11.35 22.95
C GLY C 481 21.13 10.98 22.41
N ILE C 482 21.79 11.91 21.72
CA ILE C 482 22.83 11.61 20.72
C ILE C 482 23.77 10.47 21.10
N ASP C 483 24.16 10.40 22.37
CA ASP C 483 24.98 9.29 22.85
C ASP C 483 24.22 7.96 22.71
N ARG C 484 22.97 7.92 23.17
CA ARG C 484 22.17 6.70 23.10
C ARG C 484 21.80 6.36 21.65
N ILE C 485 21.47 7.38 20.86
CA ILE C 485 21.15 7.17 19.45
C ILE C 485 22.34 6.55 18.73
N THR C 486 23.53 7.05 19.04
CA THR C 486 24.76 6.51 18.50
C THR C 486 24.95 5.07 18.99
N MET C 487 24.61 4.82 20.24
CA MET C 487 24.65 3.46 20.79
C MET C 487 23.83 2.50 19.95
N PHE C 488 22.62 2.91 19.59
CA PHE C 488 21.73 2.05 18.82
C PHE C 488 22.16 1.91 17.37
N LEU C 489 22.74 2.95 16.80
CA LEU C 489 23.18 2.89 15.41
C LEU C 489 24.51 2.16 15.25
N THR C 490 25.34 2.17 16.29
CA THR C 490 26.64 1.49 16.25
C THR C 490 26.58 0.10 16.88
N ASN C 491 25.38 -0.31 17.28
CA ASN C 491 25.17 -1.61 17.93
C ASN C 491 26.01 -1.78 19.18
N LYS C 492 25.97 -0.80 20.08
CA LYS C 492 26.72 -0.89 21.33
C LYS C 492 25.77 -0.93 22.52
N ASN C 493 26.12 -1.76 23.50
CA ASN C 493 25.28 -1.97 24.68
C ASN C 493 25.69 -1.07 25.85
N SER C 494 26.74 -0.29 25.64
CA SER C 494 27.23 0.64 26.66
C SER C 494 27.38 2.04 26.08
N ILE C 495 27.25 3.07 26.91
CA ILE C 495 27.44 4.44 26.45
C ILE C 495 28.93 4.71 26.28
N LYS C 496 29.74 3.95 27.01
CA LYS C 496 31.18 4.20 27.05
C LYS C 496 31.86 3.85 25.74
N ASP C 497 31.23 2.98 24.96
CA ASP C 497 31.83 2.54 23.70
C ASP C 497 31.70 3.59 22.60
N VAL C 498 30.65 4.41 22.68
CA VAL C 498 30.43 5.45 21.68
C VAL C 498 31.02 6.78 22.09
N ILE C 499 31.63 6.83 23.28
CA ILE C 499 32.36 8.03 23.70
C ILE C 499 33.86 7.76 23.67
N LEU C 500 34.59 8.68 23.04
CA LEU C 500 36.04 8.51 22.85
C LEU C 500 36.78 8.32 24.16
N PHE C 501 36.61 9.27 25.07
CA PHE C 501 37.20 9.16 26.40
C PHE C 501 36.11 9.25 27.46
N PRO C 502 35.40 8.13 27.67
CA PRO C 502 34.29 8.10 28.62
C PRO C 502 34.77 8.41 30.04
N THR C 503 33.99 9.20 30.79
CA THR C 503 34.32 9.51 32.18
C THR C 503 34.50 8.21 32.95
N MET C 504 35.64 8.05 33.62
CA MET C 504 35.92 6.80 34.29
C MET C 504 36.88 6.98 35.46
N ARG C 505 36.71 6.19 36.51
CA ARG C 505 37.48 6.38 37.74
C ARG C 505 38.91 5.84 37.71
N PRO C 506 39.88 6.68 38.09
CA PRO C 506 41.29 6.27 38.16
C PRO C 506 41.49 4.94 38.89
N ASP D 4 3.77 55.92 31.63
CA ASP D 4 3.49 55.14 32.83
C ASP D 4 3.75 53.65 32.57
N PRO D 5 4.97 53.19 32.88
CA PRO D 5 5.48 51.82 32.65
C PRO D 5 4.80 50.69 33.42
N ARG D 6 4.65 50.80 34.74
CA ARG D 6 4.28 49.64 35.54
C ARG D 6 2.78 49.35 35.43
N LEU D 7 2.00 50.41 35.29
CA LEU D 7 0.56 50.28 35.15
C LEU D 7 0.20 49.97 33.70
N TYR D 8 1.12 50.23 32.78
CA TYR D 8 0.94 49.76 31.41
C TYR D 8 0.90 48.24 31.42
N PHE D 9 1.97 47.67 31.96
CA PHE D 9 2.08 46.24 32.17
C PHE D 9 0.90 45.69 32.96
N GLU D 10 0.53 46.39 34.03
CA GLU D 10 -0.60 45.98 34.87
C GLU D 10 -1.90 45.88 34.07
N ASN D 11 -2.15 46.89 33.24
CA ASN D 11 -3.40 46.93 32.51
C ASN D 11 -3.43 46.02 31.29
N ARG D 12 -2.27 45.70 30.72
CA ARG D 12 -2.25 44.70 29.66
C ARG D 12 -2.39 43.30 30.26
N SER D 13 -1.86 43.13 31.47
CA SER D 13 -2.03 41.89 32.21
C SER D 13 -3.50 41.66 32.53
N LYS D 14 -4.14 42.68 33.09
CA LYS D 14 -5.56 42.63 33.41
C LYS D 14 -6.38 42.43 32.15
N PHE D 15 -5.99 43.12 31.07
CA PHE D 15 -6.62 42.97 29.78
C PHE D 15 -6.58 41.51 29.39
N ILE D 16 -5.42 40.88 29.53
CA ILE D 16 -5.27 39.46 29.18
C ILE D 16 -6.19 38.59 30.02
N GLN D 17 -6.25 38.85 31.32
CA GLN D 17 -7.07 38.02 32.21
C GLN D 17 -8.56 38.11 31.88
N ASP D 18 -9.13 39.32 31.84
CA ASP D 18 -10.56 39.40 31.57
C ASP D 18 -10.85 39.10 30.10
N GLN D 19 -9.81 39.14 29.27
CA GLN D 19 -9.91 38.69 27.89
C GLN D 19 -10.13 37.18 27.87
N LYS D 20 -9.38 36.47 28.73
CA LYS D 20 -9.47 35.02 28.83
C LYS D 20 -10.82 34.57 29.40
N ASP D 21 -11.34 35.32 30.36
CA ASP D 21 -12.65 35.05 30.96
C ASP D 21 -13.79 35.53 30.08
N LYS D 22 -13.44 36.31 29.06
CA LYS D 22 -14.37 36.66 27.99
C LYS D 22 -14.55 35.45 27.07
N GLY D 23 -13.67 34.47 27.23
CA GLY D 23 -13.78 33.21 26.53
C GLY D 23 -12.90 33.11 25.31
N ILE D 24 -12.14 34.17 25.06
CA ILE D 24 -11.22 34.23 23.92
C ILE D 24 -9.79 33.94 24.39
N ASN D 25 -9.03 33.20 23.57
CA ASN D 25 -7.72 32.73 23.97
C ASN D 25 -6.58 33.57 23.41
N PRO D 26 -5.92 34.35 24.28
CA PRO D 26 -4.84 35.26 23.88
C PRO D 26 -3.62 34.54 23.35
N TYR D 27 -3.44 33.29 23.77
CA TYR D 27 -2.33 32.47 23.30
C TYR D 27 -2.86 31.21 22.62
N PRO D 28 -3.29 31.34 21.36
CA PRO D 28 -3.77 30.19 20.61
C PRO D 28 -2.71 29.09 20.51
N HIS D 29 -3.14 27.84 20.55
CA HIS D 29 -2.24 26.70 20.54
C HIS D 29 -1.39 26.68 19.28
N LYS D 30 -2.03 26.88 18.14
CA LYS D 30 -1.36 26.73 16.85
C LYS D 30 -1.83 27.74 15.82
N PHE D 31 -0.89 28.18 14.99
CA PHE D 31 -1.21 28.92 13.80
C PHE D 31 -0.43 28.34 12.64
N GLU D 32 -1.16 27.77 11.69
CA GLU D 32 -0.55 27.32 10.46
C GLU D 32 0.00 28.56 9.77
N ARG D 33 1.25 28.50 9.31
CA ARG D 33 1.78 29.63 8.58
C ARG D 33 2.29 29.18 7.22
N THR D 34 1.90 29.92 6.20
CA THR D 34 2.20 29.57 4.82
C THR D 34 3.61 30.02 4.47
N ILE D 35 4.01 31.17 5.02
CA ILE D 35 5.29 31.79 4.72
C ILE D 35 5.87 32.57 5.89
N SER D 36 7.15 32.85 5.81
CA SER D 36 7.80 33.76 6.73
C SER D 36 8.19 35.00 5.98
N ILE D 37 8.35 36.09 6.71
CA ILE D 37 8.61 37.40 6.13
C ILE D 37 9.76 37.43 5.10
N PRO D 38 10.84 36.65 5.33
CA PRO D 38 11.86 36.66 4.26
C PRO D 38 11.43 36.18 2.85
N GLU D 39 10.75 35.04 2.74
CA GLU D 39 10.34 34.60 1.40
C GLU D 39 9.26 35.53 0.86
N PHE D 40 8.42 36.05 1.75
CA PHE D 40 7.44 37.06 1.38
C PHE D 40 8.14 38.21 0.65
N ILE D 41 9.20 38.72 1.28
CA ILE D 41 9.97 39.82 0.74
C ILE D 41 10.67 39.48 -0.57
N GLU D 42 11.49 38.43 -0.56
CA GLU D 42 12.22 38.06 -1.77
C GLU D 42 11.29 37.79 -2.95
N LYS D 43 10.18 37.08 -2.69
CA LYS D 43 9.27 36.69 -3.76
C LYS D 43 8.46 37.85 -4.32
N TYR D 44 7.97 38.72 -3.42
CA TYR D 44 7.08 39.81 -3.83
C TYR D 44 7.76 41.17 -4.00
N LYS D 45 9.08 41.21 -3.87
CA LYS D 45 9.86 42.45 -3.95
C LYS D 45 9.60 43.26 -5.22
N ASP D 46 9.47 42.57 -6.35
CA ASP D 46 9.43 43.23 -7.65
C ASP D 46 8.03 43.52 -8.22
N LEU D 47 6.97 43.23 -7.48
CA LEU D 47 5.65 43.62 -7.94
C LEU D 47 5.54 45.14 -7.87
N GLY D 48 5.03 45.76 -8.94
CA GLY D 48 5.02 47.21 -9.05
C GLY D 48 4.10 47.90 -8.06
N ASN D 49 4.25 49.21 -7.94
CA ASN D 49 3.45 50.02 -7.04
C ASN D 49 1.96 49.89 -7.36
N GLY D 50 1.12 49.99 -6.33
CA GLY D 50 -0.32 49.98 -6.51
C GLY D 50 -0.96 48.60 -6.57
N GLU D 51 -0.13 47.57 -6.70
CA GLU D 51 -0.63 46.24 -6.99
C GLU D 51 -1.25 45.52 -5.79
N HIS D 52 -2.46 45.03 -5.99
CA HIS D 52 -3.15 44.21 -5.00
C HIS D 52 -3.37 42.82 -5.54
N LEU D 53 -2.87 41.81 -4.85
CA LEU D 53 -3.16 40.45 -5.26
C LEU D 53 -4.00 39.80 -4.18
N GLU D 54 -5.30 39.71 -4.43
CA GLU D 54 -6.24 39.16 -3.45
C GLU D 54 -6.51 37.71 -3.77
N ASP D 55 -5.95 37.25 -4.89
CA ASP D 55 -6.10 35.88 -5.33
C ASP D 55 -5.26 34.95 -4.47
N THR D 56 -4.07 35.41 -4.11
CA THR D 56 -3.16 34.62 -3.29
C THR D 56 -3.31 35.00 -1.81
N ILE D 57 -3.77 34.05 -1.01
CA ILE D 57 -4.01 34.32 0.40
C ILE D 57 -3.08 33.52 1.32
N LEU D 58 -2.28 34.22 2.10
CA LEU D 58 -1.27 33.58 2.93
C LEU D 58 -1.46 33.84 4.43
N ASN D 59 -0.90 32.93 5.23
CA ASN D 59 -0.80 33.11 6.67
C ASN D 59 0.63 33.47 7.02
N ILE D 60 0.85 34.72 7.43
CA ILE D 60 2.19 35.14 7.80
C ILE D 60 2.21 35.43 9.29
N THR D 61 3.36 35.26 9.92
CA THR D 61 3.47 35.53 11.35
C THR D 61 4.55 36.56 11.62
N GLY D 62 4.45 37.24 12.76
CA GLY D 62 5.49 38.17 13.14
C GLY D 62 5.23 38.93 14.42
N ARG D 63 6.11 39.88 14.73
CA ARG D 63 5.93 40.75 15.89
C ARG D 63 5.65 42.18 15.45
N ILE D 64 4.74 42.86 16.13
CA ILE D 64 4.39 44.23 15.76
C ILE D 64 5.23 45.22 16.56
N MET D 65 6.18 45.87 15.88
CA MET D 65 7.08 46.83 16.52
C MET D 65 6.70 48.30 16.33
N ARG D 66 5.66 48.57 15.54
CA ARG D 66 5.19 49.93 15.34
C ARG D 66 3.68 49.90 15.12
N VAL D 67 2.95 50.86 15.66
CA VAL D 67 1.49 50.91 15.47
C VAL D 67 1.04 52.33 15.08
N SER D 68 0.26 52.40 14.00
CA SER D 68 -0.15 53.68 13.39
C SER D 68 -1.54 54.22 13.75
N ALA D 69 -2.24 53.53 14.65
CA ALA D 69 -3.62 53.85 15.03
C ALA D 69 -3.93 55.35 15.10
N GLY D 71 -6.52 55.49 12.83
CA GLY D 71 -7.71 55.87 12.10
C GLY D 71 -8.69 54.72 11.98
N GLN D 72 -9.97 55.01 12.20
CA GLN D 72 -11.00 53.97 12.22
C GLN D 72 -11.20 53.31 10.85
N LYS D 73 -10.83 54.04 9.79
CA LYS D 73 -10.90 53.51 8.42
C LYS D 73 -9.73 52.58 8.09
N LEU D 74 -8.54 52.99 8.51
CA LEU D 74 -7.28 52.34 8.17
C LEU D 74 -6.26 52.38 9.33
N ARG D 75 -5.56 51.27 9.54
CA ARG D 75 -4.41 51.32 10.46
C ARG D 75 -3.16 50.73 9.81
N PHE D 76 -1.99 51.16 10.30
CA PHE D 76 -0.72 50.56 9.89
C PHE D 76 0.06 50.01 11.09
N PHE D 77 0.89 49.02 10.83
CA PHE D 77 1.78 48.41 11.81
C PHE D 77 3.08 47.97 11.12
N ASP D 78 4.16 47.85 11.87
CA ASP D 78 5.40 47.30 11.31
C ASP D 78 5.64 45.90 11.84
N LEU D 79 5.59 44.92 10.94
CA LEU D 79 5.68 43.51 11.30
C LEU D 79 7.08 42.96 11.02
N VAL D 80 7.60 42.18 11.96
CA VAL D 80 8.95 41.68 11.85
C VAL D 80 9.02 40.16 11.98
N GLY D 81 9.95 39.57 11.23
CA GLY D 81 10.34 38.19 11.45
C GLY D 81 11.66 37.86 10.80
N ASP D 82 12.39 36.91 11.39
CA ASP D 82 13.66 36.42 10.86
C ASP D 82 14.62 37.53 10.41
N GLY D 83 14.63 38.64 11.16
CA GLY D 83 15.56 39.73 10.89
C GLY D 83 15.15 40.68 9.78
N GLU D 84 13.97 40.47 9.22
CA GLU D 84 13.47 41.34 8.15
C GLU D 84 12.08 41.87 8.47
N LYS D 85 11.72 42.97 7.81
CA LYS D 85 10.52 43.73 8.15
C LYS D 85 9.60 43.97 6.96
N ILE D 86 8.30 43.90 7.21
CA ILE D 86 7.28 44.31 6.24
C ILE D 86 6.20 45.09 6.94
N GLN D 87 5.31 45.72 6.16
CA GLN D 87 4.25 46.54 6.72
C GLN D 87 2.92 45.82 6.76
N VAL D 88 2.13 46.07 7.79
CA VAL D 88 0.76 45.59 7.83
C VAL D 88 -0.20 46.76 7.76
N LEU D 89 -0.89 46.92 6.63
CA LEU D 89 -1.92 47.95 6.57
C LEU D 89 -3.28 47.29 6.45
N ALA D 90 -4.23 47.71 7.27
CA ALA D 90 -5.54 47.08 7.29
C ALA D 90 -6.69 48.07 7.20
N ASN D 91 -7.61 47.74 6.31
CA ASN D 91 -8.81 48.53 6.10
C ASN D 91 -10.07 47.74 6.41
N TYR D 92 -11.16 48.48 6.67
CA TYR D 92 -12.49 47.93 6.76
C TYR D 92 -12.95 47.31 5.44
N SER D 93 -12.25 47.63 4.36
CA SER D 93 -12.57 47.09 3.05
C SER D 93 -12.34 45.57 3.00
N PHE D 94 -11.14 45.13 3.41
CA PHE D 94 -10.76 43.72 3.33
C PHE D 94 -10.92 42.92 4.64
N HIS D 95 -11.41 43.56 5.71
CA HIS D 95 -11.30 43.02 7.07
C HIS D 95 -12.11 41.74 7.33
N ASN D 96 -13.08 41.41 6.47
CA ASN D 96 -13.87 40.20 6.73
C ASN D 96 -14.48 40.34 8.14
N HIS D 97 -15.46 41.23 8.24
CA HIS D 97 -15.93 41.76 9.52
C HIS D 97 -16.81 40.81 10.34
N GLU D 98 -17.14 39.66 9.77
CA GLU D 98 -17.95 38.68 10.48
C GLU D 98 -17.18 38.13 11.69
N LYS D 99 -15.87 37.98 11.52
CA LYS D 99 -15.02 37.47 12.59
C LYS D 99 -14.78 38.54 13.65
N GLY D 100 -15.18 39.77 13.36
CA GLY D 100 -15.17 40.79 14.39
C GLY D 100 -15.23 42.23 13.93
N ASN D 101 -15.44 43.12 14.89
CA ASN D 101 -15.43 44.55 14.63
C ASN D 101 -14.02 45.08 14.46
N PHE D 102 -13.82 45.93 13.45
CA PHE D 102 -12.50 46.42 13.06
C PHE D 102 -11.76 47.11 14.21
N ALA D 103 -12.41 48.13 14.77
CA ALA D 103 -11.82 48.95 15.82
C ALA D 103 -11.34 48.11 17.00
N GLU D 104 -12.25 47.38 17.65
CA GLU D 104 -11.88 46.56 18.81
C GLU D 104 -10.74 45.57 18.50
N CYS D 105 -10.83 44.93 17.34
CA CYS D 105 -9.82 43.96 16.93
C CYS D 105 -8.42 44.54 16.88
N TYR D 106 -8.28 45.65 16.16
CA TYR D 106 -6.95 46.23 16.01
C TYR D 106 -6.53 47.19 17.14
N ASP D 107 -7.48 47.53 18.01
CA ASP D 107 -7.19 48.32 19.20
C ASP D 107 -6.48 47.43 20.22
N LYS D 108 -6.83 46.15 20.18
CA LYS D 108 -6.20 45.14 21.02
C LYS D 108 -4.71 45.03 20.73
N ILE D 109 -4.35 45.22 19.46
CA ILE D 109 -2.95 45.18 19.05
C ILE D 109 -2.15 46.34 19.60
N ARG D 110 -1.04 46.03 20.27
CA ARG D 110 -0.11 47.05 20.71
C ARG D 110 1.30 46.66 20.29
N ARG D 111 2.23 47.61 20.35
CA ARG D 111 3.61 47.36 19.93
C ARG D 111 4.24 46.22 20.71
N GLY D 112 4.86 45.28 20.01
CA GLY D 112 5.51 44.15 20.63
C GLY D 112 4.71 42.86 20.51
N ASP D 113 3.43 42.99 20.16
CA ASP D 113 2.56 41.84 20.07
C ASP D 113 2.93 40.91 18.92
N ILE D 114 2.77 39.62 19.15
CA ILE D 114 3.02 38.60 18.14
C ILE D 114 1.72 38.14 17.50
N VAL D 115 1.60 38.39 16.21
CA VAL D 115 0.37 38.15 15.49
C VAL D 115 0.54 37.20 14.29
N GLY D 116 -0.45 36.33 14.13
CA GLY D 116 -0.66 35.64 12.87
C GLY D 116 -1.62 36.45 12.02
N ILE D 117 -1.46 36.36 10.71
CA ILE D 117 -2.24 37.17 9.78
C ILE D 117 -2.65 36.39 8.53
N VAL D 118 -3.96 36.34 8.27
CA VAL D 118 -4.46 35.84 7.00
C VAL D 118 -4.69 37.03 6.08
N GLY D 119 -3.96 37.08 4.98
CA GLY D 119 -4.04 38.25 4.14
C GLY D 119 -3.40 38.06 2.79
N PHE D 120 -3.11 39.16 2.11
CA PHE D 120 -2.57 39.06 0.76
C PHE D 120 -1.49 40.11 0.51
N PRO D 121 -0.52 39.79 -0.35
CA PRO D 121 0.58 40.71 -0.63
C PRO D 121 0.10 41.95 -1.37
N GLY D 122 0.72 43.10 -1.13
CA GLY D 122 0.46 44.28 -1.95
C GLY D 122 1.52 45.35 -1.85
N LYS D 123 1.65 46.14 -2.91
CA LYS D 123 2.65 47.21 -2.94
C LYS D 123 2.21 48.51 -2.29
N SER D 124 0.91 48.78 -2.24
CA SER D 124 0.45 50.14 -1.96
C SER D 124 1.11 51.08 -2.95
N LYS D 125 1.50 52.26 -2.49
CA LYS D 125 2.10 53.24 -3.38
C LYS D 125 3.22 54.07 -2.76
N GLY D 127 6.03 52.92 2.62
CA GLY D 127 6.59 51.58 2.74
C GLY D 127 6.74 50.88 1.41
N GLU D 128 5.66 50.92 0.63
CA GLU D 128 5.64 50.42 -0.75
C GLU D 128 5.72 48.89 -0.85
N LEU D 129 5.83 48.19 0.28
CA LEU D 129 5.56 46.76 0.30
C LEU D 129 4.89 46.38 1.62
N SER D 130 3.77 45.67 1.55
CA SER D 130 3.01 45.35 2.74
C SER D 130 2.08 44.16 2.57
N ILE D 131 1.45 43.78 3.67
CA ILE D 131 0.46 42.72 3.67
C ILE D 131 -0.88 43.24 4.14
N PHE D 132 -1.92 42.90 3.39
CA PHE D 132 -3.26 43.34 3.70
C PHE D 132 -4.04 42.18 4.30
N PRO D 133 -4.28 42.22 5.62
CA PRO D 133 -4.98 41.11 6.25
C PRO D 133 -6.49 41.07 5.97
N LYS D 134 -6.98 39.86 5.70
CA LYS D 134 -8.40 39.58 5.78
C LYS D 134 -8.74 39.56 7.25
N GLU D 135 -7.84 39.00 8.05
CA GLU D 135 -8.00 39.04 9.49
C GLU D 135 -6.66 39.00 10.19
N THR D 136 -6.59 39.62 11.36
CA THR D 136 -5.38 39.61 12.16
C THR D 136 -5.73 39.03 13.52
N ILE D 137 -4.89 38.11 13.98
CA ILE D 137 -5.11 37.47 15.27
C ILE D 137 -3.81 37.44 16.05
N LEU D 138 -3.87 37.88 17.30
CA LEU D 138 -2.67 37.91 18.13
C LEU D 138 -2.40 36.52 18.70
N LEU D 139 -1.22 35.99 18.35
CA LEU D 139 -0.80 34.68 18.84
C LEU D 139 -0.26 34.79 20.26
N SER D 140 0.58 35.78 20.51
CA SER D 140 1.07 36.00 21.88
C SER D 140 1.20 37.49 22.19
N ALA D 141 0.65 37.91 23.33
CA ALA D 141 0.66 39.32 23.69
C ALA D 141 1.96 39.73 24.37
N CYS D 142 2.37 40.98 24.14
CA CYS D 142 3.55 41.53 24.81
C CYS D 142 3.13 42.50 25.90
N LEU D 143 3.59 42.22 27.12
CA LEU D 143 3.07 42.91 28.30
C LEU D 143 3.89 44.13 28.74
N HIS D 144 4.90 44.52 27.95
CA HIS D 144 5.73 45.67 28.31
C HIS D 144 5.80 46.68 27.16
N MET D 145 6.27 47.88 27.47
CA MET D 145 6.27 48.99 26.51
C MET D 145 7.31 48.82 25.40
N LEU D 146 8.43 48.17 25.72
CA LEU D 146 9.62 48.08 24.87
C LEU D 146 10.31 49.43 24.72
N PRO D 147 11.63 49.42 24.49
CA PRO D 147 12.23 50.74 24.23
C PRO D 147 12.21 51.08 22.75
N MET D 148 12.64 52.28 22.39
CA MET D 148 12.82 52.63 20.98
C MET D 148 14.25 52.27 20.59
N LYS D 149 14.63 52.51 19.34
CA LYS D 149 15.94 52.08 18.83
C LYS D 149 17.11 52.50 19.73
N TYR D 150 16.99 53.68 20.33
CA TYR D 150 18.05 54.25 21.16
C TYR D 150 17.92 53.80 22.61
N GLY D 151 17.00 52.89 22.86
CA GLY D 151 16.64 52.49 24.22
C GLY D 151 17.64 51.73 25.07
N LEU D 152 18.56 50.99 24.45
CA LEU D 152 19.43 50.10 25.22
C LEU D 152 20.86 50.60 25.40
N LYS D 153 21.59 50.76 24.29
CA LYS D 153 22.98 51.22 24.34
C LYS D 153 23.11 52.50 25.14
N ASP D 154 24.01 52.50 26.13
CA ASP D 154 24.71 51.28 26.52
C ASP D 154 24.33 50.88 27.94
N THR D 155 23.70 49.72 28.07
CA THR D 155 23.25 49.20 29.36
C THR D 155 23.75 47.79 29.63
N GLU D 156 23.91 47.46 30.91
CA GLU D 156 24.28 46.11 31.36
C GLU D 156 23.19 45.11 30.95
N ILE D 157 21.96 45.60 30.83
CA ILE D 157 20.80 44.74 30.60
C ILE D 157 20.84 44.05 29.24
N ARG D 158 21.43 44.71 28.24
CA ARG D 158 21.52 44.14 26.91
C ARG D 158 22.26 42.82 26.95
N TYR D 159 23.27 42.77 27.81
CA TYR D 159 24.02 41.55 28.02
C TYR D 159 23.22 40.63 28.92
N ARG D 160 22.47 41.25 29.83
CA ARG D 160 21.63 40.52 30.78
C ARG D 160 20.39 39.83 30.19
N GLN D 161 19.67 40.56 29.36
CA GLN D 161 18.39 40.09 28.84
C GLN D 161 18.57 39.60 27.42
N ARG D 162 18.99 40.50 26.54
CA ARG D 162 19.49 40.19 25.19
C ARG D 162 18.42 39.86 24.16
N TYR D 163 17.23 39.46 24.59
CA TYR D 163 16.17 39.24 23.59
C TYR D 163 15.72 40.61 23.12
N LEU D 164 15.62 41.52 24.08
CA LEU D 164 15.41 42.93 23.79
C LEU D 164 16.47 43.42 22.81
N ASP D 165 17.72 43.03 23.05
CA ASP D 165 18.82 43.43 22.18
C ASP D 165 18.56 43.06 20.72
N LEU D 166 18.33 41.77 20.47
CA LEU D 166 18.12 41.32 19.10
C LEU D 166 16.84 41.91 18.50
N LEU D 167 15.86 42.23 19.34
CA LEU D 167 14.63 42.84 18.86
C LEU D 167 14.83 44.30 18.42
N ILE D 168 15.46 45.09 19.28
CA ILE D 168 15.54 46.53 19.09
C ILE D 168 16.61 46.94 18.07
N ASN D 169 17.76 46.29 18.13
CA ASN D 169 18.90 46.64 17.29
C ASN D 169 19.10 45.67 16.11
N GLU D 170 19.43 46.22 14.94
CA GLU D 170 19.78 45.38 13.79
C GLU D 170 21.20 44.83 13.98
N SER D 171 22.05 45.70 14.50
CA SER D 171 23.49 45.47 14.58
C SER D 171 23.88 44.21 15.34
N SER D 172 23.28 43.99 16.51
CA SER D 172 23.62 42.84 17.34
C SER D 172 23.21 41.51 16.69
N ARG D 173 22.00 41.46 16.16
CA ARG D 173 21.54 40.26 15.47
C ARG D 173 22.50 39.92 14.35
N HIS D 174 22.78 40.93 13.50
CA HIS D 174 23.70 40.74 12.38
C HIS D 174 25.05 40.20 12.85
N THR D 175 25.54 40.79 13.93
CA THR D 175 26.76 40.34 14.59
C THR D 175 26.72 38.83 14.86
N PHE D 176 25.59 38.36 15.37
CA PHE D 176 25.51 36.96 15.76
C PHE D 176 25.34 35.98 14.60
N VAL D 177 24.58 36.35 13.57
CA VAL D 177 24.53 35.47 12.39
C VAL D 177 25.95 35.38 11.79
N THR D 178 26.68 36.49 11.91
CA THR D 178 28.07 36.51 11.46
C THR D 178 28.93 35.52 12.26
N ARG D 179 28.81 35.54 13.59
CA ARG D 179 29.53 34.55 14.41
C ARG D 179 29.24 33.13 13.89
N THR D 180 27.95 32.84 13.78
CA THR D 180 27.50 31.51 13.40
C THR D 180 28.10 31.03 12.08
N LYS D 181 28.04 31.84 11.03
CA LYS D 181 28.55 31.35 9.73
C LYS D 181 30.05 31.60 9.53
N ILE D 182 30.69 32.34 10.44
CA ILE D 182 32.14 32.25 10.59
C ILE D 182 32.48 30.82 10.96
N ILE D 183 31.86 30.36 12.05
CA ILE D 183 32.15 29.02 12.54
C ILE D 183 31.75 27.96 11.52
N ASN D 184 30.66 28.22 10.80
CA ASN D 184 30.24 27.35 9.70
C ASN D 184 31.33 27.22 8.65
N PHE D 185 31.83 28.38 8.20
CA PHE D 185 32.90 28.38 7.21
C PHE D 185 34.09 27.60 7.74
N LEU D 186 34.40 27.73 9.02
CA LEU D 186 35.50 26.98 9.61
C LEU D 186 35.26 25.47 9.55
N ARG D 187 34.04 25.03 9.86
CA ARG D 187 33.72 23.62 9.86
C ARG D 187 33.90 23.01 8.48
N ASN D 188 33.29 23.63 7.47
CA ASN D 188 33.47 23.07 6.14
C ASN D 188 34.91 23.27 5.67
N PHE D 189 35.57 24.30 6.16
CA PHE D 189 36.96 24.58 5.78
C PHE D 189 37.86 23.42 6.18
N LEU D 190 37.67 22.94 7.42
CA LEU D 190 38.45 21.83 7.93
C LEU D 190 38.02 20.50 7.33
N ASN D 191 36.70 20.26 7.30
CA ASN D 191 36.16 18.99 6.78
C ASN D 191 36.49 18.77 5.30
N GLU D 192 36.51 19.86 4.55
CA GLU D 192 36.79 19.84 3.11
C GLU D 192 38.24 19.43 2.85
N ARG D 193 39.09 19.68 3.84
CA ARG D 193 40.50 19.35 3.75
C ARG D 193 40.77 17.99 4.36
N GLY D 194 39.71 17.31 4.78
CA GLY D 194 39.82 15.94 5.25
C GLY D 194 39.85 15.80 6.76
N PHE D 195 39.54 16.88 7.46
CA PHE D 195 39.56 16.83 8.93
C PHE D 195 38.36 16.11 9.51
N PHE D 196 38.52 15.64 10.74
CA PHE D 196 37.52 14.82 11.41
C PHE D 196 37.13 15.43 12.75
N GLU D 197 35.85 15.79 12.88
CA GLU D 197 35.36 16.45 14.10
C GLU D 197 35.11 15.44 15.21
N VAL D 198 35.74 15.66 16.37
CA VAL D 198 35.57 14.77 17.50
C VAL D 198 35.20 15.53 18.76
N GLU D 199 34.77 14.81 19.77
CA GLU D 199 34.44 15.40 21.05
C GLU D 199 35.32 14.82 22.15
N THR D 200 35.96 15.69 22.92
CA THR D 200 36.83 15.25 24.01
C THR D 200 36.18 15.67 25.32
N PRO D 201 36.45 14.93 26.41
CA PRO D 201 35.79 15.22 27.69
C PRO D 201 35.94 16.66 28.17
N MET D 202 34.83 17.28 28.56
CA MET D 202 34.85 18.60 29.16
C MET D 202 35.61 18.56 30.45
N MET D 203 35.43 17.46 31.19
CA MET D 203 36.03 17.33 32.49
C MET D 203 37.11 16.29 32.52
N ASN D 204 38.10 16.50 33.38
CA ASN D 204 39.09 15.44 33.57
C ASN D 204 39.97 15.57 34.80
N LEU D 205 40.98 14.71 34.75
CA LEU D 205 42.14 14.71 35.57
C LEU D 205 42.86 15.96 35.19
N ILE D 206 43.81 16.40 36.00
CA ILE D 206 44.78 17.38 35.50
C ILE D 206 44.14 18.75 35.36
N ASN D 211 48.54 25.02 35.05
CA ASN D 211 48.92 25.86 33.91
C ASN D 211 48.22 27.21 33.98
N ALA D 212 46.93 27.21 33.65
CA ALA D 212 46.12 28.41 33.82
C ALA D 212 44.85 28.11 34.62
N ARG D 213 44.87 28.47 35.90
CA ARG D 213 43.68 28.58 36.77
C ARG D 213 42.52 27.63 36.43
N PRO D 214 42.70 26.32 36.63
CA PRO D 214 41.66 25.34 36.27
C PRO D 214 40.43 25.42 37.17
N PHE D 215 39.28 25.03 36.62
CA PHE D 215 38.02 25.01 37.38
C PHE D 215 37.75 23.66 38.03
N ILE D 216 37.57 23.68 39.35
CA ILE D 216 37.35 22.46 40.13
C ILE D 216 35.88 22.27 40.47
N THR D 217 35.30 21.16 40.01
CA THR D 217 33.94 20.79 40.36
C THR D 217 33.95 19.35 40.87
N HIS D 218 32.89 18.93 41.55
CA HIS D 218 32.89 17.65 42.25
C HIS D 218 31.87 16.67 41.69
N HIS D 219 32.25 15.40 41.61
CA HIS D 219 31.40 14.39 40.99
C HIS D 219 30.54 13.62 42.00
N ASN D 220 30.63 13.96 43.29
CA ASN D 220 29.85 13.27 44.32
C ASN D 220 30.07 11.76 44.37
N ASP D 221 29.05 10.99 44.02
CA ASP D 221 29.05 9.54 44.22
C ASP D 221 30.20 8.78 43.51
N LEU D 222 30.90 9.45 42.58
CA LEU D 222 32.19 8.93 42.13
C LEU D 222 33.29 9.35 43.11
N ASP D 223 32.98 10.34 43.95
CA ASP D 223 33.91 10.85 44.97
C ASP D 223 35.21 11.32 44.38
N LEU D 224 35.11 12.24 43.42
CA LEU D 224 36.29 12.81 42.81
C LEU D 224 36.11 14.27 42.37
N ASP D 225 37.18 15.05 42.51
CA ASP D 225 37.20 16.44 42.10
C ASP D 225 37.87 16.59 40.74
N LEU D 226 37.11 17.05 39.76
CA LEU D 226 37.56 17.14 38.38
C LEU D 226 37.73 18.59 37.92
N TYR D 227 38.63 18.78 36.96
CA TYR D 227 38.93 20.11 36.44
C TYR D 227 38.39 20.26 35.03
N LEU D 228 37.59 21.29 34.77
CA LEU D 228 37.12 21.57 33.41
C LEU D 228 38.29 21.88 32.50
N ARG D 229 38.21 21.39 31.26
CA ARG D 229 39.30 21.56 30.31
C ARG D 229 39.59 23.02 29.98
N ILE D 230 40.86 23.39 30.05
CA ILE D 230 41.29 24.71 29.62
C ILE D 230 41.76 24.67 28.17
N ALA D 231 41.88 23.47 27.63
CA ALA D 231 42.23 23.27 26.22
C ALA D 231 41.78 21.89 25.76
N THR D 232 41.70 21.69 24.45
CA THR D 232 41.32 20.39 23.90
C THR D 232 42.52 19.54 23.49
N GLU D 233 43.72 20.06 23.72
CA GLU D 233 44.97 19.53 23.14
C GLU D 233 45.32 18.04 23.39
N LEU D 234 45.51 17.65 24.64
CA LEU D 234 46.06 16.32 24.96
C LEU D 234 45.28 15.12 24.40
N PRO D 235 43.95 15.05 24.66
CA PRO D 235 43.24 13.90 24.06
C PRO D 235 43.33 13.90 22.54
N LEU D 236 43.42 15.07 21.93
CA LEU D 236 43.53 15.18 20.49
C LEU D 236 44.83 14.58 19.95
N LYS D 237 45.94 14.96 20.57
CA LYS D 237 47.25 14.34 20.30
C LYS D 237 47.14 12.82 20.39
N MET D 238 46.52 12.40 21.49
CA MET D 238 46.33 10.99 21.75
C MET D 238 45.56 10.35 20.60
N LEU D 239 44.61 11.09 20.03
CA LEU D 239 43.86 10.60 18.89
C LEU D 239 44.75 10.52 17.66
N ILE D 240 45.73 11.42 17.55
CA ILE D 240 46.68 11.35 16.45
C ILE D 240 47.47 10.05 16.52
N VAL D 241 47.83 9.64 17.73
CA VAL D 241 48.45 8.32 17.90
C VAL D 241 47.49 7.21 17.46
N GLY D 242 46.22 7.40 17.78
CA GLY D 242 45.19 6.41 17.52
C GLY D 242 44.94 6.07 16.07
N GLY D 243 45.45 6.88 15.16
CA GLY D 243 45.24 6.64 13.74
C GLY D 243 44.24 7.57 13.11
N ILE D 244 43.79 8.56 13.88
CA ILE D 244 43.04 9.65 13.29
C ILE D 244 44.12 10.66 12.96
N ASP D 245 44.42 10.81 11.67
CA ASP D 245 45.60 11.56 11.26
C ASP D 245 45.34 13.06 11.32
N LYS D 246 44.12 13.45 10.95
CA LYS D 246 43.70 14.83 11.07
C LYS D 246 42.45 14.91 11.93
N VAL D 247 42.59 15.54 13.08
CA VAL D 247 41.52 15.54 14.07
C VAL D 247 41.29 16.96 14.57
N TYR D 248 40.05 17.31 14.87
CA TYR D 248 39.81 18.62 15.43
C TYR D 248 38.58 18.67 16.32
N GLU D 249 38.53 19.69 17.16
CA GLU D 249 37.38 19.89 18.02
C GLU D 249 37.08 21.38 18.19
N ILE D 250 35.80 21.72 18.12
CA ILE D 250 35.33 23.06 18.40
C ILE D 250 34.45 23.02 19.63
N GLY D 251 34.92 23.60 20.72
CA GLY D 251 34.16 23.54 21.96
C GLY D 251 34.60 24.57 22.97
N LYS D 252 33.84 24.70 24.05
CA LYS D 252 34.14 25.69 25.06
C LYS D 252 35.22 25.22 26.03
N VAL D 253 36.14 26.13 26.34
CA VAL D 253 37.19 25.87 27.30
C VAL D 253 37.04 26.84 28.46
N PHE D 254 37.57 26.45 29.61
CA PHE D 254 37.26 27.12 30.87
C PHE D 254 38.50 27.53 31.66
N ARG D 255 38.67 28.83 31.83
CA ARG D 255 39.78 29.39 32.58
C ARG D 255 39.26 30.24 33.73
N ASN D 256 39.84 30.08 34.91
CA ASN D 256 39.45 30.89 36.06
C ASN D 256 40.11 32.29 36.10
N GLU D 257 41.20 32.47 35.36
CA GLU D 257 42.10 33.63 35.56
C GLU D 257 41.43 34.98 35.74
N GLY D 258 40.40 35.26 34.95
CA GLY D 258 39.71 36.52 35.11
C GLY D 258 38.78 36.97 34.00
N ILE D 259 38.25 38.17 34.21
CA ILE D 259 37.28 38.77 33.30
C ILE D 259 37.68 40.18 32.89
N ASP D 260 37.84 40.40 31.59
CA ASP D 260 37.90 41.74 31.01
C ASP D 260 37.50 41.56 29.56
N ASN D 261 37.20 42.66 28.86
CA ASN D 261 36.93 42.54 27.44
C ASN D 261 38.11 41.83 26.79
N THR D 262 37.79 40.95 25.83
CA THR D 262 38.72 39.99 25.20
C THR D 262 39.01 38.77 26.09
N HIS D 263 38.45 38.74 27.29
CA HIS D 263 38.61 37.58 28.17
C HIS D 263 37.30 37.14 28.82
N ASN D 264 36.94 35.88 28.62
CA ASN D 264 35.78 35.31 29.28
C ASN D 264 36.17 33.98 29.90
N PRO D 265 35.69 33.71 31.13
CA PRO D 265 36.01 32.47 31.86
C PRO D 265 35.72 31.23 31.02
N GLU D 266 34.63 31.30 30.27
CA GLU D 266 34.22 30.23 29.38
C GLU D 266 34.21 30.75 27.95
N PHE D 267 35.11 30.26 27.12
CA PHE D 267 35.19 30.76 25.75
C PHE D 267 35.40 29.64 24.74
N THR D 268 34.79 29.79 23.57
CA THR D 268 34.84 28.73 22.56
C THR D 268 36.12 28.76 21.76
N SER D 269 36.82 27.63 21.73
CA SER D 269 38.04 27.52 20.94
C SER D 269 37.92 26.39 19.95
N CYS D 270 38.69 26.50 18.86
CA CYS D 270 38.77 25.41 17.89
C CYS D 270 40.21 24.95 17.75
N GLU D 271 40.47 23.68 18.01
CA GLU D 271 41.82 23.16 17.87
C GLU D 271 41.90 22.00 16.89
N PHE D 272 42.89 22.03 16.00
CA PHE D 272 43.11 20.89 15.13
C PHE D 272 44.53 20.38 15.22
N TYR D 273 44.67 19.09 15.01
CA TYR D 273 45.97 18.44 14.94
C TYR D 273 46.09 17.72 13.62
N TRP D 274 47.22 17.99 12.97
CA TRP D 274 47.48 17.62 11.61
C TRP D 274 48.78 16.83 11.56
N ALA D 275 48.68 15.55 11.25
CA ALA D 275 49.84 14.67 11.20
C ALA D 275 50.63 14.96 9.94
N TYR D 276 51.94 14.81 10.04
CA TYR D 276 52.86 15.06 8.93
C TYR D 276 52.73 16.50 8.41
N ALA D 277 52.71 17.47 9.31
CA ALA D 277 52.66 18.87 8.90
C ALA D 277 53.67 19.70 9.66
N ASP D 278 54.22 20.71 9.00
CA ASP D 278 55.25 21.55 9.59
C ASP D 278 54.69 22.94 9.79
N TYR D 279 55.32 23.75 10.64
CA TYR D 279 54.77 25.06 10.92
C TYR D 279 54.67 25.89 9.63
N ASN D 280 55.47 25.53 8.62
CA ASN D 280 55.34 26.16 7.31
C ASN D 280 53.99 25.84 6.64
N ASP D 281 53.43 24.65 6.87
CA ASP D 281 52.08 24.38 6.33
C ASP D 281 51.02 25.13 7.11
N LEU D 282 51.13 25.09 8.43
CA LEU D 282 50.16 25.77 9.28
C LEU D 282 50.15 27.28 9.04
N ILE D 283 51.30 27.82 8.61
CA ILE D 283 51.37 29.21 8.20
C ILE D 283 50.39 29.48 7.08
N LYS D 284 50.50 28.71 6.01
CA LYS D 284 49.62 28.89 4.85
C LYS D 284 48.20 28.47 5.17
N TRP D 285 48.02 27.62 6.18
CA TRP D 285 46.66 27.28 6.62
C TRP D 285 46.03 28.50 7.25
N SER D 286 46.81 29.22 8.05
CA SER D 286 46.32 30.40 8.74
C SER D 286 46.03 31.51 7.73
N GLU D 287 47.02 31.77 6.89
CA GLU D 287 46.90 32.77 5.84
C GLU D 287 45.69 32.50 4.96
N ASP D 288 45.57 31.26 4.49
CA ASP D 288 44.43 30.87 3.65
C ASP D 288 43.11 31.02 4.38
N PHE D 289 43.05 30.51 5.61
CA PHE D 289 41.82 30.55 6.38
C PHE D 289 41.32 31.97 6.54
N PHE D 290 42.18 32.86 7.02
CA PHE D 290 41.74 34.22 7.28
C PHE D 290 41.47 34.98 5.98
N SER D 291 42.32 34.79 4.97
CA SER D 291 42.10 35.39 3.66
C SER D 291 40.71 35.06 3.12
N GLN D 292 40.51 33.78 2.86
CA GLN D 292 39.27 33.28 2.28
C GLN D 292 38.06 33.53 3.17
N LEU D 293 38.24 33.51 4.47
CA LEU D 293 37.14 33.78 5.40
C LEU D 293 36.69 35.22 5.28
N VAL D 294 37.63 36.13 5.40
CA VAL D 294 37.34 37.55 5.30
C VAL D 294 36.70 37.83 3.94
N TYR D 295 37.20 37.21 2.88
CA TYR D 295 36.60 37.41 1.57
C TYR D 295 35.18 36.86 1.51
N HIS D 296 34.96 35.72 2.18
CA HIS D 296 33.66 35.05 2.16
C HIS D 296 32.60 35.90 2.85
N LEU D 297 32.94 36.46 3.99
CA LEU D 297 31.99 37.33 4.71
C LEU D 297 31.83 38.69 4.06
N PHE D 298 32.92 39.41 3.84
CA PHE D 298 32.87 40.81 3.45
C PHE D 298 33.06 41.15 1.96
N GLY D 299 33.35 40.15 1.13
CA GLY D 299 33.59 40.39 -0.28
C GLY D 299 34.82 41.22 -0.56
N THR D 300 35.66 41.40 0.46
CA THR D 300 36.92 42.14 0.32
C THR D 300 37.89 41.68 1.39
N TYR D 301 39.18 41.81 1.14
CA TYR D 301 40.18 41.40 2.12
C TYR D 301 40.49 42.52 3.10
N LYS D 302 39.87 43.68 2.91
CA LYS D 302 40.11 44.82 3.78
C LYS D 302 38.89 45.10 4.65
N ILE D 303 39.08 45.13 5.97
CA ILE D 303 37.96 45.44 6.86
C ILE D 303 38.27 46.67 7.69
N SER D 304 37.23 47.39 8.11
CA SER D 304 37.42 48.56 8.93
C SER D 304 37.06 48.26 10.37
N TYR D 305 38.07 48.24 11.23
CA TYR D 305 37.85 47.95 12.64
C TYR D 305 38.16 49.17 13.47
N ASN D 306 37.22 49.58 14.29
CA ASN D 306 37.52 50.70 15.18
C ASN D 306 38.06 50.11 16.47
N LYS D 307 39.36 50.24 16.66
CA LYS D 307 40.02 49.77 17.87
C LYS D 307 39.86 50.84 18.94
N ASP D 308 39.85 52.10 18.50
CA ASP D 308 39.57 53.20 19.40
C ASP D 308 38.12 53.62 19.15
N GLY D 309 37.23 53.24 20.06
CA GLY D 309 35.89 53.78 20.11
C GLY D 309 35.05 53.44 18.90
N PRO D 310 33.72 53.66 18.96
CA PRO D 310 32.95 53.90 17.73
C PRO D 310 33.18 55.31 17.19
N GLU D 311 33.51 56.24 18.07
CA GLU D 311 33.66 57.65 17.69
C GLU D 311 34.96 57.90 16.94
N ASN D 312 36.06 57.36 17.48
CA ASN D 312 37.39 57.59 16.95
C ASN D 312 37.65 56.85 15.64
N GLN D 313 38.68 57.29 14.92
CA GLN D 313 39.04 56.72 13.63
C GLN D 313 39.20 55.21 13.63
N PRO D 314 38.63 54.56 12.62
CA PRO D 314 38.87 53.14 12.39
C PRO D 314 40.28 52.93 11.87
N ILE D 315 40.91 51.82 12.27
CA ILE D 315 42.03 51.30 11.51
C ILE D 315 41.50 50.43 10.38
N GLU D 316 42.27 50.30 9.31
CA GLU D 316 41.88 49.41 8.21
C GLU D 316 42.82 48.21 8.15
N ILE D 317 42.26 47.03 8.39
CA ILE D 317 43.04 45.79 8.43
C ILE D 317 43.04 45.11 7.07
N ASP D 318 44.25 44.80 6.59
CA ASP D 318 44.45 44.18 5.28
C ASP D 318 44.76 42.69 5.44
N PHE D 319 43.81 41.86 5.03
CA PHE D 319 43.95 40.41 5.19
C PHE D 319 44.53 39.73 3.96
N THR D 320 44.93 40.53 2.97
CA THR D 320 45.61 39.97 1.80
C THR D 320 46.89 39.25 2.19
N PRO D 321 46.96 37.94 1.90
CA PRO D 321 48.15 37.14 2.18
C PRO D 321 49.34 37.54 1.28
N PRO D 322 50.57 37.29 1.74
CA PRO D 322 50.80 36.68 3.05
C PRO D 322 50.96 37.70 4.16
N TYR D 323 51.04 37.20 5.40
CA TYR D 323 51.22 38.04 6.57
C TYR D 323 52.69 38.15 6.97
N PRO D 324 53.08 39.31 7.55
CA PRO D 324 54.45 39.46 8.06
C PRO D 324 54.76 38.47 9.17
N LYS D 325 55.94 37.85 9.12
CA LYS D 325 56.37 36.95 10.18
C LYS D 325 57.58 37.52 10.91
N VAL D 326 57.46 37.61 12.22
CA VAL D 326 58.42 38.31 13.06
C VAL D 326 59.02 37.40 14.11
N SER D 327 60.30 37.04 13.98
CA SER D 327 60.95 36.25 15.01
C SER D 327 60.95 37.07 16.29
N ILE D 328 60.40 36.52 17.36
CA ILE D 328 60.16 37.27 18.59
C ILE D 328 61.43 37.83 19.23
N VAL D 329 62.38 36.95 19.53
CA VAL D 329 63.58 37.33 20.24
C VAL D 329 64.48 38.27 19.41
N GLU D 330 64.62 37.95 18.13
CA GLU D 330 65.42 38.74 17.21
C GLU D 330 64.89 40.17 17.14
N GLU D 331 63.57 40.27 17.11
CA GLU D 331 62.91 41.57 17.04
C GLU D 331 63.05 42.33 18.35
N ILE D 332 62.90 41.64 19.48
CA ILE D 332 63.13 42.27 20.78
C ILE D 332 64.53 42.85 20.83
N GLU D 333 65.50 42.11 20.28
CA GLU D 333 66.88 42.55 20.24
C GLU D 333 67.08 43.79 19.37
N LYS D 334 66.52 43.78 18.17
CA LYS D 334 66.63 44.92 17.26
C LYS D 334 65.97 46.17 17.83
N VAL D 335 64.77 46.01 18.38
CA VAL D 335 64.00 47.13 18.92
C VAL D 335 64.64 47.71 20.18
N THR D 336 65.07 46.83 21.08
CA THR D 336 65.66 47.25 22.35
C THR D 336 67.14 47.59 22.19
N ASN D 337 67.65 47.44 20.97
CA ASN D 337 69.07 47.67 20.66
C ASN D 337 69.96 46.96 21.66
N THR D 338 69.54 45.74 21.97
CA THR D 338 70.22 44.90 22.93
C THR D 338 70.52 43.60 22.23
N ILE D 339 71.45 42.84 22.76
CA ILE D 339 71.63 41.47 22.31
C ILE D 339 71.52 40.61 23.55
N LEU D 340 70.46 39.82 23.64
CA LEU D 340 70.30 38.93 24.79
C LEU D 340 70.61 37.49 24.39
N GLU D 341 71.42 36.84 25.21
CA GLU D 341 72.08 35.59 24.82
C GLU D 341 71.57 34.36 25.55
N GLN D 342 71.46 33.27 24.79
CA GLN D 342 71.10 31.97 25.37
C GLN D 342 72.24 31.46 26.22
N PRO D 343 71.93 30.70 27.29
CA PRO D 343 70.59 30.30 27.75
C PRO D 343 69.77 31.51 28.13
N PHE D 344 68.56 31.63 27.57
CA PHE D 344 67.69 32.77 27.84
C PHE D 344 67.49 32.82 29.34
N ASP D 345 67.25 31.66 29.91
CA ASP D 345 67.19 31.57 31.36
C ASP D 345 68.54 31.98 31.98
N SER D 346 69.60 31.24 31.80
CA SER D 346 70.90 31.64 32.37
C SER D 346 70.79 31.99 33.85
N ASN D 347 71.52 33.04 34.22
CA ASN D 347 71.35 33.83 35.44
C ASN D 347 71.53 35.27 35.00
N GLU D 348 72.69 35.42 34.37
CA GLU D 348 73.17 36.63 33.73
C GLU D 348 72.13 37.39 32.91
N THR D 349 71.42 36.69 32.03
CA THR D 349 70.50 37.32 31.07
C THR D 349 69.18 37.85 31.67
N ILE D 350 68.64 37.17 32.69
CA ILE D 350 67.41 37.63 33.33
C ILE D 350 67.59 39.12 33.64
N GLU D 351 68.70 39.44 34.31
CA GLU D 351 69.11 40.80 34.63
C GLU D 351 69.01 41.74 33.42
N LYS D 352 69.47 41.29 32.25
CA LYS D 352 69.36 42.11 31.05
C LYS D 352 67.89 42.38 30.76
N MET D 353 67.06 41.34 30.79
CA MET D 353 65.62 41.53 30.57
C MET D 353 64.91 42.42 31.63
N ILE D 354 65.09 42.12 32.92
CA ILE D 354 64.57 42.95 34.02
C ILE D 354 64.99 44.41 33.87
N ASN D 355 66.26 44.65 33.56
CA ASN D 355 66.73 46.02 33.48
C ASN D 355 66.21 46.69 32.20
N ILE D 356 65.94 45.90 31.16
CA ILE D 356 65.25 46.44 30.00
C ILE D 356 63.86 46.92 30.43
N ILE D 357 63.14 46.15 31.23
CA ILE D 357 61.83 46.63 31.67
C ILE D 357 61.99 47.89 32.54
N LYS D 358 63.02 47.90 33.38
CA LYS D 358 63.26 49.00 34.32
C LYS D 358 63.52 50.32 33.60
N GLU D 359 64.51 50.30 32.72
CA GLU D 359 64.88 51.46 31.92
C GLU D 359 63.73 52.00 31.08
N HIS D 360 62.97 51.10 30.43
CA HIS D 360 61.91 51.53 29.52
C HIS D 360 60.49 51.52 30.08
N LYS D 361 60.38 51.37 31.39
CA LYS D 361 59.14 51.68 32.10
C LYS D 361 58.00 50.74 31.75
N ILE D 362 58.36 49.47 31.60
CA ILE D 362 57.38 48.39 31.54
C ILE D 362 57.28 47.78 32.91
N GLU D 363 56.05 47.62 33.40
CA GLU D 363 55.82 46.91 34.65
C GLU D 363 56.42 45.50 34.54
N LEU D 364 57.22 45.13 35.55
CA LEU D 364 57.94 43.86 35.61
C LEU D 364 57.11 42.75 36.23
N PRO D 365 56.78 41.72 35.44
CA PRO D 365 56.00 40.61 36.02
C PRO D 365 56.75 39.90 37.16
N ASN D 366 56.11 39.79 38.31
CA ASN D 366 56.52 38.89 39.36
C ASN D 366 55.59 37.69 39.29
N PRO D 367 56.15 36.46 39.23
CA PRO D 367 57.55 36.04 39.34
C PRO D 367 58.41 36.50 38.16
N PRO D 368 59.55 37.16 38.43
CA PRO D 368 60.46 37.39 37.32
C PRO D 368 61.03 36.06 36.88
N THR D 369 60.87 35.71 35.60
CA THR D 369 61.40 34.46 35.07
C THR D 369 61.79 34.73 33.63
N ALA D 370 62.69 33.92 33.07
CA ALA D 370 63.06 34.06 31.67
C ALA D 370 61.80 34.06 30.81
N ALA D 371 61.00 33.02 31.00
CA ALA D 371 59.77 32.81 30.25
C ALA D 371 58.84 34.04 30.19
N LYS D 372 58.26 34.39 31.34
CA LYS D 372 57.34 35.53 31.45
C LYS D 372 57.99 36.90 31.23
N LEU D 373 59.26 37.08 31.62
CA LEU D 373 59.97 38.31 31.27
C LEU D 373 59.92 38.48 29.77
N LEU D 374 60.36 37.44 29.06
CA LEU D 374 60.25 37.40 27.61
C LEU D 374 58.81 37.73 27.17
N ASP D 375 57.83 37.17 27.86
CA ASP D 375 56.44 37.39 27.46
C ASP D 375 56.03 38.87 27.48
N GLN D 376 56.41 39.59 28.54
CA GLN D 376 56.02 40.99 28.62
C GLN D 376 56.91 41.90 27.77
N LEU D 377 58.18 41.55 27.59
CA LEU D 377 59.02 42.32 26.66
C LEU D 377 58.45 42.24 25.25
N ALA D 378 58.19 41.01 24.80
CA ALA D 378 57.57 40.78 23.50
C ALA D 378 56.25 41.53 23.42
N SER D 379 55.49 41.47 24.52
CA SER D 379 54.21 42.15 24.64
C SER D 379 54.31 43.63 24.34
N HIS D 380 55.13 44.34 25.10
CA HIS D 380 55.26 45.77 24.89
C HIS D 380 55.86 46.11 23.55
N PHE D 381 57.02 45.52 23.26
CA PHE D 381 57.82 45.98 22.14
C PHE D 381 57.32 45.53 20.77
N ILE D 382 56.92 44.29 20.58
CA ILE D 382 56.40 43.97 19.25
C ILE D 382 54.92 43.70 19.01
N GLU D 383 54.10 43.57 20.03
CA GLU D 383 52.80 42.95 19.75
C GLU D 383 51.91 43.69 18.76
N ASN D 384 51.96 45.01 18.70
CA ASN D 384 51.06 45.69 17.76
C ASN D 384 51.83 46.18 16.51
N LYS D 385 53.05 45.63 16.32
CA LYS D 385 53.96 46.08 15.26
C LYS D 385 53.27 46.34 13.93
N TYR D 386 52.31 45.49 13.58
CA TYR D 386 51.43 45.77 12.46
C TYR D 386 49.96 45.70 12.88
N ASN D 387 49.27 46.84 12.87
CA ASN D 387 47.82 46.84 13.08
C ASN D 387 47.01 46.89 11.79
N ASP D 388 47.69 47.07 10.66
CA ASP D 388 46.99 47.17 9.38
C ASP D 388 46.87 45.82 8.71
N LYS D 389 47.58 44.83 9.23
CA LYS D 389 47.43 43.46 8.77
C LYS D 389 47.68 42.50 9.92
N PRO D 390 46.98 41.35 9.91
CA PRO D 390 47.28 40.34 10.92
C PRO D 390 48.70 39.85 10.71
N PHE D 391 49.47 39.66 11.77
CA PHE D 391 50.86 39.28 11.54
C PHE D 391 51.31 38.16 12.47
N PHE D 392 52.41 37.51 12.08
CA PHE D 392 52.94 36.40 12.84
C PHE D 392 54.08 36.83 13.75
N ILE D 393 54.11 36.24 14.94
CA ILE D 393 55.29 36.21 15.78
C ILE D 393 55.76 34.76 15.73
N VAL D 394 57.02 34.56 15.39
CA VAL D 394 57.49 33.25 14.97
C VAL D 394 58.74 32.83 15.73
N GLU D 395 58.94 31.51 15.86
CA GLU D 395 60.14 30.95 16.48
C GLU D 395 60.34 31.39 17.94
N HIS D 396 59.30 31.19 18.75
CA HIS D 396 59.39 31.43 20.18
C HIS D 396 60.49 30.58 20.81
N PRO D 397 61.23 31.15 21.78
CA PRO D 397 62.26 30.42 22.52
C PRO D 397 61.69 29.16 23.17
N GLN D 398 62.56 28.16 23.37
CA GLN D 398 62.13 26.86 23.85
C GLN D 398 61.67 26.91 25.30
N ILE D 399 62.24 27.84 26.05
CA ILE D 399 61.84 28.03 27.44
C ILE D 399 60.39 28.50 27.54
N MET D 400 59.93 29.19 26.51
CA MET D 400 58.57 29.71 26.47
C MET D 400 57.55 28.61 26.13
N SER D 401 57.93 27.73 25.21
CA SER D 401 57.04 26.64 24.80
C SER D 401 57.62 25.27 25.12
N PRO D 402 57.07 24.59 26.13
CA PRO D 402 57.48 23.22 26.46
C PRO D 402 57.03 22.19 25.42
N LEU D 403 55.83 22.37 24.86
CA LEU D 403 55.24 21.39 23.95
C LEU D 403 55.80 21.47 22.54
N ALA D 404 56.17 22.68 22.12
CA ALA D 404 56.66 22.89 20.77
C ALA D 404 57.97 22.15 20.51
N LYS D 405 58.01 21.40 19.41
CA LYS D 405 59.23 20.69 19.03
C LYS D 405 60.34 21.70 18.79
N TYR D 406 61.56 21.36 19.18
CA TYR D 406 62.70 22.25 19.01
C TYR D 406 62.85 22.68 17.56
N HIS D 407 63.30 23.91 17.33
CA HIS D 407 63.51 24.38 15.96
C HIS D 407 64.66 23.61 15.33
N ARG D 408 64.52 23.25 14.05
CA ARG D 408 65.51 22.42 13.38
C ARG D 408 66.88 23.10 13.32
N THR D 409 66.95 24.25 12.68
CA THR D 409 68.23 24.92 12.46
C THR D 409 68.64 25.96 13.51
N LYS D 410 67.70 26.40 14.34
CA LYS D 410 68.03 27.40 15.36
C LYS D 410 67.88 26.79 16.75
N PRO D 411 69.00 26.49 17.40
CA PRO D 411 69.00 25.82 18.70
C PRO D 411 68.53 26.72 19.83
N GLY D 412 67.89 26.14 20.83
CA GLY D 412 67.35 26.90 21.94
C GLY D 412 65.99 27.50 21.58
N LEU D 413 65.54 27.24 20.37
CA LEU D 413 64.29 27.82 19.88
C LEU D 413 63.35 26.75 19.35
N THR D 414 62.11 27.14 19.14
CA THR D 414 61.07 26.20 18.79
C THR D 414 60.45 26.51 17.45
N GLU D 415 59.68 25.55 16.94
CA GLU D 415 58.91 25.82 15.74
C GLU D 415 57.49 26.14 16.17
N ARG D 416 57.15 27.41 16.10
CA ARG D 416 55.90 27.91 16.64
C ARG D 416 55.40 29.14 15.87
N LEU D 417 54.10 29.18 15.62
CA LEU D 417 53.47 30.36 15.05
C LEU D 417 52.55 30.98 16.08
N GLU D 418 52.54 32.30 16.14
CA GLU D 418 51.52 33.00 16.93
C GLU D 418 50.95 34.16 16.15
N MET D 419 49.67 34.09 15.80
CA MET D 419 49.11 35.11 14.91
C MET D 419 48.27 36.12 15.69
N PHE D 420 48.65 37.38 15.51
CA PHE D 420 48.01 38.48 16.21
C PHE D 420 47.21 39.35 15.26
N ILE D 421 46.05 39.77 15.74
CA ILE D 421 45.31 40.85 15.09
C ILE D 421 45.13 41.99 16.07
N CYS D 422 45.56 43.18 15.66
CA CYS D 422 45.43 44.40 16.45
C CYS D 422 45.99 44.26 17.87
N GLY D 423 47.07 43.49 18.00
CA GLY D 423 47.73 43.33 19.28
C GLY D 423 47.08 42.28 20.18
N LYS D 424 45.92 41.78 19.78
CA LYS D 424 45.29 40.66 20.48
C LYS D 424 45.68 39.35 19.81
N GLU D 425 46.17 38.41 20.63
CA GLU D 425 46.44 37.04 20.21
C GLU D 425 45.15 36.41 19.73
N VAL D 426 45.18 35.77 18.57
CA VAL D 426 43.96 35.23 17.96
C VAL D 426 44.12 33.71 17.75
N LEU D 427 45.23 33.35 17.12
CA LEU D 427 45.56 31.99 16.77
C LEU D 427 46.95 31.62 17.31
N ASN D 428 47.12 30.39 17.80
CA ASN D 428 48.45 29.93 18.17
C ASN D 428 48.71 28.47 17.75
N ALA D 429 49.84 28.28 17.06
CA ALA D 429 50.18 27.01 16.40
C ALA D 429 51.64 26.61 16.57
N TYR D 430 51.90 25.31 16.61
CA TYR D 430 53.29 24.83 16.60
C TYR D 430 53.42 23.36 16.19
N THR D 431 54.63 23.00 15.77
CA THR D 431 54.96 21.61 15.53
C THR D 431 55.10 20.88 16.86
N GLU D 432 54.37 19.78 17.04
CA GLU D 432 54.35 19.12 18.33
C GLU D 432 55.59 18.27 18.55
N LEU D 433 56.06 18.22 19.80
CA LEU D 433 57.25 17.47 20.13
C LEU D 433 56.86 16.03 20.46
N ASN D 434 57.27 15.12 19.58
CA ASN D 434 56.86 13.72 19.67
C ASN D 434 57.88 12.84 20.35
N ASP D 435 59.01 13.44 20.73
CA ASP D 435 60.07 12.70 21.40
C ASP D 435 59.79 12.63 22.90
N PRO D 436 59.59 11.40 23.42
CA PRO D 436 59.29 11.19 24.84
C PRO D 436 60.45 11.58 25.75
N PHE D 437 61.67 11.37 25.28
CA PHE D 437 62.85 11.64 26.07
C PHE D 437 63.16 13.13 26.17
N LYS D 438 63.00 13.82 25.05
CA LYS D 438 63.31 15.23 25.00
C LYS D 438 62.27 16.09 25.71
N GLN D 439 61.07 15.58 25.92
CA GLN D 439 60.14 16.44 26.65
C GLN D 439 60.29 15.99 28.09
N LYS D 440 60.86 16.89 28.90
CA LYS D 440 61.19 16.56 30.27
C LYS D 440 60.01 16.87 31.18
N GLU D 441 58.95 17.40 30.59
CA GLU D 441 57.72 17.64 31.32
C GLU D 441 57.07 16.31 31.71
N CYS D 442 57.32 15.28 30.91
CA CYS D 442 56.65 13.98 31.11
C CYS D 442 57.07 13.29 32.40
N PHE D 443 58.37 13.09 32.56
CA PHE D 443 58.93 12.38 33.71
C PHE D 443 58.26 11.03 33.94
N SER D 462 50.59 12.75 31.71
CA SER D 462 51.00 11.42 32.15
C SER D 462 50.55 10.35 31.17
N ALA D 463 49.24 10.23 30.99
CA ALA D 463 48.68 9.33 29.99
C ALA D 463 49.15 9.74 28.61
N PHE D 464 49.37 11.03 28.43
CA PHE D 464 49.88 11.59 27.20
C PHE D 464 51.33 11.15 26.97
N CYS D 465 52.08 11.00 28.06
CA CYS D 465 53.46 10.52 27.95
C CYS D 465 53.52 9.09 27.44
N THR D 466 52.68 8.23 28.00
CA THR D 466 52.57 6.85 27.54
C THR D 466 52.12 6.82 26.09
N SER D 467 51.18 7.70 25.77
CA SER D 467 50.72 7.91 24.40
C SER D 467 51.89 8.25 23.49
N LEU D 468 52.85 9.00 24.02
CA LEU D 468 54.07 9.32 23.27
C LEU D 468 54.96 8.09 23.16
N GLU D 469 54.88 7.21 24.15
CA GLU D 469 55.68 5.99 24.14
C GLU D 469 55.22 5.03 23.06
N TYR D 470 53.92 4.97 22.78
CA TYR D 470 53.43 4.13 21.68
C TYR D 470 53.78 4.73 20.31
N GLY D 471 54.18 5.99 20.34
CA GLY D 471 54.73 6.72 19.21
C GLY D 471 53.75 7.62 18.50
N LEU D 472 54.23 8.82 18.22
CA LEU D 472 53.46 9.92 17.62
C LEU D 472 54.13 10.44 16.35
N PRO D 473 53.43 10.38 15.20
CA PRO D 473 54.08 10.89 13.98
C PRO D 473 54.37 12.40 14.12
N PRO D 474 55.31 12.94 13.33
CA PRO D 474 55.47 14.39 13.41
C PRO D 474 54.16 15.09 13.07
N THR D 475 53.76 15.97 13.97
CA THR D 475 52.44 16.55 13.92
C THR D 475 52.60 18.05 14.08
N GLY D 476 51.53 18.77 13.82
CA GLY D 476 51.53 20.18 14.10
C GLY D 476 50.11 20.41 14.57
N GLY D 477 49.94 21.45 15.36
CA GLY D 477 48.69 21.62 16.04
C GLY D 477 48.43 23.08 16.21
N LEU D 478 47.15 23.39 16.33
CA LEU D 478 46.73 24.77 16.23
C LEU D 478 45.46 24.99 17.02
N GLY D 479 45.30 26.19 17.53
CA GLY D 479 44.03 26.55 18.11
C GLY D 479 43.69 28.00 17.91
N LEU D 480 42.39 28.26 17.92
CA LEU D 480 41.81 29.54 17.54
C LEU D 480 40.85 29.97 18.62
N GLY D 481 41.05 31.14 19.22
CA GLY D 481 39.95 31.71 19.98
C GLY D 481 38.90 32.22 19.03
N ILE D 482 37.70 31.65 19.06
CA ILE D 482 36.71 31.97 18.03
C ILE D 482 36.05 33.32 18.29
N ASP D 483 35.73 33.55 19.56
CA ASP D 483 35.07 34.77 19.99
C ASP D 483 35.85 36.02 19.60
N ARG D 484 37.17 35.96 19.74
CA ARG D 484 38.02 37.10 19.40
C ARG D 484 37.99 37.44 17.91
N ILE D 485 38.19 36.42 17.06
CA ILE D 485 38.12 36.63 15.62
C ILE D 485 36.75 37.21 15.25
N THR D 486 35.72 36.72 15.91
CA THR D 486 34.38 37.29 15.72
C THR D 486 34.35 38.76 16.11
N MET D 487 35.04 39.12 17.20
CA MET D 487 35.14 40.52 17.60
C MET D 487 35.69 41.36 16.46
N PHE D 488 36.80 40.91 15.87
CA PHE D 488 37.48 41.71 14.85
C PHE D 488 36.71 41.78 13.53
N LEU D 489 35.98 40.72 13.20
CA LEU D 489 35.21 40.74 11.96
C LEU D 489 33.91 41.53 12.13
N THR D 490 33.32 41.48 13.33
CA THR D 490 32.05 42.15 13.60
C THR D 490 32.22 43.54 14.20
N ASN D 491 33.47 43.99 14.35
CA ASN D 491 33.77 45.32 14.84
C ASN D 491 33.19 45.61 16.23
N LYS D 492 33.40 44.67 17.15
CA LYS D 492 32.95 44.84 18.53
C LYS D 492 34.15 44.89 19.47
N ASN D 493 34.24 45.94 20.28
CA ASN D 493 35.40 46.17 21.13
C ASN D 493 35.48 45.26 22.36
N SER D 494 34.32 44.92 22.92
CA SER D 494 34.28 44.01 24.07
C SER D 494 33.86 42.62 23.60
N ILE D 495 34.41 41.59 24.23
CA ILE D 495 34.12 40.22 23.83
C ILE D 495 32.68 39.84 24.15
N LYS D 496 32.08 40.53 25.12
CA LYS D 496 30.72 40.20 25.55
C LYS D 496 29.69 40.42 24.46
N ASP D 497 30.07 41.19 23.43
CA ASP D 497 29.16 41.47 22.32
C ASP D 497 29.03 40.30 21.35
N VAL D 498 30.05 39.46 21.26
CA VAL D 498 30.04 38.33 20.34
C VAL D 498 29.54 37.07 21.03
N ILE D 499 29.17 37.21 22.30
CA ILE D 499 28.60 36.11 23.07
C ILE D 499 27.16 36.46 23.48
N LEU D 500 26.26 35.51 23.32
CA LEU D 500 24.85 35.76 23.62
C LEU D 500 24.62 36.06 25.11
N PHE D 501 25.15 35.20 25.99
CA PHE D 501 25.01 35.40 27.43
C PHE D 501 26.34 35.23 28.17
N PRO D 502 27.11 36.32 28.29
CA PRO D 502 28.38 36.44 29.02
C PRO D 502 28.21 36.50 30.53
N THR D 503 28.28 35.35 31.21
CA THR D 503 28.02 35.25 32.62
C THR D 503 28.73 36.32 33.47
N MET D 504 27.97 36.97 34.34
CA MET D 504 28.53 37.81 35.40
C MET D 504 27.47 38.06 36.49
N ARG D 505 27.91 38.47 37.69
CA ARG D 505 27.08 38.58 38.89
C ARG D 505 25.80 39.41 38.77
N PRO D 506 24.75 38.97 39.47
CA PRO D 506 23.41 39.58 39.39
C PRO D 506 23.34 40.96 40.02
#